data_6NIJ
#
_entry.id   6NIJ
#
loop_
_entity.id
_entity.type
_entity.pdbx_description
1 polymer 'PGT145 Fab heavy chain'
2 polymer 'PGT145 Fab light chain'
3 polymer 'AMC011 Glycoprotein 120'
4 polymer 'AMC011 Glycoprotein 41'
5 branched 2-acetamido-2-deoxy-beta-D-glucopyranose-(1-4)-2-acetamido-2-deoxy-beta-D-glucopyranose
6 branched beta-D-mannopyranose-(1-4)-2-acetamido-2-deoxy-beta-D-glucopyranose-(1-4)-2-acetamido-2-deoxy-beta-D-glucopyranose
7 non-polymer 2-acetamido-2-deoxy-beta-D-glucopyranose
#
loop_
_entity_poly.entity_id
_entity_poly.type
_entity_poly.pdbx_seq_one_letter_code
_entity_poly.pdbx_strand_id
1 'polypeptide(L)'
;QVQLVQSGAEVKKPGSSVKVSCKASGNSFSNHDVHWVRQATGQGLEWMGWMSHEGDKTGLAQKFQGRVTITRDSGASTVY
MELRGLTADDTAIYYCLTGSKHRLRDYFLYNEYGPNYEEWGDYLATLDVWGHGTAVTVSS
;
H
2 'polypeptide(L)'
;EVVITQSPLFLPVTPGEAASLSCKCSHSLQHSTGANYLAWYLQRPGQTPRLLIHLATHRASGVPDRFSGSGSGTDFTLKI
SRVESDDVGTYYCMQGLHSPWTFGQGTKVEIKR
;
L
3 'polypeptide(L)'
;AEQLWVTVYYGVPVWKEATTTLFCASDARAYDTEVHNVWATHACVPTDPNPQEVVLENVTENFNMWKNNMVEQMHEDIIS
LWDQSLKPCVKLTPLCVTLNCTDLRNATNTNATNTTSSSRGTMEGGEIKNCSFNITTSMRDKVQKEYALFYKLDVVPIKN
DNTSYRLISCNTSVITQACPKVSFEPIPIHYCAPAGFAILKCNDKKFNGTGPCTNVSTVQCTHGIRPVVSTQLLLNGSLA
EEEVVIRSANFTDNAKIIIVQLNKSVEINCTRPNNNTRKSIHIGPGRAFYTTGEIIGDIRQAHCNISGTKWNDTLKQIVV
KLKEQFGNKTIVFNHSSGGDPEIVMHSFNCGGEFFYCNSTQLFNSTWNDTTGSNYTGTIVLPCRIKQIVNMWQEVGKAMY
APPIKGQIRCSSNITGLILIRDGGKNRSENTEIFRPGGGDMRDNWRSELYKYKVVKIEPLGIAPTKAKRRVVQ
;
A,C,E
4 'polypeptide(L)'
;AVGIGAVFLGFLGAAGSTMGAASMTLTVQARLLLSGIVQQQNNLLRAIEAQQHLLQLTVWGIKQLQARVLAVERYLKDQQ
LLGIWGCSGKLICTTAVPWNTSWSNKSYNQIWNNMTWMEWEREIDNYTSLIYTLIEDSQNQQEKNEQELLELDKWASLWN
WFDITKWLWYIKIFIMIVGGLIGLRIVFTVLSIVNRIRQGYSPLSFQTPLPTPRGPDRPEGIEEEGGERDRDRSDRLVTG
FLALIWVDLRSLCLFSYHRLRDLLLIVTRIVELLGRRGWGVLKYWWNLLQYWSQELRNSAVSLLNATAIAVAEGTDRVIE
VSQRAFRAILHVPVRIRQGLERALV
;
B,D,F
#
# COMPACT_ATOMS: atom_id res chain seq x y z
N GLN A 1 64.75 7.86 23.76
CA GLN A 1 64.85 6.48 24.22
C GLN A 1 64.35 6.32 25.64
N VAL A 2 63.40 5.43 25.79
CA VAL A 2 62.86 5.09 27.08
C VAL A 2 63.82 4.23 27.88
N GLN A 3 64.05 4.60 29.12
CA GLN A 3 64.87 3.74 29.95
C GLN A 3 64.02 2.59 30.39
N LEU A 4 64.52 1.41 30.14
CA LEU A 4 63.83 0.22 30.51
C LEU A 4 64.38 -0.27 31.85
N VAL A 5 63.49 -0.34 32.81
CA VAL A 5 63.80 -0.71 34.17
C VAL A 5 63.34 -2.13 34.42
N GLN A 6 64.13 -2.92 35.12
CA GLN A 6 63.79 -4.29 35.46
C GLN A 6 64.30 -4.57 36.88
N SER A 7 63.73 -5.55 37.58
CA SER A 7 64.24 -5.90 38.92
C SER A 7 65.68 -6.36 38.77
N GLY A 8 66.49 -6.18 39.80
CA GLY A 8 67.90 -6.56 39.68
C GLY A 8 68.05 -8.06 39.78
N ALA A 9 69.28 -8.54 39.63
CA ALA A 9 69.48 -9.98 39.65
C ALA A 9 69.24 -10.54 41.03
N GLU A 10 68.63 -11.72 41.08
CA GLU A 10 68.38 -12.38 42.36
C GLU A 10 68.59 -13.89 42.29
N VAL A 11 68.92 -14.48 43.43
CA VAL A 11 69.02 -15.92 43.56
C VAL A 11 68.03 -16.40 44.61
N LYS A 12 67.26 -17.40 44.24
CA LYS A 12 66.25 -17.96 45.12
C LYS A 12 66.52 -19.42 45.43
N LYS A 13 65.89 -19.93 46.48
CA LYS A 13 66.02 -21.35 46.78
C LYS A 13 65.09 -22.11 45.83
N PRO A 14 65.29 -23.42 45.58
CA PRO A 14 64.41 -24.22 44.77
C PRO A 14 62.99 -24.19 45.32
N GLY A 15 62.03 -24.07 44.42
CA GLY A 15 60.61 -24.04 44.74
C GLY A 15 60.13 -22.66 45.19
N SER A 16 60.95 -21.64 44.98
CA SER A 16 60.61 -20.29 45.46
C SER A 16 60.08 -19.32 44.42
N SER A 17 60.18 -18.01 44.74
CA SER A 17 59.61 -16.99 43.86
C SER A 17 60.35 -15.66 43.82
N VAL A 18 60.17 -14.95 42.71
CA VAL A 18 60.74 -13.62 42.50
C VAL A 18 59.77 -12.74 41.73
N LYS A 19 59.80 -11.43 41.95
CA LYS A 19 58.97 -10.54 41.16
C LYS A 19 59.81 -9.57 40.33
N VAL A 20 59.55 -9.54 39.03
CA VAL A 20 60.26 -8.66 38.15
C VAL A 20 59.42 -7.45 37.83
N SER A 21 59.92 -6.29 38.23
CA SER A 21 59.23 -5.03 38.01
C SER A 21 59.75 -4.33 36.78
N CYS A 22 58.92 -4.23 35.76
CA CYS A 22 59.32 -3.60 34.51
C CYS A 22 58.65 -2.26 34.27
N LYS A 23 59.28 -1.22 34.81
CA LYS A 23 58.81 0.15 34.66
C LYS A 23 59.36 0.76 33.39
N ALA A 24 58.49 1.44 32.68
CA ALA A 24 58.95 2.16 31.49
C ALA A 24 59.18 3.60 31.85
N SER A 25 60.39 4.11 31.68
CA SER A 25 60.58 5.50 32.01
C SER A 25 59.69 6.36 31.14
N GLY A 26 59.14 7.40 31.72
CA GLY A 26 58.27 8.32 30.99
C GLY A 26 56.87 7.73 30.92
N ASN A 27 56.70 6.56 31.55
CA ASN A 27 55.50 5.79 31.59
C ASN A 27 55.01 5.43 30.18
N SER A 28 55.94 5.12 29.26
CA SER A 28 55.53 4.80 27.89
C SER A 28 54.64 3.57 27.82
N PHE A 29 54.78 2.66 28.79
CA PHE A 29 53.95 1.46 28.86
C PHE A 29 52.47 1.74 28.74
N SER A 30 52.00 2.92 29.12
CA SER A 30 50.56 3.10 29.03
C SER A 30 50.05 2.97 27.59
N ASN A 31 50.94 3.10 26.59
CA ASN A 31 50.59 2.98 25.19
C ASN A 31 51.18 1.73 24.55
N HIS A 32 51.71 0.81 25.37
CA HIS A 32 52.38 -0.37 24.84
C HIS A 32 52.03 -1.66 25.52
N ASP A 33 52.06 -2.72 24.75
CA ASP A 33 51.81 -4.04 25.26
C ASP A 33 53.01 -4.57 26.01
N VAL A 34 52.77 -5.53 26.88
CA VAL A 34 53.85 -6.21 27.56
C VAL A 34 53.71 -7.70 27.29
N HIS A 35 54.80 -8.32 27.03
CA HIS A 35 54.84 -9.73 26.73
C HIS A 35 56.17 -10.09 27.32
N TRP A 36 56.24 -11.18 28.04
CA TRP A 36 57.49 -11.45 28.71
C TRP A 36 58.09 -12.81 28.49
N VAL A 37 59.43 -12.78 28.36
CA VAL A 37 60.27 -13.94 28.04
C VAL A 37 61.38 -14.29 29.00
N ARG A 38 61.88 -15.48 28.72
CA ARG A 38 63.02 -16.05 29.37
C ARG A 38 64.09 -16.46 28.37
N GLN A 39 65.34 -16.07 28.62
CA GLN A 39 66.46 -16.52 27.82
C GLN A 39 67.52 -17.17 28.69
N ALA A 40 67.52 -18.50 28.74
CA ALA A 40 68.48 -19.21 29.56
C ALA A 40 69.83 -19.02 28.93
N THR A 41 70.90 -18.98 29.73
CA THR A 41 72.20 -18.79 29.13
C THR A 41 72.47 -19.87 28.09
N GLY A 42 72.87 -19.43 26.90
CA GLY A 42 73.20 -20.29 25.78
C GLY A 42 71.99 -20.70 24.95
N GLN A 43 70.81 -20.26 25.35
CA GLN A 43 69.56 -20.61 24.70
C GLN A 43 68.90 -19.45 23.99
N GLY A 44 67.78 -19.75 23.33
CA GLY A 44 66.97 -18.74 22.65
C GLY A 44 65.93 -18.23 23.61
N LEU A 45 64.89 -17.61 23.09
CA LEU A 45 63.87 -17.02 23.96
C LEU A 45 62.57 -17.77 23.92
N GLU A 46 61.86 -17.76 25.04
CA GLU A 46 60.50 -18.29 25.09
C GLU A 46 59.60 -17.31 25.82
N TRP A 47 58.34 -17.19 25.40
CA TRP A 47 57.41 -16.32 26.11
C TRP A 47 56.80 -17.08 27.24
N MET A 48 56.56 -16.43 28.35
CA MET A 48 55.83 -17.10 29.39
C MET A 48 54.38 -16.72 29.20
N GLY A 49 54.17 -15.44 28.80
CA GLY A 49 52.81 -14.90 28.65
C GLY A 49 52.75 -13.42 28.25
N TRP A 50 51.52 -12.97 28.00
CA TRP A 50 51.18 -11.63 27.47
C TRP A 50 50.06 -10.86 28.14
N MET A 51 50.24 -9.53 28.16
CA MET A 51 49.23 -8.59 28.61
C MET A 51 49.25 -7.27 27.84
N SER A 52 48.08 -6.77 27.44
CA SER A 52 48.05 -5.47 26.80
C SER A 52 47.99 -4.40 27.86
N HIS A 53 48.21 -3.15 27.47
CA HIS A 53 48.08 -2.01 28.36
C HIS A 53 46.61 -1.70 28.60
N GLU A 54 45.80 -2.33 27.77
CA GLU A 54 44.36 -2.24 27.74
C GLU A 54 43.73 -3.27 28.71
N GLY A 55 44.57 -4.14 29.31
CA GLY A 55 44.11 -5.15 30.26
C GLY A 55 43.75 -6.54 29.71
N ASP A 56 44.01 -6.76 28.43
CA ASP A 56 43.73 -8.03 27.78
C ASP A 56 44.90 -8.97 28.04
N LYS A 57 44.71 -10.08 28.75
CA LYS A 57 45.87 -10.91 29.07
C LYS A 57 45.64 -12.41 29.02
N THR A 58 46.73 -13.13 28.75
CA THR A 58 46.79 -14.60 28.72
C THR A 58 48.19 -15.14 28.87
N GLY A 59 48.32 -16.36 29.38
CA GLY A 59 49.62 -16.99 29.41
C GLY A 59 49.86 -17.46 27.99
N LEU A 60 51.11 -17.79 27.63
CA LEU A 60 51.35 -18.29 26.28
C LEU A 60 51.96 -19.68 26.27
N ALA A 61 53.04 -19.87 27.00
CA ALA A 61 53.74 -21.14 26.93
C ALA A 61 53.16 -22.10 27.93
N GLN A 62 52.75 -23.24 27.42
CA GLN A 62 52.03 -24.19 28.23
C GLN A 62 52.93 -25.04 29.10
N LYS A 63 53.56 -24.37 30.04
CA LYS A 63 54.47 -24.94 30.99
C LYS A 63 54.52 -23.97 32.16
N PHE A 64 54.02 -22.75 31.89
CA PHE A 64 54.02 -21.73 32.92
C PHE A 64 52.63 -21.51 33.44
N GLN A 65 51.77 -22.44 33.12
CA GLN A 65 50.37 -22.35 33.47
C GLN A 65 50.20 -22.71 34.92
N GLY A 66 50.43 -21.71 35.75
CA GLY A 66 50.44 -21.84 37.20
C GLY A 66 51.81 -21.51 37.79
N ARG A 67 52.76 -21.12 36.94
CA ARG A 67 54.10 -20.77 37.39
C ARG A 67 54.30 -19.26 37.32
N VAL A 68 53.67 -18.62 36.34
CA VAL A 68 53.86 -17.19 36.19
C VAL A 68 52.55 -16.44 36.15
N THR A 69 52.48 -15.40 36.96
CA THR A 69 51.31 -14.55 36.99
C THR A 69 51.73 -13.12 36.66
N ILE A 70 50.99 -12.48 35.77
CA ILE A 70 51.36 -11.14 35.36
C ILE A 70 50.30 -10.12 35.70
N THR A 71 50.74 -9.06 36.39
CA THR A 71 49.88 -7.94 36.78
C THR A 71 50.55 -6.61 36.51
N ARG A 72 49.85 -5.52 36.78
CA ARG A 72 50.45 -4.21 36.54
C ARG A 72 49.96 -3.11 37.47
N ASP A 73 50.82 -2.13 37.59
CA ASP A 73 50.52 -0.88 38.22
C ASP A 73 50.21 0.09 37.11
N SER A 74 48.92 0.39 36.95
CA SER A 74 48.45 1.25 35.88
C SER A 74 48.79 2.71 36.10
N GLY A 75 49.19 3.06 37.34
CA GLY A 75 49.53 4.43 37.70
C GLY A 75 51.00 4.67 37.40
N ALA A 76 51.82 3.72 37.83
CA ALA A 76 53.28 3.77 37.65
C ALA A 76 53.72 3.21 36.32
N SER A 77 52.78 2.76 35.52
CA SER A 77 53.07 2.16 34.22
C SER A 77 54.20 1.15 34.33
N THR A 78 54.02 0.28 35.31
CA THR A 78 54.98 -0.76 35.68
C THR A 78 54.33 -2.13 35.66
N VAL A 79 54.97 -3.07 35.00
CA VAL A 79 54.41 -4.41 34.94
C VAL A 79 55.15 -5.36 35.85
N TYR A 80 54.41 -6.18 36.57
CA TYR A 80 55.04 -7.11 37.48
C TYR A 80 54.89 -8.56 37.06
N MET A 81 56.03 -9.22 36.92
CA MET A 81 56.04 -10.61 36.52
C MET A 81 56.37 -11.43 37.73
N GLU A 82 55.43 -12.19 38.25
CA GLU A 82 55.75 -12.95 39.44
C GLU A 82 55.95 -14.40 39.06
N LEU A 83 57.13 -14.89 39.38
CA LEU A 83 57.55 -16.23 39.03
C LEU A 83 57.52 -17.09 40.25
N ARG A 84 56.90 -18.26 40.17
CA ARG A 84 56.79 -19.14 41.32
C ARG A 84 57.31 -20.54 40.99
N GLY A 85 57.76 -21.26 42.01
CA GLY A 85 58.20 -22.64 41.88
C GLY A 85 59.55 -22.70 41.23
N LEU A 86 60.34 -21.66 41.43
CA LEU A 86 61.62 -21.52 40.79
C LEU A 86 62.55 -22.64 41.13
N THR A 87 63.14 -23.21 40.10
CA THR A 87 64.12 -24.29 40.20
C THR A 87 65.41 -24.02 39.44
N ALA A 88 66.32 -24.97 39.49
CA ALA A 88 67.63 -24.80 38.85
C ALA A 88 67.52 -24.54 37.34
N ASP A 89 66.53 -25.16 36.73
CA ASP A 89 66.32 -25.09 35.30
C ASP A 89 65.68 -23.78 34.86
N ASP A 90 65.32 -22.94 35.83
CA ASP A 90 64.72 -21.67 35.52
C ASP A 90 65.77 -20.56 35.52
N THR A 91 67.06 -20.92 35.62
CA THR A 91 68.04 -19.86 35.56
C THR A 91 68.06 -19.26 34.18
N ALA A 92 67.86 -17.96 34.13
CA ALA A 92 67.79 -17.25 32.88
C ALA A 92 67.79 -15.76 33.04
N ILE A 93 67.99 -15.05 31.93
CA ILE A 93 67.79 -13.62 31.95
C ILE A 93 66.42 -13.35 31.36
N TYR A 94 65.62 -12.63 32.11
CA TYR A 94 64.26 -12.37 31.71
C TYR A 94 64.09 -10.98 31.11
N TYR A 95 63.23 -10.87 30.09
CA TYR A 95 62.99 -9.61 29.36
C TYR A 95 61.52 -9.27 29.12
N CYS A 96 61.19 -8.00 29.24
CA CYS A 96 59.84 -7.49 28.95
C CYS A 96 59.77 -6.95 27.51
N LEU A 97 58.57 -6.98 26.91
CA LEU A 97 58.30 -6.48 25.55
C LEU A 97 58.43 -4.97 25.45
N THR A 98 58.95 -4.53 24.31
CA THR A 98 58.96 -3.14 23.92
C THR A 98 58.24 -3.18 22.59
N GLY A 99 57.78 -2.05 22.08
CA GLY A 99 57.08 -2.13 20.81
C GLY A 99 55.60 -2.40 21.08
N SER A 100 54.85 -2.83 20.07
CA SER A 100 53.40 -2.95 20.22
C SER A 100 52.70 -4.03 19.38
N LYS A 101 51.46 -4.31 19.78
CA LYS A 101 50.53 -5.18 19.07
C LYS A 101 49.35 -4.36 18.56
N HIS A 102 48.75 -4.76 17.44
CA HIS A 102 47.54 -4.08 16.99
C HIS A 102 46.40 -5.07 17.11
N ARG A 103 45.18 -4.58 17.27
CA ARG A 103 44.07 -5.51 17.41
C ARG A 103 43.58 -5.99 16.06
N LEU A 104 44.35 -6.90 15.43
CA LEU A 104 44.02 -7.30 14.08
C LEU A 104 42.89 -8.25 14.06
N ARG A 105 42.04 -8.07 13.05
CA ARG A 105 40.90 -8.92 12.86
C ARG A 105 40.77 -9.31 11.42
N ASP A 106 40.30 -10.52 11.22
CA ASP A 106 40.13 -11.01 9.87
C ASP A 106 39.02 -12.02 9.76
N TYR A 107 37.90 -11.65 10.29
CA TYR A 107 36.69 -12.41 10.22
C TYR A 107 35.67 -11.37 10.50
N PHE A 108 34.90 -11.05 9.50
CA PHE A 108 33.94 -10.01 9.68
C PHE A 108 32.60 -10.61 9.62
N LEU A 109 31.75 -10.18 10.50
CA LEU A 109 30.41 -10.65 10.48
C LEU A 109 29.51 -9.73 11.25
N TYR A 110 28.50 -9.25 10.56
CA TYR A 110 27.51 -8.38 11.17
C TYR A 110 26.12 -8.83 10.88
N ASN A 111 25.23 -8.64 11.83
CA ASN A 111 23.84 -8.96 11.53
C ASN A 111 23.17 -7.70 11.00
N GLU A 112 21.90 -7.79 10.66
CA GLU A 112 21.14 -6.69 10.10
C GLU A 112 21.02 -5.48 11.02
N TYR A 113 21.15 -5.68 12.33
CA TYR A 113 21.05 -4.55 13.24
C TYR A 113 22.43 -4.10 13.72
N GLY A 114 23.45 -4.65 13.07
CA GLY A 114 24.87 -4.39 13.27
C GLY A 114 25.62 -4.95 14.47
N PRO A 115 25.25 -6.09 15.09
CA PRO A 115 26.02 -6.66 16.16
C PRO A 115 27.30 -7.17 15.54
N ASN A 116 28.39 -7.07 16.29
CA ASN A 116 29.74 -7.44 15.86
C ASN A 116 30.22 -8.83 16.32
N TYR A 117 30.41 -9.75 15.37
CA TYR A 117 30.83 -11.13 15.66
C TYR A 117 32.28 -11.36 15.17
N GLU A 118 33.03 -10.27 15.00
CA GLU A 118 34.39 -10.31 14.49
C GLU A 118 35.39 -11.04 15.34
N GLU A 119 36.33 -11.69 14.66
CA GLU A 119 37.42 -12.41 15.31
C GLU A 119 38.64 -11.54 15.25
N TRP A 120 39.14 -11.17 16.42
CA TRP A 120 40.24 -10.23 16.51
C TRP A 120 41.19 -10.49 17.65
N GLY A 121 42.36 -9.86 17.57
CA GLY A 121 43.39 -9.94 18.60
C GLY A 121 44.68 -10.61 18.12
N ASP A 122 44.87 -10.71 16.81
CA ASP A 122 46.10 -11.29 16.26
C ASP A 122 47.09 -10.19 15.92
N TYR A 123 48.29 -10.56 15.42
CA TYR A 123 49.29 -9.61 14.90
C TYR A 123 50.06 -8.63 15.81
N LEU A 124 51.31 -8.98 16.06
CA LEU A 124 52.27 -8.13 16.72
C LEU A 124 52.60 -7.05 15.68
N ALA A 125 52.64 -5.80 16.06
CA ALA A 125 52.92 -4.78 15.07
C ALA A 125 54.42 -4.52 14.94
N THR A 126 55.11 -4.46 16.08
CA THR A 126 56.54 -4.15 16.06
C THR A 126 57.33 -5.14 16.88
N LEU A 127 58.65 -5.09 16.77
CA LEU A 127 59.49 -6.03 17.49
C LEU A 127 60.08 -5.36 18.72
N ASP A 128 60.34 -6.21 19.71
CA ASP A 128 60.79 -5.88 21.06
C ASP A 128 62.23 -5.80 21.50
N VAL A 129 62.99 -4.81 21.12
CA VAL A 129 64.29 -4.82 21.75
C VAL A 129 64.15 -4.18 23.12
N TRP A 130 64.54 -4.93 24.15
CA TRP A 130 64.48 -4.54 25.55
C TRP A 130 65.87 -4.10 25.97
N GLY A 131 66.00 -3.71 27.23
CA GLY A 131 67.25 -3.29 27.80
C GLY A 131 67.93 -4.55 28.32
N HIS A 132 68.77 -4.40 29.32
CA HIS A 132 69.56 -5.53 29.82
C HIS A 132 68.78 -6.79 30.18
N GLY A 133 67.64 -6.62 30.85
CA GLY A 133 66.86 -7.77 31.29
C GLY A 133 67.40 -8.14 32.62
N THR A 134 66.86 -9.16 33.26
CA THR A 134 67.43 -9.47 34.57
C THR A 134 67.60 -10.94 34.86
N ALA A 135 68.74 -11.27 35.43
CA ALA A 135 69.01 -12.65 35.76
C ALA A 135 68.28 -13.11 37.01
N VAL A 136 67.71 -14.27 36.91
CA VAL A 136 67.12 -14.92 38.05
C VAL A 136 67.74 -16.28 38.12
N THR A 137 68.27 -16.64 39.27
CA THR A 137 68.82 -17.98 39.38
C THR A 137 68.34 -18.67 40.64
N VAL A 138 68.73 -19.93 40.74
CA VAL A 138 68.38 -20.77 41.86
C VAL A 138 69.56 -21.50 42.44
N SER A 139 69.69 -21.46 43.76
CA SER A 139 70.78 -22.15 44.42
C SER A 139 70.47 -22.52 45.85
N SER A 140 71.45 -23.14 46.48
CA SER A 140 71.33 -23.57 47.86
C SER A 140 72.70 -23.93 48.45
N VAL B 2 52.39 -25.03 14.49
CA VAL B 2 53.57 -24.49 13.82
C VAL B 2 54.79 -24.65 14.70
N VAL B 3 55.92 -24.90 14.06
CA VAL B 3 57.20 -25.08 14.73
C VAL B 3 58.18 -24.18 14.06
N ILE B 4 59.37 -24.03 14.59
CA ILE B 4 60.35 -23.29 13.82
C ILE B 4 61.76 -23.79 14.04
N THR B 5 62.47 -23.99 12.94
CA THR B 5 63.87 -24.35 12.95
C THR B 5 64.65 -23.47 11.98
N GLN B 6 65.96 -23.41 12.13
CA GLN B 6 66.78 -22.58 11.22
C GLN B 6 68.03 -23.20 10.64
N SER B 7 67.87 -24.10 9.69
CA SER B 7 69.01 -24.76 9.10
C SER B 7 69.94 -23.72 8.45
N PRO B 8 71.26 -23.94 8.51
CA PRO B 8 72.05 -25.02 9.10
C PRO B 8 72.40 -24.86 10.58
N LEU B 9 71.89 -23.83 11.23
CA LEU B 9 72.22 -23.46 12.61
C LEU B 9 73.68 -23.07 12.92
N PHE B 10 74.60 -23.22 11.96
CA PHE B 10 75.96 -22.74 12.09
C PHE B 10 76.64 -22.49 10.76
N LEU B 11 77.09 -21.25 10.57
CA LEU B 11 77.74 -20.80 9.36
C LEU B 11 79.07 -20.11 9.62
N PRO B 12 80.20 -20.81 9.73
CA PRO B 12 81.48 -20.17 9.87
C PRO B 12 81.70 -19.59 8.48
N VAL B 13 82.17 -18.36 8.36
CA VAL B 13 82.40 -17.81 7.02
C VAL B 13 83.76 -17.16 6.86
N THR B 14 84.16 -16.95 5.62
CA THR B 14 85.33 -16.16 5.30
C THR B 14 84.83 -14.73 5.47
N PRO B 15 85.51 -13.83 6.16
CA PRO B 15 84.96 -12.50 6.33
C PRO B 15 84.84 -11.91 4.93
N GLY B 16 83.70 -11.27 4.69
CA GLY B 16 83.38 -10.66 3.41
C GLY B 16 82.49 -11.59 2.56
N GLU B 17 82.38 -12.84 2.99
CA GLU B 17 81.56 -13.87 2.35
C GLU B 17 80.14 -13.65 2.80
N ALA B 18 79.19 -13.99 1.95
CA ALA B 18 77.80 -13.87 2.34
C ALA B 18 77.32 -15.05 3.20
N ALA B 19 76.34 -14.80 4.04
CA ALA B 19 75.67 -15.84 4.82
C ALA B 19 74.30 -16.05 4.23
N SER B 20 73.80 -17.27 4.33
CA SER B 20 72.44 -17.56 3.92
C SER B 20 71.76 -18.33 5.03
N LEU B 21 70.82 -17.66 5.65
CA LEU B 21 70.13 -18.16 6.80
C LEU B 21 68.74 -18.60 6.36
N SER B 22 68.12 -19.51 7.09
CA SER B 22 66.79 -19.93 6.65
C SER B 22 65.88 -20.21 7.79
N CYS B 23 64.59 -20.28 7.48
CA CYS B 23 63.55 -20.61 8.43
C CYS B 23 62.65 -21.69 7.89
N LYS B 24 62.36 -22.68 8.71
CA LYS B 24 61.43 -23.74 8.35
C LYS B 24 60.39 -23.85 9.44
N CYS B 25 59.11 -23.74 9.09
CA CYS B 25 58.10 -23.82 10.15
C CYS B 25 57.07 -24.94 10.02
N SER B 26 57.07 -25.62 8.88
CA SER B 26 56.14 -26.70 8.60
C SER B 26 54.68 -26.31 8.84
N HIS B 27 54.33 -25.11 8.42
CA HIS B 27 53.00 -24.58 8.54
C HIS B 27 52.89 -23.50 7.49
N SER B 28 51.76 -23.35 6.84
CA SER B 28 51.71 -22.28 5.86
C SER B 28 51.40 -20.95 6.50
N LEU B 29 52.38 -20.06 6.53
CA LEU B 29 52.20 -18.77 7.15
C LEU B 29 52.05 -17.63 6.17
N GLN B 30 51.16 -16.74 6.55
CA GLN B 30 50.94 -15.52 5.84
C GLN B 30 50.25 -14.59 6.77
N HIS B 31 50.29 -13.28 6.55
CA HIS B 31 49.38 -12.49 7.32
C HIS B 31 48.07 -12.99 6.77
N SER B 32 47.07 -13.20 7.61
CA SER B 32 45.83 -13.72 7.07
C SER B 32 45.18 -12.74 6.10
N THR B 33 45.57 -11.48 6.26
CA THR B 33 45.10 -10.35 5.50
C THR B 33 45.98 -10.01 4.30
N GLY B 34 47.06 -10.77 4.06
CA GLY B 34 47.93 -10.41 2.94
C GLY B 34 49.26 -11.16 2.83
N ALA B 35 50.34 -10.36 2.86
CA ALA B 35 51.74 -10.76 2.72
C ALA B 35 52.19 -11.56 3.91
N ASN B 36 53.24 -12.35 3.77
CA ASN B 36 53.72 -13.03 4.96
C ASN B 36 54.40 -12.07 5.90
N TYR B 37 54.34 -12.44 7.17
CA TYR B 37 55.02 -11.70 8.19
C TYR B 37 56.41 -12.20 8.29
N LEU B 38 57.34 -11.31 8.08
CA LEU B 38 58.71 -11.66 8.14
C LEU B 38 59.35 -10.77 9.17
N ALA B 39 60.13 -11.37 10.03
CA ALA B 39 60.89 -10.63 11.01
C ALA B 39 62.04 -11.51 11.42
N TRP B 40 63.08 -10.87 11.89
CA TRP B 40 64.26 -11.56 12.31
C TRP B 40 64.93 -10.68 13.35
N TYR B 41 65.68 -11.27 14.23
CA TYR B 41 66.47 -10.51 15.16
C TYR B 41 67.83 -11.16 15.42
N LEU B 42 68.78 -10.34 15.77
CA LEU B 42 70.14 -10.77 16.05
C LEU B 42 70.63 -10.43 17.41
N GLN B 43 71.16 -11.40 18.09
CA GLN B 43 71.74 -11.12 19.38
C GLN B 43 73.23 -11.41 19.34
N ARG B 44 74.04 -10.35 19.29
CA ARG B 44 75.47 -10.49 19.22
C ARG B 44 75.95 -10.80 20.63
N PRO B 45 77.13 -11.40 20.83
CA PRO B 45 77.64 -11.66 22.15
C PRO B 45 77.70 -10.34 22.90
N GLY B 46 77.23 -10.35 24.14
CA GLY B 46 77.25 -9.15 24.97
C GLY B 46 76.06 -8.22 24.70
N GLN B 47 75.17 -8.60 23.79
CA GLN B 47 74.05 -7.75 23.44
C GLN B 47 72.70 -8.39 23.68
N THR B 48 71.73 -7.51 23.83
CA THR B 48 70.32 -7.82 23.87
C THR B 48 70.00 -7.93 22.37
N PRO B 49 68.83 -8.37 21.94
CA PRO B 49 68.45 -8.52 20.55
C PRO B 49 68.54 -7.21 19.76
N ARG B 50 68.79 -7.34 18.48
CA ARG B 50 68.82 -6.24 17.53
C ARG B 50 67.90 -6.64 16.41
N LEU B 51 67.28 -5.69 15.74
CA LEU B 51 66.32 -6.11 14.72
C LEU B 51 66.82 -6.10 13.31
N LEU B 52 66.38 -7.10 12.56
CA LEU B 52 66.65 -7.29 11.16
C LEU B 52 65.31 -7.71 10.54
N ILE B 53 64.36 -6.81 10.50
CA ILE B 53 63.00 -7.27 10.27
C ILE B 53 62.73 -7.78 8.84
N HIS B 54 63.10 -7.01 7.83
CA HIS B 54 62.89 -7.42 6.45
C HIS B 54 61.44 -7.84 6.18
N LEU B 55 60.52 -7.01 6.63
CA LEU B 55 59.10 -7.23 6.49
C LEU B 55 58.67 -6.68 5.18
N ALA B 56 59.18 -7.31 4.13
CA ALA B 56 58.96 -6.99 2.72
C ALA B 56 59.55 -5.63 2.36
N THR B 57 58.98 -4.58 2.94
CA THR B 57 59.42 -3.21 2.75
C THR B 57 59.97 -2.60 4.04
N HIS B 58 59.69 -3.22 5.18
CA HIS B 58 60.09 -2.64 6.45
C HIS B 58 61.31 -3.26 7.14
N ARG B 59 62.22 -2.39 7.52
CA ARG B 59 63.40 -2.76 8.26
C ARG B 59 63.49 -1.82 9.41
N ALA B 60 64.13 -2.25 10.48
CA ALA B 60 64.36 -1.37 11.60
C ALA B 60 65.32 -0.29 11.17
N SER B 61 65.17 0.89 11.73
CA SER B 61 66.10 1.93 11.37
C SER B 61 67.47 1.47 11.79
N GLY B 62 68.47 1.75 10.97
CA GLY B 62 69.84 1.38 11.28
C GLY B 62 70.29 0.08 10.62
N VAL B 63 69.38 -0.69 10.03
CA VAL B 63 69.80 -1.93 9.37
C VAL B 63 70.52 -1.57 8.08
N PRO B 64 71.77 -2.03 7.87
CA PRO B 64 72.58 -1.79 6.70
C PRO B 64 72.14 -2.66 5.55
N ASP B 65 72.61 -2.31 4.36
CA ASP B 65 72.27 -3.01 3.12
C ASP B 65 72.97 -4.35 2.97
N ARG B 66 73.73 -4.72 3.97
CA ARG B 66 74.31 -6.04 4.01
C ARG B 66 73.15 -7.02 4.15
N PHE B 67 72.04 -6.59 4.77
CA PHE B 67 70.96 -7.51 5.05
C PHE B 67 69.71 -7.33 4.17
N SER B 68 69.20 -8.45 3.66
CA SER B 68 67.95 -8.48 2.89
C SER B 68 67.27 -9.86 2.93
N GLY B 69 65.96 -9.92 2.70
CA GLY B 69 65.32 -11.24 2.67
C GLY B 69 63.86 -11.20 2.29
N SER B 70 63.30 -12.41 2.12
CA SER B 70 61.90 -12.62 1.70
C SER B 70 61.44 -14.05 1.93
N GLY B 71 60.12 -14.29 1.77
CA GLY B 71 59.55 -15.63 1.82
C GLY B 71 58.06 -15.66 2.19
N SER B 72 57.50 -16.87 2.25
CA SER B 72 56.08 -17.12 2.52
C SER B 72 55.79 -18.60 2.81
N GLY B 73 54.59 -18.90 3.30
CA GLY B 73 54.22 -20.30 3.42
C GLY B 73 55.04 -21.01 4.47
N THR B 74 55.70 -22.09 4.10
CA THR B 74 56.46 -22.86 5.05
C THR B 74 57.88 -22.38 5.31
N ASP B 75 58.38 -21.42 4.52
CA ASP B 75 59.73 -20.97 4.82
C ASP B 75 60.10 -19.58 4.33
N PHE B 76 61.27 -19.15 4.78
CA PHE B 76 61.82 -17.90 4.27
C PHE B 76 63.30 -17.85 4.50
N THR B 77 63.97 -16.91 3.83
CA THR B 77 65.40 -16.73 4.05
C THR B 77 65.84 -15.30 4.29
N LEU B 78 67.04 -15.21 4.87
CA LEU B 78 67.77 -13.97 5.10
C LEU B 78 69.19 -14.07 4.57
N LYS B 79 69.56 -13.16 3.71
CA LYS B 79 70.89 -13.16 3.19
C LYS B 79 71.67 -12.01 3.77
N ILE B 80 72.92 -12.30 4.14
CA ILE B 80 73.76 -11.25 4.63
C ILE B 80 74.94 -11.15 3.69
N SER B 81 75.11 -10.06 2.99
CA SER B 81 76.24 -9.93 2.09
C SER B 81 77.40 -9.43 2.89
N ARG B 82 78.63 -9.69 2.47
CA ARG B 82 79.75 -9.08 3.14
C ARG B 82 79.74 -9.27 4.65
N VAL B 83 79.63 -10.50 5.13
CA VAL B 83 79.56 -10.68 6.58
C VAL B 83 80.86 -10.31 7.25
N GLU B 84 80.77 -9.47 8.26
CA GLU B 84 81.98 -9.07 8.98
C GLU B 84 82.01 -9.64 10.38
N SER B 85 83.09 -9.39 11.11
CA SER B 85 83.19 -9.88 12.49
C SER B 85 82.16 -9.16 13.38
N ASP B 86 81.73 -8.01 12.90
CA ASP B 86 80.74 -7.17 13.55
C ASP B 86 79.38 -7.83 13.56
N ASP B 87 79.18 -8.80 12.67
CA ASP B 87 77.91 -9.47 12.51
C ASP B 87 77.89 -10.83 13.20
N VAL B 88 78.94 -11.13 13.97
CA VAL B 88 78.98 -12.42 14.64
C VAL B 88 78.01 -12.47 15.78
N GLY B 89 77.24 -13.55 15.79
CA GLY B 89 76.22 -13.73 16.80
C GLY B 89 75.19 -14.75 16.39
N THR B 90 74.11 -14.82 17.17
CA THR B 90 73.08 -15.78 16.88
C THR B 90 71.87 -15.11 16.24
N TYR B 91 71.53 -15.61 15.09
CA TYR B 91 70.46 -15.12 14.26
C TYR B 91 69.17 -15.86 14.46
N TYR B 92 68.14 -15.15 14.84
CA TYR B 92 66.88 -15.80 15.10
C TYR B 92 65.80 -15.35 14.17
N CYS B 93 65.11 -16.32 13.66
CA CYS B 93 64.03 -16.14 12.73
C CYS B 93 62.70 -16.05 13.43
N MET B 94 61.93 -15.03 13.17
CA MET B 94 60.66 -14.91 13.84
C MET B 94 59.54 -15.66 13.12
N GLN B 95 58.60 -16.19 13.90
CA GLN B 95 57.43 -16.88 13.41
C GLN B 95 56.36 -15.93 12.90
N GLY B 96 55.26 -16.50 12.40
CA GLY B 96 54.16 -15.70 11.88
C GLY B 96 53.43 -15.20 13.09
N LEU B 97 52.35 -14.45 12.91
CA LEU B 97 51.65 -13.86 14.04
C LEU B 97 50.21 -14.31 14.31
N HIS B 98 49.82 -15.45 13.77
CA HIS B 98 48.44 -15.92 13.92
C HIS B 98 48.27 -17.32 14.51
N SER B 99 49.29 -17.85 15.17
CA SER B 99 49.19 -19.19 15.74
C SER B 99 49.20 -19.32 17.29
N PRO B 100 49.53 -18.29 18.10
CA PRO B 100 49.98 -16.92 17.91
C PRO B 100 51.41 -16.92 17.40
N TRP B 101 52.37 -16.67 18.28
CA TRP B 101 53.75 -16.68 17.87
C TRP B 101 54.72 -16.87 19.00
N THR B 102 55.92 -17.36 18.69
CA THR B 102 56.94 -17.40 19.73
C THR B 102 58.22 -16.70 19.31
N PHE B 103 59.23 -17.50 18.93
CA PHE B 103 60.58 -17.04 18.59
C PHE B 103 61.31 -17.97 17.67
N GLY B 104 62.55 -17.62 17.31
CA GLY B 104 63.33 -18.47 16.41
C GLY B 104 64.13 -19.54 17.13
N GLN B 105 64.94 -20.28 16.36
CA GLN B 105 65.76 -21.34 16.92
C GLN B 105 67.14 -20.83 17.28
N GLY B 106 67.69 -20.00 16.41
CA GLY B 106 69.02 -19.43 16.57
C GLY B 106 70.13 -20.06 15.73
N THR B 107 70.61 -19.30 14.76
CA THR B 107 71.68 -19.73 13.87
C THR B 107 72.93 -18.96 14.11
N LYS B 108 73.99 -19.64 14.43
CA LYS B 108 75.22 -18.94 14.69
C LYS B 108 76.02 -18.64 13.43
N VAL B 109 76.44 -17.40 13.31
CA VAL B 109 77.29 -17.00 12.21
C VAL B 109 78.57 -16.54 12.85
N GLU B 110 79.68 -17.10 12.38
CA GLU B 110 81.01 -16.87 12.95
C GLU B 110 82.06 -16.71 11.87
N ILE B 111 83.18 -16.08 12.19
CA ILE B 111 84.22 -15.98 11.19
C ILE B 111 85.18 -17.17 11.36
N LYS B 112 85.41 -17.88 10.27
CA LYS B 112 86.22 -19.07 10.25
C LYS B 112 87.67 -18.85 10.69
N ARG B 113 88.11 -19.71 11.60
CA ARG B 113 89.45 -19.73 12.16
C ARG B 113 90.28 -20.81 11.49
N ALA C 1 -55.91 38.54 -8.75
CA ALA C 1 -54.53 38.07 -8.77
C ALA C 1 -54.41 36.76 -9.51
N GLU C 2 -53.46 36.70 -10.44
CA GLU C 2 -53.20 35.48 -11.17
C GLU C 2 -52.64 34.51 -10.17
N GLN C 3 -52.98 33.25 -10.29
CA GLN C 3 -52.47 32.26 -9.36
C GLN C 3 -51.22 31.63 -9.90
N LEU C 4 -50.40 31.11 -8.99
CA LEU C 4 -49.08 30.61 -9.33
C LEU C 4 -48.79 29.12 -9.41
N TRP C 5 -47.62 28.87 -10.02
CA TRP C 5 -46.98 27.57 -10.21
C TRP C 5 -45.46 27.75 -10.20
N VAL C 6 -44.72 26.65 -10.06
CA VAL C 6 -43.27 26.72 -9.98
C VAL C 6 -42.51 25.85 -10.99
N THR C 7 -41.37 26.40 -11.47
CA THR C 7 -40.36 25.75 -12.35
C THR C 7 -40.03 26.47 -13.64
N VAL C 8 -38.73 26.50 -13.88
CA VAL C 8 -38.11 27.04 -15.07
C VAL C 8 -37.10 26.01 -15.55
N TYR C 9 -36.56 26.13 -16.74
CA TYR C 9 -35.54 25.17 -17.10
C TYR C 9 -34.30 25.48 -16.32
N TYR C 10 -33.62 24.46 -15.87
CA TYR C 10 -32.40 24.65 -15.13
C TYR C 10 -31.28 25.15 -16.01
N GLY C 11 -30.14 25.40 -15.40
CA GLY C 11 -29.03 25.95 -16.16
C GLY C 11 -28.96 27.43 -15.87
N VAL C 12 -29.77 27.83 -14.92
CA VAL C 12 -29.84 29.17 -14.44
C VAL C 12 -28.50 29.38 -13.76
N PRO C 13 -27.86 30.53 -13.88
CA PRO C 13 -26.54 30.84 -13.37
C PRO C 13 -26.47 30.99 -11.88
N VAL C 14 -26.71 29.89 -11.20
CA VAL C 14 -26.67 29.83 -9.76
C VAL C 14 -25.63 28.82 -9.30
N TRP C 15 -24.72 29.28 -8.46
CA TRP C 15 -23.66 28.43 -7.97
C TRP C 15 -23.27 28.72 -6.55
N LYS C 16 -22.58 27.73 -5.99
CA LYS C 16 -22.09 27.73 -4.62
C LYS C 16 -20.60 27.45 -4.56
N GLU C 17 -19.94 27.83 -3.49
CA GLU C 17 -18.53 27.47 -3.41
C GLU C 17 -18.40 25.95 -3.45
N ALA C 18 -17.44 25.47 -4.23
CA ALA C 18 -17.19 24.06 -4.41
C ALA C 18 -16.39 23.40 -3.30
N THR C 19 -16.53 22.08 -3.19
CA THR C 19 -15.63 21.33 -2.35
C THR C 19 -14.41 21.32 -3.23
N THR C 20 -13.23 20.98 -2.72
CA THR C 20 -12.09 21.04 -3.64
C THR C 20 -11.47 19.70 -3.95
N THR C 21 -11.36 19.47 -5.23
CA THR C 21 -10.72 18.33 -5.82
C THR C 21 -10.24 18.88 -7.13
N LEU C 22 -9.17 18.33 -7.65
CA LEU C 22 -8.64 18.85 -8.89
C LEU C 22 -8.60 17.73 -9.91
N PHE C 23 -9.18 17.96 -11.09
CA PHE C 23 -9.17 16.92 -12.07
C PHE C 23 -7.99 17.15 -13.00
N CYS C 24 -7.03 16.27 -12.95
CA CYS C 24 -5.81 16.43 -13.74
C CYS C 24 -6.08 16.34 -15.23
N ALA C 25 -5.64 17.35 -15.97
CA ALA C 25 -5.76 17.38 -17.40
C ALA C 25 -4.36 17.52 -18.05
N SER C 26 -4.00 16.51 -18.83
CA SER C 26 -2.67 16.44 -19.40
C SER C 26 -2.48 17.25 -20.69
N ASP C 27 -1.20 17.39 -21.05
CA ASP C 27 -0.74 18.12 -22.21
C ASP C 27 -0.62 17.27 -23.46
N ALA C 28 -0.97 16.00 -23.34
CA ALA C 28 -0.84 15.04 -24.42
C ALA C 28 0.61 14.95 -24.96
N ARG C 29 1.61 15.02 -24.07
CA ARG C 29 3.00 14.85 -24.47
C ARG C 29 3.65 13.99 -23.41
N ALA C 30 3.06 14.04 -22.21
CA ALA C 30 3.61 13.38 -21.02
C ALA C 30 3.82 11.87 -21.22
N TYR C 31 3.00 11.27 -22.07
CA TYR C 31 3.07 9.84 -22.31
C TYR C 31 4.32 9.37 -23.05
N ASP C 32 5.11 10.30 -23.58
CA ASP C 32 6.30 9.92 -24.32
C ASP C 32 7.56 9.81 -23.47
N THR C 33 7.49 9.92 -22.14
CA THR C 33 8.76 9.80 -21.40
C THR C 33 8.83 8.75 -20.29
N GLU C 34 10.04 8.68 -19.73
CA GLU C 34 10.44 7.76 -18.68
C GLU C 34 10.75 8.38 -17.33
N VAL C 35 10.15 9.52 -16.99
CA VAL C 35 10.42 10.13 -15.69
C VAL C 35 9.19 10.54 -14.89
N HIS C 36 9.43 10.71 -13.59
CA HIS C 36 8.47 11.08 -12.58
C HIS C 36 8.02 12.51 -12.70
N ASN C 37 6.80 12.76 -12.22
CA ASN C 37 6.11 14.04 -12.27
C ASN C 37 5.49 14.14 -13.63
N VAL C 38 6.29 13.93 -14.66
CA VAL C 38 5.74 13.88 -16.00
C VAL C 38 4.87 12.60 -16.04
N TRP C 39 5.34 11.51 -15.45
CA TRP C 39 4.53 10.29 -15.35
C TRP C 39 3.18 10.50 -14.68
N ALA C 40 3.05 11.52 -13.81
CA ALA C 40 1.78 11.75 -13.14
C ALA C 40 0.84 12.47 -14.10
N THR C 41 1.40 13.00 -15.18
CA THR C 41 0.69 13.71 -16.21
C THR C 41 0.45 12.69 -17.33
N HIS C 42 1.22 11.61 -17.31
CA HIS C 42 0.98 10.50 -18.21
C HIS C 42 -0.30 9.86 -17.68
N ALA C 43 -0.32 9.60 -16.36
CA ALA C 43 -1.49 9.03 -15.70
C ALA C 43 -2.50 10.15 -15.36
N CYS C 44 -2.99 10.78 -16.41
CA CYS C 44 -3.86 11.94 -16.34
C CYS C 44 -4.71 12.00 -17.63
N VAL C 45 -5.60 12.98 -17.78
CA VAL C 45 -6.44 13.01 -18.98
C VAL C 45 -6.12 14.11 -19.96
N PRO C 46 -5.71 13.87 -21.19
CA PRO C 46 -5.36 14.91 -22.13
C PRO C 46 -6.58 15.74 -22.40
N THR C 47 -6.43 17.05 -22.45
CA THR C 47 -7.60 17.89 -22.72
C THR C 47 -7.65 18.58 -24.07
N ASP C 48 -8.77 19.29 -24.26
CA ASP C 48 -9.13 20.01 -25.46
C ASP C 48 -8.19 21.19 -25.72
N PRO C 49 -7.56 21.30 -26.90
CA PRO C 49 -6.61 22.34 -27.26
C PRO C 49 -7.22 23.76 -27.33
N ASN C 50 -8.55 23.87 -27.39
CA ASN C 50 -9.20 25.17 -27.45
C ASN C 50 -10.38 25.28 -26.48
N PRO C 51 -10.14 25.39 -25.17
CA PRO C 51 -11.12 25.41 -24.11
C PRO C 51 -12.05 26.60 -24.22
N GLN C 52 -13.27 26.42 -23.75
CA GLN C 52 -14.29 27.44 -23.69
C GLN C 52 -14.06 28.42 -22.55
N GLU C 53 -14.14 29.71 -22.86
CA GLU C 53 -14.02 30.75 -21.84
C GLU C 53 -15.14 31.76 -22.05
N VAL C 54 -16.03 31.90 -21.08
CA VAL C 54 -17.19 32.77 -21.27
C VAL C 54 -17.36 33.86 -20.24
N VAL C 55 -17.42 35.09 -20.71
CA VAL C 55 -17.55 36.25 -19.83
C VAL C 55 -18.93 36.27 -19.17
N LEU C 56 -18.95 36.51 -17.84
CA LEU C 56 -20.21 36.49 -17.07
C LEU C 56 -21.02 37.78 -17.25
N GLU C 57 -20.39 38.74 -17.89
CA GLU C 57 -20.88 40.08 -18.22
C GLU C 57 -21.07 40.98 -17.02
N ASN C 58 -22.30 41.39 -16.72
CA ASN C 58 -22.53 42.31 -15.61
C ASN C 58 -22.55 41.62 -14.26
N VAL C 59 -21.42 41.02 -13.93
CA VAL C 59 -21.28 40.23 -12.73
C VAL C 59 -19.99 40.45 -12.02
N THR C 60 -20.03 40.48 -10.70
CA THR C 60 -18.78 40.48 -10.00
C THR C 60 -18.74 39.21 -9.17
N GLU C 61 -17.53 38.77 -8.85
CA GLU C 61 -17.35 37.59 -8.02
C GLU C 61 -16.18 37.77 -7.08
N ASN C 62 -16.28 37.22 -5.89
CA ASN C 62 -15.24 37.39 -4.88
C ASN C 62 -14.10 36.41 -4.95
N PHE C 63 -12.92 36.95 -5.20
CA PHE C 63 -11.70 36.18 -5.31
C PHE C 63 -10.81 36.62 -4.16
N ASN C 64 -10.01 35.68 -3.67
CA ASN C 64 -9.10 35.96 -2.56
C ASN C 64 -7.74 35.33 -2.79
N MET C 65 -6.76 36.16 -3.05
CA MET C 65 -5.42 35.74 -3.39
C MET C 65 -4.73 34.98 -2.29
N TRP C 66 -5.16 35.16 -1.06
CA TRP C 66 -4.56 34.49 0.06
C TRP C 66 -5.46 33.43 0.65
N LYS C 67 -6.49 32.99 -0.09
CA LYS C 67 -7.40 32.03 0.52
C LYS C 67 -7.84 30.81 -0.28
N ASN C 68 -8.25 29.84 0.52
CA ASN C 68 -8.98 28.60 0.24
C ASN C 68 -8.58 27.53 -0.78
N ASN C 69 -8.04 26.45 -0.23
CA ASN C 69 -8.04 25.09 -0.76
C ASN C 69 -7.32 24.72 -2.05
N MET C 70 -7.44 25.51 -3.09
CA MET C 70 -6.94 25.00 -4.37
C MET C 70 -5.45 24.70 -4.35
N VAL C 71 -4.66 25.57 -3.73
CA VAL C 71 -3.24 25.34 -3.72
C VAL C 71 -2.89 24.30 -2.67
N GLU C 72 -3.65 24.27 -1.58
CA GLU C 72 -3.42 23.35 -0.50
C GLU C 72 -3.63 21.93 -1.00
N GLN C 73 -4.61 21.74 -1.87
CA GLN C 73 -4.78 20.42 -2.42
C GLN C 73 -3.64 20.09 -3.35
N MET C 74 -3.15 21.07 -4.12
CA MET C 74 -2.01 20.77 -4.96
C MET C 74 -0.81 20.41 -4.11
N HIS C 75 -0.67 21.09 -2.98
CA HIS C 75 0.43 20.85 -2.07
C HIS C 75 0.42 19.39 -1.67
N GLU C 76 -0.72 18.92 -1.19
CA GLU C 76 -0.81 17.55 -0.76
C GLU C 76 -0.64 16.56 -1.89
N ASP C 77 -1.17 16.87 -3.09
CA ASP C 77 -1.04 15.92 -4.18
C ASP C 77 0.41 15.76 -4.58
N ILE C 78 1.15 16.86 -4.58
CA ILE C 78 2.55 16.80 -4.93
C ILE C 78 3.32 16.02 -3.91
N ILE C 79 3.02 16.19 -2.64
CA ILE C 79 3.72 15.42 -1.64
C ILE C 79 3.40 13.96 -1.81
N SER C 80 2.13 13.62 -2.02
CA SER C 80 1.81 12.22 -2.19
C SER C 80 2.53 11.64 -3.40
N LEU C 81 2.62 12.39 -4.50
CA LEU C 81 3.32 11.90 -5.67
C LEU C 81 4.81 11.74 -5.38
N TRP C 82 5.37 12.68 -4.62
CA TRP C 82 6.76 12.66 -4.20
C TRP C 82 7.04 11.39 -3.41
N ASP C 83 6.17 11.09 -2.46
CA ASP C 83 6.36 9.91 -1.64
C ASP C 83 6.18 8.65 -2.46
N GLN C 84 5.25 8.65 -3.42
CA GLN C 84 5.09 7.45 -4.23
C GLN C 84 6.36 7.22 -5.02
N SER C 85 6.98 8.30 -5.48
CA SER C 85 8.20 8.24 -6.23
C SER C 85 9.35 7.66 -5.45
N LEU C 86 9.51 8.12 -4.21
CA LEU C 86 10.62 7.67 -3.39
C LEU C 86 10.37 6.40 -2.60
N LYS C 87 9.13 6.03 -2.37
CA LYS C 87 8.90 4.82 -1.60
C LYS C 87 9.72 3.60 -2.06
N PRO C 88 9.87 3.30 -3.37
CA PRO C 88 10.67 2.21 -3.93
C PRO C 88 12.19 2.37 -3.84
N CYS C 89 12.66 3.57 -3.47
CA CYS C 89 14.08 3.88 -3.46
C CYS C 89 14.71 3.45 -2.14
N VAL C 90 16.00 3.15 -2.16
CA VAL C 90 16.73 2.61 -1.00
C VAL C 90 17.03 3.62 0.13
N LYS C 91 16.97 3.15 1.39
CA LYS C 91 17.31 3.98 2.55
C LYS C 91 18.75 3.84 3.07
N LEU C 92 19.39 2.70 2.81
CA LEU C 92 20.76 2.44 3.24
C LEU C 92 21.13 2.91 4.64
N THR C 93 20.58 2.32 5.68
CA THR C 93 20.98 2.73 7.02
C THR C 93 22.53 2.81 7.16
N PRO C 94 23.33 1.83 6.65
CA PRO C 94 24.78 1.80 6.70
C PRO C 94 25.46 2.98 6.01
N LEU C 95 24.74 3.77 5.23
CA LEU C 95 25.37 4.91 4.57
C LEU C 95 25.85 5.94 5.59
N CYS C 96 25.30 5.90 6.82
CA CYS C 96 25.67 6.85 7.86
C CYS C 96 27.13 6.77 8.28
N VAL C 97 27.78 5.64 8.04
CA VAL C 97 29.14 5.38 8.53
C VAL C 97 30.14 6.46 8.16
N THR C 98 31.00 6.75 9.12
CA THR C 98 32.02 7.76 8.98
C THR C 98 33.11 7.41 7.96
N LEU C 99 33.38 8.30 7.02
CA LEU C 99 34.40 8.12 5.98
C LEU C 99 35.63 9.00 6.18
N ASN C 100 36.77 8.53 5.70
CA ASN C 100 38.01 9.30 5.73
C ASN C 100 38.07 10.15 4.48
N CYS C 101 37.96 11.47 4.64
CA CYS C 101 37.84 12.37 3.50
C CYS C 101 39.01 13.32 3.33
N THR C 102 39.50 13.40 2.09
CA THR C 102 40.58 14.32 1.74
C THR C 102 40.15 15.16 0.55
N ASP C 103 40.82 16.25 0.26
CA ASP C 103 40.35 17.09 -0.85
C ASP C 103 40.34 16.41 -2.22
N LEU C 104 39.39 16.85 -3.05
CA LEU C 104 39.26 16.39 -4.42
C LEU C 104 40.48 16.64 -5.30
N ARG C 105 40.92 15.55 -5.92
CA ARG C 105 42.03 15.46 -6.82
C ARG C 105 41.71 15.90 -8.24
N ASN C 106 42.73 16.35 -8.96
CA ASN C 106 42.63 16.65 -10.38
C ASN C 106 44.03 16.53 -10.98
N ALA C 107 44.12 16.76 -12.28
CA ALA C 107 45.38 16.75 -12.99
C ALA C 107 46.15 18.01 -12.63
N THR C 108 47.46 17.93 -12.69
CA THR C 108 48.33 19.06 -12.42
C THR C 108 48.74 19.75 -13.70
N ASN C 109 48.23 19.23 -14.81
CA ASN C 109 48.53 19.73 -16.13
C ASN C 109 48.46 21.25 -16.17
N GLU C 124 39.26 28.70 -4.76
CA GLU C 124 38.19 27.93 -4.13
C GLU C 124 38.81 26.98 -3.10
N GLY C 125 38.03 26.60 -2.10
CA GLY C 125 38.53 25.70 -1.06
C GLY C 125 38.19 24.24 -1.30
N GLY C 126 38.50 23.40 -0.32
CA GLY C 126 38.28 21.95 -0.38
C GLY C 126 36.82 21.56 -0.09
N GLU C 127 35.93 22.05 -0.94
CA GLU C 127 34.48 21.83 -0.80
C GLU C 127 34.09 20.41 -1.15
N ILE C 128 34.81 19.80 -2.09
CA ILE C 128 34.51 18.45 -2.51
C ILE C 128 35.68 17.59 -2.11
N LYS C 129 35.37 16.48 -1.45
CA LYS C 129 36.36 15.55 -0.95
C LYS C 129 36.19 14.11 -1.44
N ASN C 130 37.32 13.43 -1.47
CA ASN C 130 37.50 12.01 -1.76
C ASN C 130 37.36 11.23 -0.49
N CYS C 131 36.23 10.55 -0.34
CA CYS C 131 35.99 9.88 0.90
C CYS C 131 35.96 8.37 0.77
N SER C 132 36.47 7.66 1.78
CA SER C 132 36.43 6.19 1.74
C SER C 132 36.22 5.48 3.09
N PHE C 133 35.72 4.23 2.98
CA PHE C 133 35.42 3.36 4.13
C PHE C 133 35.29 1.86 3.83
N ASN C 134 35.54 1.00 4.83
CA ASN C 134 35.34 -0.45 4.69
C ASN C 134 33.94 -0.85 5.17
N ILE C 135 33.03 -1.13 4.22
CA ILE C 135 31.63 -1.34 4.55
C ILE C 135 31.09 -2.74 4.23
N THR C 136 30.35 -3.30 5.16
CA THR C 136 29.75 -4.62 4.96
C THR C 136 28.75 -4.53 3.80
N THR C 137 28.87 -5.47 2.87
CA THR C 137 28.07 -5.54 1.63
C THR C 137 26.90 -6.51 1.69
N SER C 138 26.38 -6.92 0.51
CA SER C 138 25.18 -7.74 0.52
C SER C 138 25.41 -9.06 1.25
N MET C 139 26.65 -9.54 1.28
CA MET C 139 26.95 -10.70 2.07
C MET C 139 27.37 -10.12 3.41
N ARG C 140 26.83 -10.69 4.49
CA ARG C 140 27.04 -10.18 5.83
C ARG C 140 28.43 -10.40 6.43
N ASP C 141 29.22 -11.25 5.79
CA ASP C 141 30.58 -11.46 6.24
C ASP C 141 31.61 -10.87 5.28
N LYS C 142 31.19 -10.02 4.34
CA LYS C 142 32.14 -9.44 3.42
C LYS C 142 32.18 -7.94 3.55
N VAL C 143 33.39 -7.39 3.57
CA VAL C 143 33.58 -5.95 3.69
C VAL C 143 34.27 -5.37 2.46
N GLN C 144 33.62 -4.40 1.84
CA GLN C 144 34.10 -3.79 0.62
C GLN C 144 34.59 -2.36 0.79
N LYS C 145 35.44 -1.91 -0.13
CA LYS C 145 35.86 -0.53 -0.04
C LYS C 145 34.91 0.41 -0.75
N GLU C 146 34.42 1.37 0.02
CA GLU C 146 33.55 2.42 -0.41
C GLU C 146 34.43 3.56 -0.83
N TYR C 147 34.13 4.18 -1.97
CA TYR C 147 34.88 5.35 -2.37
C TYR C 147 33.97 6.24 -3.18
N ALA C 148 33.83 7.50 -2.78
CA ALA C 148 32.94 8.41 -3.51
C ALA C 148 33.26 9.88 -3.24
N LEU C 149 32.79 10.78 -4.13
CA LEU C 149 32.97 12.19 -3.79
C LEU C 149 31.76 12.77 -3.05
N PHE C 150 32.08 13.58 -2.04
CA PHE C 150 31.10 14.26 -1.23
C PHE C 150 31.34 15.73 -1.07
N TYR C 151 30.26 16.46 -0.84
CA TYR C 151 30.32 17.89 -0.60
C TYR C 151 30.32 18.16 0.89
N LYS C 152 31.04 19.20 1.30
CA LYS C 152 31.03 19.56 2.72
C LYS C 152 29.62 19.83 3.25
N LEU C 153 28.77 20.38 2.40
CA LEU C 153 27.42 20.74 2.77
C LEU C 153 26.55 19.53 3.16
N ASP C 154 26.95 18.34 2.71
CA ASP C 154 26.22 17.12 2.98
C ASP C 154 26.81 16.28 4.12
N VAL C 155 27.88 16.76 4.76
CA VAL C 155 28.54 15.94 5.79
C VAL C 155 28.86 16.65 7.11
N VAL C 156 29.08 15.85 8.15
CA VAL C 156 29.48 16.35 9.46
C VAL C 156 30.83 15.81 9.94
N PRO C 157 31.80 16.67 10.28
CA PRO C 157 33.11 16.28 10.71
C PRO C 157 33.01 15.63 12.08
N ILE C 158 33.90 14.70 12.33
CA ILE C 158 33.94 13.99 13.58
C ILE C 158 35.10 14.45 14.45
N LYS C 159 34.75 14.76 15.69
CA LYS C 159 35.71 15.21 16.68
C LYS C 159 36.69 14.10 17.01
N ASN C 160 37.95 14.49 17.20
CA ASN C 160 39.02 13.58 17.61
C ASN C 160 39.16 12.37 16.68
N ASP C 161 38.98 12.59 15.38
CA ASP C 161 39.08 11.51 14.42
C ASP C 161 39.56 12.01 13.06
N ASN C 162 40.64 12.79 13.04
CA ASN C 162 41.23 13.30 11.79
C ASN C 162 40.20 13.97 10.89
N THR C 163 39.27 14.72 11.48
CA THR C 163 38.20 15.38 10.76
C THR C 163 37.56 14.45 9.73
N SER C 164 37.25 13.21 10.13
CA SER C 164 36.56 12.26 9.29
C SER C 164 35.10 12.70 9.24
N TYR C 165 34.31 12.18 8.31
CA TYR C 165 32.92 12.65 8.23
C TYR C 165 31.79 11.64 8.23
N ARG C 166 30.68 12.02 8.89
CA ARG C 166 29.46 11.20 8.91
C ARG C 166 28.37 11.84 8.08
N LEU C 167 27.33 11.07 7.77
CA LEU C 167 26.19 11.64 7.03
C LEU C 167 25.45 12.71 7.85
N ILE C 168 25.27 13.90 7.27
CA ILE C 168 24.64 15.02 7.97
C ILE C 168 23.19 14.82 8.36
N SER C 169 22.47 14.05 7.57
CA SER C 169 21.08 13.80 7.78
C SER C 169 20.83 12.49 8.49
N CYS C 170 21.89 11.85 8.99
CA CYS C 170 21.76 10.53 9.63
C CYS C 170 20.76 10.50 10.77
N ASN C 171 20.59 11.58 11.50
CA ASN C 171 19.65 11.56 12.60
C ASN C 171 18.19 11.31 12.18
N THR C 172 17.84 11.61 10.93
CA THR C 172 16.46 11.47 10.46
C THR C 172 16.29 10.37 9.45
N SER C 173 15.06 10.20 9.00
CA SER C 173 14.76 9.19 8.01
C SER C 173 15.31 9.66 6.68
N VAL C 174 16.18 8.88 6.06
CA VAL C 174 16.75 9.34 4.82
C VAL C 174 16.56 8.33 3.73
N ILE C 175 16.10 8.79 2.59
CA ILE C 175 15.98 7.89 1.45
C ILE C 175 17.21 8.20 0.65
N THR C 176 18.10 7.26 0.57
CA THR C 176 19.41 7.47 0.04
C THR C 176 19.48 7.13 -1.43
N GLN C 177 18.52 7.66 -2.14
CA GLN C 177 18.34 7.50 -3.56
C GLN C 177 17.11 8.28 -4.04
N ALA C 178 17.28 9.16 -5.02
CA ALA C 178 16.11 9.82 -5.60
C ALA C 178 15.54 8.97 -6.70
N CYS C 179 16.38 8.01 -7.08
CA CYS C 179 16.29 7.08 -8.17
C CYS C 179 16.63 7.85 -9.48
N PRO C 180 17.76 7.51 -10.14
CA PRO C 180 18.31 8.18 -11.31
C PRO C 180 17.47 8.03 -12.57
N LYS C 181 16.56 7.08 -12.56
CA LYS C 181 15.70 6.83 -13.69
C LYS C 181 14.30 7.28 -13.37
N VAL C 182 14.15 7.99 -12.27
CA VAL C 182 12.85 8.44 -11.84
C VAL C 182 12.76 9.97 -11.71
N SER C 183 13.62 10.58 -10.92
CA SER C 183 13.44 12.01 -10.62
C SER C 183 13.52 12.95 -11.83
N PHE C 184 12.61 13.93 -11.88
CA PHE C 184 12.57 14.94 -12.94
C PHE C 184 11.75 16.16 -12.57
N GLU C 185 12.05 17.31 -13.18
CA GLU C 185 11.25 18.51 -12.96
C GLU C 185 9.78 18.37 -13.43
N PRO C 186 8.81 18.86 -12.67
CA PRO C 186 7.40 18.95 -13.01
C PRO C 186 7.17 19.82 -14.23
N ILE C 187 6.10 19.52 -14.95
CA ILE C 187 5.66 20.22 -16.14
C ILE C 187 4.26 20.74 -15.88
N PRO C 188 3.74 21.72 -16.63
CA PRO C 188 2.40 22.24 -16.44
C PRO C 188 1.29 21.24 -16.66
N ILE C 189 0.34 21.28 -15.74
CA ILE C 189 -0.87 20.47 -15.75
C ILE C 189 -2.08 21.39 -15.74
N HIS C 190 -3.05 21.11 -16.58
CA HIS C 190 -4.25 21.93 -16.62
C HIS C 190 -5.19 21.31 -15.61
N TYR C 191 -6.03 22.10 -14.95
CA TYR C 191 -6.96 21.41 -14.08
C TYR C 191 -8.35 21.70 -14.43
N CYS C 192 -9.14 20.66 -14.40
CA CYS C 192 -10.54 20.76 -14.72
C CYS C 192 -11.42 20.59 -13.52
N ALA C 193 -12.57 21.20 -13.57
CA ALA C 193 -13.53 20.94 -12.54
C ALA C 193 -14.19 19.62 -12.93
N PRO C 194 -14.62 18.77 -11.99
CA PRO C 194 -15.42 17.59 -12.26
C PRO C 194 -16.74 18.04 -12.81
N ALA C 195 -17.42 17.17 -13.55
CA ALA C 195 -18.73 17.58 -14.02
C ALA C 195 -19.56 17.94 -12.80
N GLY C 196 -20.33 19.01 -12.91
CA GLY C 196 -21.15 19.50 -11.80
C GLY C 196 -20.48 20.71 -11.15
N PHE C 197 -19.25 20.97 -11.54
CA PHE C 197 -18.45 22.08 -11.07
C PHE C 197 -17.88 22.87 -12.25
N ALA C 198 -17.47 24.10 -11.99
CA ALA C 198 -16.83 24.91 -13.04
C ALA C 198 -15.78 25.81 -12.47
N ILE C 199 -14.83 26.22 -13.31
CA ILE C 199 -13.79 27.10 -12.86
C ILE C 199 -14.10 28.50 -13.32
N LEU C 200 -14.02 29.47 -12.45
CA LEU C 200 -14.20 30.85 -12.85
C LEU C 200 -12.84 31.50 -12.78
N LYS C 201 -12.56 32.47 -13.62
CA LYS C 201 -11.31 33.18 -13.46
C LYS C 201 -11.58 34.65 -13.44
N CYS C 202 -10.84 35.33 -12.61
CA CYS C 202 -11.01 36.76 -12.43
C CYS C 202 -10.62 37.59 -13.66
N ASN C 203 -9.57 37.20 -14.37
CA ASN C 203 -9.07 38.08 -15.44
C ASN C 203 -8.77 39.39 -14.71
N ASP C 204 -9.42 40.47 -15.10
CA ASP C 204 -9.28 41.77 -14.45
C ASP C 204 -7.84 42.25 -14.31
N LYS C 205 -7.38 42.92 -15.34
CA LYS C 205 -6.04 43.45 -15.33
C LYS C 205 -5.86 44.30 -14.08
N LYS C 206 -4.77 44.02 -13.36
CA LYS C 206 -4.39 44.65 -12.10
C LYS C 206 -5.37 44.50 -10.92
N PHE C 207 -6.03 43.34 -10.80
CA PHE C 207 -6.90 43.04 -9.65
C PHE C 207 -6.09 43.08 -8.36
N ASN C 208 -6.67 43.69 -7.32
CA ASN C 208 -6.05 43.90 -6.01
C ASN C 208 -5.82 42.67 -5.14
N GLY C 209 -6.43 41.57 -5.49
CA GLY C 209 -6.27 40.32 -4.75
C GLY C 209 -7.41 40.01 -3.77
N THR C 210 -8.28 40.96 -3.49
CA THR C 210 -9.40 40.68 -2.58
C THR C 210 -10.70 41.29 -3.10
N GLY C 211 -11.81 40.74 -2.62
CA GLY C 211 -13.10 41.31 -2.91
C GLY C 211 -13.57 40.95 -4.31
N PRO C 212 -14.66 41.59 -4.77
CA PRO C 212 -15.29 41.37 -6.04
C PRO C 212 -14.37 41.69 -7.20
N CYS C 213 -14.39 40.83 -8.18
CA CYS C 213 -13.69 40.90 -9.43
C CYS C 213 -14.68 41.25 -10.49
N THR C 214 -14.40 42.24 -11.30
CA THR C 214 -15.38 42.70 -12.28
C THR C 214 -15.26 42.16 -13.71
N ASN C 215 -14.16 41.50 -14.07
CA ASN C 215 -13.97 40.99 -15.43
C ASN C 215 -13.96 39.48 -15.52
N VAL C 216 -14.59 38.85 -14.55
CA VAL C 216 -14.72 37.41 -14.42
C VAL C 216 -15.43 36.66 -15.57
N SER C 217 -14.84 35.50 -15.93
CA SER C 217 -15.33 34.58 -16.96
C SER C 217 -15.35 33.12 -16.47
N THR C 218 -16.20 32.29 -17.08
CA THR C 218 -16.32 30.87 -16.79
C THR C 218 -15.27 30.11 -17.59
N VAL C 219 -14.59 29.21 -16.93
CA VAL C 219 -13.49 28.44 -17.49
C VAL C 219 -13.64 26.92 -17.59
N GLN C 220 -13.47 26.44 -18.83
CA GLN C 220 -13.46 25.02 -19.11
C GLN C 220 -12.04 24.49 -18.98
N CYS C 221 -11.60 24.42 -17.73
CA CYS C 221 -10.26 24.00 -17.27
C CYS C 221 -9.24 25.15 -17.23
N THR C 222 -8.27 25.07 -16.32
CA THR C 222 -7.26 26.12 -16.14
C THR C 222 -6.20 26.01 -17.19
N HIS C 223 -5.36 27.04 -17.27
CA HIS C 223 -4.20 26.97 -18.15
C HIS C 223 -3.26 25.99 -17.50
N GLY C 224 -2.18 25.62 -18.16
CA GLY C 224 -1.34 24.68 -17.49
C GLY C 224 -0.56 25.38 -16.41
N ILE C 225 -0.55 24.82 -15.22
CA ILE C 225 0.18 25.36 -14.10
C ILE C 225 1.28 24.41 -13.75
N ARG C 226 2.52 24.89 -13.77
CA ARG C 226 3.69 24.05 -13.52
C ARG C 226 4.13 24.09 -12.07
N PRO C 227 3.97 23.01 -11.30
CA PRO C 227 4.28 22.94 -9.89
C PRO C 227 5.75 22.70 -9.69
N VAL C 228 6.57 23.65 -10.12
CA VAL C 228 8.01 23.47 -10.10
C VAL C 228 8.61 24.17 -8.90
N VAL C 229 9.79 23.71 -8.54
CA VAL C 229 10.49 24.17 -7.35
C VAL C 229 11.64 25.10 -7.54
N SER C 230 11.60 26.11 -6.70
CA SER C 230 12.59 27.12 -6.49
C SER C 230 12.38 27.56 -5.06
N THR C 231 13.40 28.15 -4.48
CA THR C 231 13.25 28.69 -3.15
C THR C 231 13.25 30.17 -3.28
N GLN C 232 12.25 30.79 -2.71
CA GLN C 232 12.06 32.23 -2.70
C GLN C 232 11.74 32.87 -4.05
N LEU C 233 12.59 32.69 -5.06
CA LEU C 233 12.41 33.33 -6.37
C LEU C 233 11.57 32.55 -7.35
N LEU C 234 10.47 33.14 -7.82
CA LEU C 234 9.59 32.42 -8.74
C LEU C 234 10.10 32.30 -10.16
N LEU C 235 10.19 31.05 -10.61
CA LEU C 235 10.67 30.73 -11.93
C LEU C 235 9.60 30.03 -12.76
N ASN C 236 9.70 30.16 -14.08
CA ASN C 236 8.88 29.44 -15.06
C ASN C 236 7.37 29.66 -14.95
N GLY C 237 6.94 30.83 -14.53
CA GLY C 237 5.52 31.13 -14.42
C GLY C 237 5.07 32.15 -15.46
N SER C 238 4.11 32.96 -15.06
CA SER C 238 3.51 33.98 -15.93
C SER C 238 3.87 35.40 -15.51
N LEU C 239 3.78 36.32 -16.46
CA LEU C 239 4.05 37.73 -16.21
C LEU C 239 2.81 38.58 -16.07
N ALA C 240 3.00 39.70 -15.38
CA ALA C 240 2.00 40.74 -15.18
C ALA C 240 1.73 41.38 -16.52
N GLU C 241 0.52 41.87 -16.73
CA GLU C 241 0.13 42.43 -18.02
C GLU C 241 0.88 43.68 -18.46
N GLU C 242 1.13 44.58 -17.51
CA GLU C 242 1.76 45.86 -17.84
C GLU C 242 2.87 46.24 -16.90
N GLU C 243 2.56 46.21 -15.61
CA GLU C 243 3.43 46.67 -14.53
C GLU C 243 3.58 45.61 -13.49
N VAL C 244 4.65 45.70 -12.71
CA VAL C 244 4.85 44.73 -11.65
C VAL C 244 3.67 44.77 -10.69
N VAL C 245 3.24 43.60 -10.27
CA VAL C 245 2.11 43.50 -9.37
C VAL C 245 2.52 43.13 -7.98
N ILE C 246 2.30 44.06 -7.06
CA ILE C 246 2.75 43.93 -5.68
C ILE C 246 1.57 43.64 -4.75
N ARG C 247 1.54 42.43 -4.20
CA ARG C 247 0.37 41.99 -3.44
C ARG C 247 0.56 41.30 -2.09
N SER C 248 -0.27 41.74 -1.14
CA SER C 248 -0.39 41.21 0.22
C SER C 248 -1.80 41.36 0.71
N ALA C 249 -2.20 40.46 1.59
CA ALA C 249 -3.51 40.51 2.19
C ALA C 249 -3.69 41.85 2.90
N ASN C 250 -2.58 42.34 3.44
CA ASN C 250 -2.50 43.62 4.12
C ASN C 250 -1.04 44.03 4.07
N PHE C 251 -0.68 44.93 3.18
CA PHE C 251 0.72 45.25 3.01
C PHE C 251 1.30 46.06 4.16
N THR C 252 0.44 46.59 5.04
CA THR C 252 0.91 47.37 6.15
C THR C 252 0.88 46.54 7.42
N ASP C 253 0.50 45.28 7.27
CA ASP C 253 0.47 44.34 8.36
C ASP C 253 1.77 43.62 8.33
N ASN C 254 2.64 43.86 9.29
CA ASN C 254 3.96 43.28 9.21
C ASN C 254 3.97 41.78 9.49
N ALA C 255 2.81 41.23 9.85
CA ALA C 255 2.66 39.80 10.03
C ALA C 255 2.46 39.10 8.67
N LYS C 256 2.23 39.89 7.62
CA LYS C 256 1.99 39.40 6.27
C LYS C 256 3.23 39.62 5.43
N ILE C 257 3.32 38.94 4.30
CA ILE C 257 4.46 39.16 3.43
C ILE C 257 3.95 39.40 1.98
N ILE C 258 4.62 40.27 1.23
CA ILE C 258 4.21 40.70 -0.12
C ILE C 258 4.84 39.97 -1.29
N ILE C 259 4.04 39.48 -2.23
CA ILE C 259 4.59 38.82 -3.42
C ILE C 259 4.59 39.76 -4.59
N VAL C 260 5.66 39.73 -5.37
CA VAL C 260 5.67 40.57 -6.54
C VAL C 260 5.78 39.78 -7.85
N GLN C 261 4.84 40.03 -8.75
CA GLN C 261 4.85 39.43 -10.08
C GLN C 261 5.55 40.37 -11.03
N LEU C 262 6.43 39.87 -11.89
CA LEU C 262 7.10 40.76 -12.83
C LEU C 262 6.28 40.97 -14.06
N ASN C 263 6.41 42.12 -14.70
CA ASN C 263 5.77 42.38 -16.00
C ASN C 263 6.69 42.13 -17.16
N LYS C 264 7.92 41.77 -16.84
CA LYS C 264 8.97 41.46 -17.78
C LYS C 264 9.71 40.31 -17.18
N SER C 265 10.14 39.35 -17.97
CA SER C 265 10.91 38.27 -17.41
C SER C 265 12.34 38.73 -17.18
N VAL C 266 13.06 37.99 -16.36
CA VAL C 266 14.46 38.32 -16.14
C VAL C 266 15.38 37.17 -16.56
N GLU C 267 16.35 37.58 -17.33
CA GLU C 267 17.34 36.69 -17.87
C GLU C 267 18.09 36.00 -16.76
N ILE C 268 18.24 34.72 -16.90
CA ILE C 268 18.98 33.91 -15.98
C ILE C 268 19.90 32.99 -16.76
N ASN C 269 21.16 32.89 -16.34
CA ASN C 269 22.14 32.03 -16.98
C ASN C 269 22.94 31.28 -15.95
N CYS C 270 22.42 30.15 -15.50
CA CYS C 270 23.10 29.44 -14.43
C CYS C 270 23.80 28.20 -14.95
N THR C 271 25.00 27.98 -14.43
CA THR C 271 25.76 26.84 -14.88
C THR C 271 26.31 26.02 -13.73
N ARG C 272 26.56 24.76 -14.05
CA ARG C 272 27.23 23.79 -13.20
C ARG C 272 28.13 22.92 -14.11
N PRO C 273 29.46 22.92 -13.89
CA PRO C 273 30.48 22.22 -14.67
C PRO C 273 30.28 20.72 -14.84
N ASN C 274 30.77 20.23 -15.98
CA ASN C 274 30.73 18.85 -16.43
C ASN C 274 31.36 17.87 -15.46
N ASN C 275 30.63 16.79 -15.17
CA ASN C 275 31.10 15.76 -14.26
C ASN C 275 30.56 14.37 -14.62
N ASN C 276 31.16 13.33 -14.03
CA ASN C 276 30.73 11.97 -14.27
C ASN C 276 29.98 11.35 -13.08
N THR C 277 29.55 10.11 -13.27
CA THR C 277 28.91 9.31 -12.24
C THR C 277 29.58 7.95 -12.28
N ARG C 278 29.52 7.17 -11.22
CA ARG C 278 30.18 5.88 -11.25
C ARG C 278 29.81 4.98 -10.10
N LYS C 279 30.31 3.75 -10.13
CA LYS C 279 30.25 2.86 -8.98
C LYS C 279 28.92 2.70 -8.25
N SER C 280 28.11 1.78 -8.74
CA SER C 280 26.94 1.39 -7.98
C SER C 280 27.51 0.45 -6.92
N ILE C 281 27.42 0.83 -5.65
CA ILE C 281 28.04 0.02 -4.61
C ILE C 281 27.01 -0.72 -3.80
N HIS C 282 26.97 -2.04 -3.94
CA HIS C 282 25.94 -2.78 -3.25
C HIS C 282 26.24 -2.92 -1.80
N ILE C 283 25.21 -2.64 -1.02
CA ILE C 283 25.20 -2.72 0.41
C ILE C 283 24.29 -3.87 0.81
N GLY C 284 23.21 -3.99 0.06
CA GLY C 284 22.19 -4.98 0.35
C GLY C 284 21.89 -5.85 -0.89
N PRO C 285 20.84 -6.67 -0.82
CA PRO C 285 20.44 -7.66 -1.80
C PRO C 285 19.78 -7.04 -3.01
N GLY C 286 20.60 -6.37 -3.81
CA GLY C 286 20.10 -5.66 -4.98
C GLY C 286 19.92 -4.20 -4.67
N ARG C 287 20.55 -3.76 -3.59
CA ARG C 287 20.48 -2.39 -3.16
C ARG C 287 21.85 -1.75 -3.02
N ALA C 288 21.99 -0.56 -3.62
CA ALA C 288 23.28 0.11 -3.65
C ALA C 288 23.23 1.62 -3.58
N PHE C 289 24.38 2.17 -3.23
CA PHE C 289 24.64 3.59 -3.23
C PHE C 289 25.18 3.98 -4.59
N TYR C 290 24.67 5.05 -5.19
CA TYR C 290 25.25 5.40 -6.47
C TYR C 290 26.17 6.60 -6.30
N THR C 291 27.44 6.34 -6.55
CA THR C 291 28.56 7.25 -6.37
C THR C 291 28.77 8.43 -7.32
N THR C 292 29.09 9.58 -6.68
CA THR C 292 29.47 10.80 -7.37
C THR C 292 30.78 10.50 -8.08
N GLY C 293 30.84 10.79 -9.39
CA GLY C 293 32.04 10.50 -10.17
C GLY C 293 32.96 11.68 -10.18
N GLU C 294 33.95 11.63 -11.05
CA GLU C 294 34.95 12.66 -11.12
C GLU C 294 34.45 13.91 -11.82
N ILE C 295 35.10 15.01 -11.53
CA ILE C 295 34.86 16.24 -12.25
C ILE C 295 35.60 16.11 -13.55
N ILE C 296 34.96 16.48 -14.65
CA ILE C 296 35.62 16.38 -15.92
C ILE C 296 36.19 17.74 -16.25
N GLY C 297 37.50 17.82 -16.34
CA GLY C 297 38.15 19.10 -16.57
C GLY C 297 38.32 19.83 -15.24
N ASP C 298 38.46 21.15 -15.32
CA ASP C 298 38.72 22.00 -14.18
C ASP C 298 37.58 21.99 -13.16
N ILE C 299 37.95 22.14 -11.90
CA ILE C 299 36.98 22.20 -10.82
C ILE C 299 36.63 23.63 -10.53
N ARG C 300 35.35 23.93 -10.65
CA ARG C 300 34.78 25.25 -10.45
C ARG C 300 33.44 25.13 -9.78
N GLN C 301 33.01 26.18 -9.10
CA GLN C 301 31.67 26.19 -8.53
C GLN C 301 30.65 26.67 -9.54
N ALA C 302 29.41 26.28 -9.28
CA ALA C 302 28.26 26.68 -10.05
C ALA C 302 28.07 28.18 -9.84
N HIS C 303 27.45 28.84 -10.80
CA HIS C 303 27.19 30.27 -10.70
C HIS C 303 26.10 30.75 -11.65
N CYS C 304 25.57 31.97 -11.41
CA CYS C 304 24.59 32.56 -12.33
C CYS C 304 24.95 33.97 -12.78
N ASN C 305 24.93 34.18 -14.11
CA ASN C 305 25.27 35.46 -14.78
C ASN C 305 24.08 36.30 -15.24
N ILE C 306 23.74 37.37 -14.50
CA ILE C 306 22.57 38.20 -14.86
C ILE C 306 22.88 39.70 -14.91
N SER C 307 22.46 40.40 -15.97
CA SER C 307 22.67 41.85 -16.03
C SER C 307 21.90 42.65 -15.00
N GLY C 308 22.57 43.68 -14.47
CA GLY C 308 22.00 44.57 -13.49
C GLY C 308 20.98 45.47 -14.08
N THR C 309 20.96 45.60 -15.41
CA THR C 309 20.01 46.47 -16.05
C THR C 309 18.63 45.95 -15.79
N LYS C 310 18.45 44.64 -15.93
CA LYS C 310 17.14 44.08 -15.77
C LYS C 310 16.75 44.14 -14.33
N TRP C 311 17.70 43.90 -13.44
CA TRP C 311 17.34 43.95 -12.06
C TRP C 311 16.97 45.34 -11.63
N ASN C 312 17.71 46.32 -12.10
CA ASN C 312 17.41 47.66 -11.67
C ASN C 312 16.13 48.14 -12.28
N ASP C 313 15.85 47.79 -13.52
CA ASP C 313 14.62 48.32 -14.08
C ASP C 313 13.41 47.80 -13.33
N THR C 314 13.44 46.51 -12.95
CA THR C 314 12.26 46.02 -12.28
C THR C 314 12.25 46.43 -10.83
N LEU C 315 13.39 46.44 -10.18
CA LEU C 315 13.39 46.77 -8.79
C LEU C 315 13.05 48.22 -8.59
N LYS C 316 13.46 49.08 -9.52
CA LYS C 316 13.12 50.47 -9.37
C LYS C 316 11.61 50.64 -9.41
N GLN C 317 10.94 50.00 -10.37
CA GLN C 317 9.49 50.16 -10.44
C GLN C 317 8.82 49.65 -9.19
N ILE C 318 9.35 48.55 -8.66
CA ILE C 318 8.79 47.94 -7.48
C ILE C 318 8.95 48.83 -6.28
N VAL C 319 10.13 49.38 -6.10
CA VAL C 319 10.39 50.24 -4.97
C VAL C 319 9.53 51.47 -5.04
N VAL C 320 9.39 52.07 -6.21
CA VAL C 320 8.57 53.26 -6.28
C VAL C 320 7.14 52.90 -5.92
N LYS C 321 6.62 51.79 -6.44
CA LYS C 321 5.28 51.43 -6.09
C LYS C 321 5.12 51.14 -4.60
N LEU C 322 6.11 50.51 -3.95
CA LEU C 322 5.98 50.30 -2.53
C LEU C 322 5.96 51.63 -1.80
N LYS C 323 6.80 52.57 -2.21
CA LYS C 323 6.79 53.85 -1.52
C LYS C 323 5.40 54.46 -1.61
N GLU C 324 4.77 54.34 -2.79
CA GLU C 324 3.42 54.86 -2.99
C GLU C 324 2.35 54.10 -2.21
N GLN C 325 2.44 52.75 -2.17
CA GLN C 325 1.41 51.95 -1.49
C GLN C 325 1.37 52.26 -0.02
N PHE C 326 2.53 52.53 0.54
CA PHE C 326 2.66 52.80 1.94
C PHE C 326 2.52 54.26 2.33
N GLY C 327 2.15 55.14 1.40
CA GLY C 327 2.01 56.55 1.76
C GLY C 327 3.15 57.49 1.39
N ASN C 328 3.86 57.21 0.28
CA ASN C 328 4.97 58.04 -0.20
C ASN C 328 6.05 58.12 0.84
N LYS C 329 6.40 56.94 1.30
CA LYS C 329 7.41 56.73 2.31
C LYS C 329 8.75 56.55 1.62
N THR C 330 9.82 56.52 2.40
CA THR C 330 11.20 56.39 1.89
C THR C 330 11.82 55.02 2.18
N ILE C 331 10.91 54.08 2.32
CA ILE C 331 11.12 52.65 2.54
C ILE C 331 11.68 51.99 1.28
N VAL C 332 12.69 51.12 1.39
CA VAL C 332 13.26 50.51 0.19
C VAL C 332 13.54 49.02 0.23
N PHE C 333 13.75 48.46 -0.96
CA PHE C 333 14.29 47.12 -1.11
C PHE C 333 15.64 47.14 -0.45
N ASN C 334 15.96 46.15 0.37
CA ASN C 334 17.26 46.16 1.00
C ASN C 334 17.72 44.74 1.38
N HIS C 335 18.90 44.63 1.96
CA HIS C 335 19.53 43.35 2.28
C HIS C 335 18.82 42.47 3.30
N SER C 336 18.90 41.16 3.02
CA SER C 336 18.36 40.05 3.80
C SER C 336 18.92 39.92 5.21
N SER C 337 18.11 39.36 6.10
CA SER C 337 18.49 39.15 7.50
C SER C 337 19.18 37.81 7.70
N GLY C 338 19.21 37.00 6.65
CA GLY C 338 19.79 35.69 6.74
C GLY C 338 18.74 34.64 7.11
N GLY C 339 19.20 33.50 7.63
CA GLY C 339 18.34 32.36 7.92
C GLY C 339 19.16 31.09 7.74
N ASP C 340 18.48 29.95 7.64
CA ASP C 340 19.15 28.67 7.46
C ASP C 340 19.86 28.78 6.11
N PRO C 341 20.96 28.09 5.82
CA PRO C 341 21.67 28.14 4.54
C PRO C 341 20.75 27.96 3.31
N GLU C 342 19.72 27.13 3.45
CA GLU C 342 18.75 26.85 2.40
C GLU C 342 17.81 28.01 2.13
N ILE C 343 17.79 28.95 3.06
CA ILE C 343 17.00 30.14 3.06
C ILE C 343 17.88 31.33 2.66
N VAL C 344 19.10 31.36 3.16
CA VAL C 344 19.99 32.46 2.85
C VAL C 344 20.28 32.46 1.37
N MET C 345 20.60 31.28 0.86
CA MET C 345 20.85 31.10 -0.56
C MET C 345 19.52 30.82 -1.23
N HIS C 346 19.38 31.26 -2.47
CA HIS C 346 18.11 31.03 -3.16
C HIS C 346 18.29 29.94 -4.16
N SER C 347 17.66 28.83 -3.86
CA SER C 347 17.81 27.63 -4.63
C SER C 347 16.88 27.40 -5.80
N PHE C 348 17.29 26.45 -6.62
CA PHE C 348 16.51 25.92 -7.72
C PHE C 348 16.98 24.53 -8.17
N ASN C 349 16.10 23.84 -8.87
CA ASN C 349 16.38 22.50 -9.40
C ASN C 349 16.50 22.42 -10.92
N CYS C 350 17.70 22.11 -11.41
CA CYS C 350 17.91 21.95 -12.85
C CYS C 350 18.50 20.58 -13.15
N GLY C 351 17.76 19.73 -13.85
CA GLY C 351 18.27 18.42 -14.22
C GLY C 351 18.24 17.45 -13.05
N GLY C 352 17.73 17.92 -11.93
CA GLY C 352 17.70 17.18 -10.69
C GLY C 352 18.79 17.71 -9.75
N GLU C 353 19.63 18.64 -10.23
CA GLU C 353 20.69 19.21 -9.40
C GLU C 353 20.15 20.36 -8.61
N PHE C 354 20.64 20.50 -7.39
CA PHE C 354 20.18 21.58 -6.54
C PHE C 354 21.20 22.66 -6.33
N PHE C 355 20.86 23.82 -6.85
CA PHE C 355 21.67 25.03 -6.84
C PHE C 355 21.22 25.89 -5.71
N TYR C 356 22.16 26.53 -5.03
CA TYR C 356 21.92 27.47 -3.95
C TYR C 356 22.68 28.75 -4.22
N CYS C 357 22.04 29.77 -4.78
CA CYS C 357 22.84 30.91 -5.22
C CYS C 357 22.89 32.06 -4.23
N ASN C 358 24.03 32.72 -4.21
CA ASN C 358 24.20 33.80 -3.27
C ASN C 358 23.61 35.10 -3.78
N SER C 359 22.38 35.28 -3.36
CA SER C 359 21.46 36.33 -3.69
C SER C 359 21.88 37.68 -3.17
N THR C 360 22.90 37.71 -2.30
CA THR C 360 23.35 38.96 -1.73
C THR C 360 23.93 39.85 -2.82
N GLN C 361 24.22 39.27 -3.99
CA GLN C 361 24.65 40.08 -5.12
C GLN C 361 23.59 41.11 -5.49
N LEU C 362 22.32 40.76 -5.30
CA LEU C 362 21.23 41.65 -5.65
C LEU C 362 20.69 42.37 -4.43
N PHE C 363 20.72 41.67 -3.30
CA PHE C 363 20.19 42.19 -2.05
C PHE C 363 21.06 43.21 -1.38
N ASN C 364 22.37 43.17 -1.60
CA ASN C 364 23.24 44.18 -1.00
C ASN C 364 23.23 45.43 -1.85
N SER C 365 22.08 46.08 -1.88
CA SER C 365 21.82 47.27 -2.67
C SER C 365 20.72 48.08 -1.99
N THR C 366 20.71 49.39 -2.26
CA THR C 366 19.68 50.26 -1.71
C THR C 366 19.11 51.18 -2.76
N TRP C 367 18.02 51.85 -2.41
CA TRP C 367 17.35 52.78 -3.29
C TRP C 367 17.11 54.10 -2.60
N THR C 378 26.52 41.87 -16.05
CA THR C 378 27.25 40.66 -15.70
C THR C 378 27.39 40.44 -14.20
N ILE C 379 26.28 40.43 -13.48
CA ILE C 379 26.38 40.20 -12.06
C ILE C 379 26.49 38.72 -11.90
N VAL C 380 27.50 38.24 -11.19
CA VAL C 380 27.57 36.80 -11.09
C VAL C 380 27.43 36.30 -9.68
N LEU C 381 26.44 35.46 -9.48
CA LEU C 381 26.16 34.93 -8.19
C LEU C 381 26.85 33.60 -8.09
N PRO C 382 27.70 33.36 -7.11
CA PRO C 382 28.31 32.09 -6.94
C PRO C 382 27.18 31.22 -6.49
N CYS C 383 27.22 29.95 -6.84
CA CYS C 383 26.19 29.06 -6.38
C CYS C 383 26.77 27.80 -5.81
N ARG C 384 26.15 27.33 -4.77
CA ARG C 384 26.58 26.10 -4.19
C ARG C 384 25.68 25.01 -4.66
N ILE C 385 26.20 23.81 -4.70
CA ILE C 385 25.35 22.69 -5.04
C ILE C 385 25.39 21.72 -3.90
N LYS C 386 24.26 21.08 -3.65
CA LYS C 386 24.15 20.15 -2.53
C LYS C 386 23.38 18.91 -2.94
N GLN C 387 23.78 17.74 -2.45
CA GLN C 387 23.04 16.54 -2.81
C GLN C 387 21.91 16.21 -1.83
N ILE C 388 22.04 16.54 -0.53
CA ILE C 388 20.98 16.13 0.41
C ILE C 388 20.02 17.24 0.71
N VAL C 389 18.79 17.03 0.33
CA VAL C 389 17.74 18.02 0.49
C VAL C 389 16.45 17.44 1.07
N ASN C 390 15.56 18.31 1.56
CA ASN C 390 14.22 17.87 1.90
C ASN C 390 13.39 18.34 0.74
N MET C 391 12.23 17.76 0.48
CA MET C 391 11.51 18.36 -0.62
C MET C 391 11.03 19.71 -0.13
N TRP C 392 11.10 20.70 -0.99
CA TRP C 392 10.57 22.00 -0.67
C TRP C 392 11.02 22.50 0.71
N GLN C 393 10.05 22.78 1.57
CA GLN C 393 10.30 23.27 2.90
C GLN C 393 9.60 22.36 3.88
N GLU C 394 9.50 21.09 3.48
CA GLU C 394 8.91 20.07 4.29
C GLU C 394 9.96 19.58 5.26
N VAL C 395 9.51 19.01 6.35
CA VAL C 395 10.40 18.52 7.38
C VAL C 395 10.17 17.07 7.68
N GLY C 396 11.12 16.47 8.37
CA GLY C 396 11.06 15.08 8.74
C GLY C 396 12.12 14.34 7.97
N LYS C 397 11.72 13.64 6.92
CA LYS C 397 12.65 12.87 6.11
C LYS C 397 13.42 13.73 5.10
N ALA C 398 14.55 13.18 4.66
CA ALA C 398 15.44 13.80 3.68
C ALA C 398 15.85 12.80 2.61
N MET C 399 16.28 13.28 1.46
CA MET C 399 16.72 12.38 0.40
C MET C 399 17.85 13.02 -0.40
N TYR C 400 18.59 12.25 -1.20
CA TYR C 400 19.57 12.97 -2.00
C TYR C 400 19.42 12.79 -3.48
N ALA C 401 19.93 13.80 -4.18
CA ALA C 401 20.00 13.85 -5.63
C ALA C 401 21.26 13.13 -6.14
N PRO C 402 21.12 12.01 -6.88
CA PRO C 402 22.20 11.23 -7.42
C PRO C 402 22.96 12.15 -8.35
N PRO C 403 24.23 11.90 -8.60
CA PRO C 403 25.08 12.70 -9.45
C PRO C 403 24.57 12.60 -10.87
N ILE C 404 24.71 13.69 -11.61
CA ILE C 404 24.25 13.76 -12.98
C ILE C 404 25.38 13.84 -13.96
N LYS C 405 25.47 12.86 -14.84
CA LYS C 405 26.53 12.86 -15.83
C LYS C 405 26.32 14.00 -16.80
N GLY C 406 27.39 14.70 -17.13
CA GLY C 406 27.31 15.79 -18.07
C GLY C 406 27.31 17.11 -17.32
N GLN C 407 26.78 18.15 -17.96
CA GLN C 407 26.85 19.49 -17.38
C GLN C 407 25.47 20.07 -17.36
N ILE C 408 25.25 21.02 -16.47
CA ILE C 408 23.93 21.60 -16.33
C ILE C 408 23.88 23.08 -16.62
N ARG C 409 22.90 23.45 -17.43
CA ARG C 409 22.68 24.82 -17.82
C ARG C 409 21.19 25.14 -17.60
N CYS C 410 20.92 26.29 -16.97
CA CYS C 410 19.53 26.69 -16.69
C CYS C 410 19.32 28.08 -17.25
N SER C 411 18.21 28.34 -17.94
CA SER C 411 18.09 29.71 -18.42
C SER C 411 16.70 30.28 -18.72
N SER C 412 16.70 31.61 -18.75
CA SER C 412 15.62 32.52 -19.15
C SER C 412 14.24 32.28 -18.51
N ASN C 413 14.18 32.01 -17.22
CA ASN C 413 12.90 31.78 -16.60
C ASN C 413 12.54 32.57 -15.35
N ILE C 414 13.08 33.77 -15.09
CA ILE C 414 12.58 34.44 -13.91
C ILE C 414 11.30 35.14 -14.26
N THR C 415 10.20 34.79 -13.57
CA THR C 415 8.90 35.38 -13.90
C THR C 415 8.28 36.18 -12.77
N GLY C 416 8.78 35.98 -11.57
CA GLY C 416 8.22 36.70 -10.45
C GLY C 416 9.33 36.83 -9.48
N LEU C 417 9.07 37.44 -8.36
CA LEU C 417 10.13 37.61 -7.42
C LEU C 417 9.97 36.80 -6.16
N ILE C 418 10.19 37.46 -5.04
CA ILE C 418 10.32 36.87 -3.75
C ILE C 418 9.37 37.53 -2.81
N LEU C 419 8.84 36.81 -1.85
CA LEU C 419 7.96 37.44 -0.89
C LEU C 419 8.80 38.38 -0.04
N ILE C 420 8.34 39.61 0.19
CA ILE C 420 9.12 40.53 1.03
C ILE C 420 8.37 41.22 2.18
N ARG C 421 9.13 41.56 3.22
CA ARG C 421 8.58 42.26 4.39
C ARG C 421 9.62 42.84 5.33
N ASP C 422 9.12 43.58 6.32
CA ASP C 422 9.91 44.06 7.46
C ASP C 422 9.02 44.09 8.69
N GLY C 423 9.60 44.50 9.80
CA GLY C 423 8.98 44.69 11.10
C GLY C 423 9.48 46.04 11.60
N GLY C 424 10.16 46.04 12.74
CA GLY C 424 10.74 47.25 13.29
C GLY C 424 10.05 47.77 14.54
N LYS C 425 10.86 48.11 15.54
CA LYS C 425 10.40 48.64 16.83
C LYS C 425 10.95 50.04 17.07
N ASN C 426 11.46 50.66 16.01
CA ASN C 426 12.05 51.98 16.08
C ASN C 426 10.96 53.04 16.07
N ARG C 427 11.27 54.19 16.63
CA ARG C 427 10.37 55.32 16.60
C ARG C 427 10.26 55.94 15.20
N SER C 428 11.34 55.91 14.43
CA SER C 428 11.33 56.48 13.10
C SER C 428 10.76 55.54 12.05
N GLU C 429 9.93 56.11 11.18
CA GLU C 429 9.32 55.39 10.06
C GLU C 429 10.00 55.75 8.73
N ASN C 430 11.13 56.46 8.81
CA ASN C 430 11.82 56.90 7.60
C ASN C 430 12.47 55.78 6.82
N THR C 431 12.85 54.71 7.49
CA THR C 431 13.50 53.64 6.78
C THR C 431 12.81 52.33 7.03
N GLU C 432 12.92 51.45 6.05
CA GLU C 432 12.40 50.10 6.13
C GLU C 432 13.16 49.25 5.16
N ILE C 433 13.42 48.02 5.56
CA ILE C 433 14.10 47.04 4.74
C ILE C 433 13.22 45.94 4.27
N PHE C 434 12.94 45.93 3.00
CA PHE C 434 12.12 44.84 2.55
C PHE C 434 13.06 43.72 2.22
N ARG C 435 12.95 42.65 3.00
CA ARG C 435 13.84 41.52 2.89
C ARG C 435 13.03 40.32 2.44
N PRO C 436 13.65 39.32 1.78
CA PRO C 436 13.04 38.16 1.14
C PRO C 436 12.54 37.02 2.04
N GLY C 437 11.61 36.25 1.48
CA GLY C 437 11.12 34.99 2.03
C GLY C 437 10.29 34.22 1.00
N GLY C 438 9.72 33.09 1.40
CA GLY C 438 8.97 32.26 0.45
C GLY C 438 9.70 30.97 0.16
N GLY C 439 9.25 30.25 -0.89
CA GLY C 439 9.78 28.92 -1.20
C GLY C 439 8.79 27.89 -0.69
N ASP C 440 7.70 28.37 -0.12
CA ASP C 440 6.62 27.53 0.36
C ASP C 440 5.76 27.35 -0.87
N MET C 441 5.60 26.12 -1.33
CA MET C 441 4.88 25.90 -2.56
C MET C 441 3.43 26.34 -2.49
N ARG C 442 2.84 26.41 -1.30
CA ARG C 442 1.47 26.86 -1.31
C ARG C 442 1.41 28.31 -1.65
N ASP C 443 2.30 29.08 -1.07
CA ASP C 443 2.25 30.50 -1.35
C ASP C 443 2.75 30.79 -2.74
N ASN C 444 3.74 30.02 -3.17
CA ASN C 444 4.34 30.31 -4.46
C ASN C 444 3.35 30.01 -5.57
N TRP C 445 2.70 28.87 -5.49
CA TRP C 445 1.80 28.51 -6.56
C TRP C 445 0.52 29.31 -6.49
N ARG C 446 0.11 29.66 -5.26
CA ARG C 446 -1.10 30.41 -5.03
C ARG C 446 -1.04 31.75 -5.73
N SER C 447 0.17 32.32 -5.81
CA SER C 447 0.33 33.63 -6.41
C SER C 447 -0.14 33.65 -7.85
N GLU C 448 -0.25 32.50 -8.52
CA GLU C 448 -0.80 32.48 -9.86
C GLU C 448 -2.14 31.77 -9.87
N LEU C 449 -2.26 30.73 -9.06
CA LEU C 449 -3.43 29.88 -9.06
C LEU C 449 -4.68 30.61 -8.65
N TYR C 450 -4.54 31.58 -7.75
CA TYR C 450 -5.64 32.35 -7.18
C TYR C 450 -6.52 33.01 -8.22
N LYS C 451 -6.03 33.15 -9.44
CA LYS C 451 -6.83 33.77 -10.47
C LYS C 451 -8.10 32.95 -10.66
N TYR C 452 -8.01 31.65 -10.39
CA TYR C 452 -9.10 30.73 -10.57
C TYR C 452 -9.89 30.45 -9.28
N LYS C 453 -11.18 30.21 -9.42
CA LYS C 453 -12.07 29.79 -8.34
C LYS C 453 -12.92 28.62 -8.79
N VAL C 454 -13.24 27.67 -7.91
CA VAL C 454 -14.12 26.61 -8.37
C VAL C 454 -15.45 26.66 -7.65
N VAL C 455 -16.51 26.59 -8.45
CA VAL C 455 -17.84 26.65 -7.93
C VAL C 455 -18.67 25.45 -8.36
N LYS C 456 -19.67 25.15 -7.57
CA LYS C 456 -20.61 24.08 -7.80
C LYS C 456 -21.77 24.61 -8.57
N ILE C 457 -22.11 23.90 -9.61
CA ILE C 457 -23.16 24.26 -10.52
C ILE C 457 -24.45 23.57 -10.13
N GLU C 458 -25.43 24.35 -9.69
CA GLU C 458 -26.65 23.74 -9.25
C GLU C 458 -27.76 24.01 -10.26
N PRO C 459 -28.30 22.99 -10.94
CA PRO C 459 -29.30 23.10 -11.98
C PRO C 459 -30.67 23.38 -11.37
N LEU C 460 -30.78 24.51 -10.74
CA LEU C 460 -31.98 24.82 -10.01
C LEU C 460 -32.99 25.51 -10.86
N GLY C 461 -33.71 24.72 -11.65
CA GLY C 461 -34.74 25.24 -12.57
C GLY C 461 -36.00 25.59 -11.77
N ILE C 462 -35.84 26.49 -10.82
CA ILE C 462 -36.88 26.82 -9.89
C ILE C 462 -37.24 28.28 -9.86
N ALA C 463 -38.51 28.58 -10.03
CA ALA C 463 -39.01 29.93 -9.89
C ALA C 463 -40.52 29.92 -9.96
N PRO C 464 -41.23 30.50 -8.98
CA PRO C 464 -42.65 30.75 -9.03
C PRO C 464 -42.99 31.81 -10.07
N THR C 465 -44.10 31.61 -10.74
CA THR C 465 -44.73 32.54 -11.68
C THR C 465 -46.19 32.21 -11.86
N LYS C 466 -46.86 32.89 -12.79
CA LYS C 466 -48.32 32.69 -12.96
C LYS C 466 -48.69 31.59 -13.94
N ALA C 467 -49.93 31.05 -13.79
CA ALA C 467 -50.59 29.99 -14.60
C ALA C 467 -50.66 28.61 -13.90
N LYS C 468 -51.44 27.70 -14.46
CA LYS C 468 -51.61 26.38 -13.85
C LYS C 468 -51.32 25.27 -14.83
N ARG C 469 -50.99 24.11 -14.26
CA ARG C 469 -50.71 22.89 -14.98
C ARG C 469 -51.99 22.40 -15.63
N ARG C 470 -51.89 21.90 -16.85
CA ARG C 470 -53.07 21.39 -17.55
C ARG C 470 -53.45 19.98 -17.11
N VAL C 471 -54.02 19.95 -15.92
CA VAL C 471 -54.46 18.78 -15.20
C VAL C 471 -55.90 18.40 -15.53
N VAL C 472 -56.11 17.12 -15.81
CA VAL C 472 -57.44 16.63 -16.10
C VAL C 472 -58.30 16.39 -14.84
N GLN C 473 -57.75 15.73 -13.81
CA GLN C 473 -58.52 15.46 -12.60
C GLN C 473 -58.38 16.57 -11.54
N VAL D 7 -26.63 30.47 -28.53
CA VAL D 7 -25.85 30.80 -27.36
C VAL D 7 -25.94 29.71 -26.32
N PHE D 8 -25.13 29.82 -25.27
CA PHE D 8 -25.20 28.93 -24.12
C PHE D 8 -25.56 29.69 -22.86
N LEU D 9 -26.25 30.80 -23.02
CA LEU D 9 -26.60 31.62 -21.88
C LEU D 9 -27.38 30.83 -20.88
N GLY D 10 -26.92 30.99 -19.66
CA GLY D 10 -27.38 30.36 -18.43
C GLY D 10 -26.14 30.41 -17.61
N PHE D 11 -25.51 29.28 -17.36
CA PHE D 11 -24.26 29.41 -16.62
C PHE D 11 -23.22 30.13 -17.47
N LEU D 12 -23.27 29.92 -18.78
CA LEU D 12 -22.32 30.55 -19.65
C LEU D 12 -22.80 31.92 -20.13
N GLY D 13 -22.80 32.88 -19.19
CA GLY D 13 -23.14 34.29 -19.45
C GLY D 13 -24.51 34.88 -19.02
N ALA D 14 -25.48 34.11 -18.51
CA ALA D 14 -26.76 34.74 -18.14
C ALA D 14 -26.65 35.31 -16.75
N ALA D 15 -25.48 35.12 -16.18
CA ALA D 15 -25.15 35.57 -14.86
C ALA D 15 -25.32 37.09 -14.80
N GLY D 16 -25.14 37.75 -15.95
CA GLY D 16 -25.21 39.21 -16.07
C GLY D 16 -26.61 39.75 -16.37
N SER D 17 -27.65 38.92 -16.33
CA SER D 17 -29.00 39.41 -16.63
C SER D 17 -30.06 38.73 -15.78
N THR D 18 -31.23 39.35 -15.72
CA THR D 18 -32.32 38.82 -14.94
C THR D 18 -33.21 37.90 -15.75
N MET D 19 -34.00 37.07 -15.05
CA MET D 19 -34.88 36.10 -15.69
C MET D 19 -35.98 36.65 -16.56
N GLY D 20 -36.43 37.87 -16.30
CA GLY D 20 -37.44 38.43 -17.16
C GLY D 20 -36.93 38.41 -18.61
N ALA D 21 -35.61 38.55 -18.82
CA ALA D 21 -35.02 38.49 -20.14
C ALA D 21 -34.33 37.15 -20.40
N ALA D 22 -33.66 36.59 -19.38
CA ALA D 22 -32.86 35.38 -19.55
C ALA D 22 -33.74 34.20 -19.98
N SER D 23 -35.02 34.22 -19.61
CA SER D 23 -35.92 33.13 -19.95
C SER D 23 -36.05 32.93 -21.45
N MET D 24 -35.67 33.95 -22.24
CA MET D 24 -35.72 33.86 -23.68
C MET D 24 -34.70 32.88 -24.26
N THR D 25 -33.56 32.71 -23.58
CA THR D 25 -32.51 31.85 -24.12
C THR D 25 -32.19 30.62 -23.28
N LEU D 26 -32.61 30.58 -22.02
CA LEU D 26 -32.19 29.46 -21.16
C LEU D 26 -32.92 28.14 -21.35
N THR D 27 -32.75 27.57 -22.54
CA THR D 27 -33.24 26.28 -22.96
C THR D 27 -32.02 25.58 -23.54
N VAL D 28 -31.06 26.44 -23.88
CA VAL D 28 -29.83 26.09 -24.59
C VAL D 28 -28.87 25.31 -23.73
N GLN D 29 -29.15 25.31 -22.45
CA GLN D 29 -28.35 24.67 -21.42
C GLN D 29 -28.42 23.17 -21.62
N ALA D 30 -29.42 22.72 -22.38
CA ALA D 30 -29.61 21.32 -22.71
C ALA D 30 -28.45 20.81 -23.55
N ARG D 31 -27.70 21.71 -24.18
CA ARG D 31 -26.60 21.30 -25.01
C ARG D 31 -25.31 21.19 -24.21
N LEU D 32 -25.31 21.62 -22.95
CA LEU D 32 -24.08 21.55 -22.18
C LEU D 32 -23.98 20.18 -21.56
N LEU D 33 -25.02 19.40 -21.77
CA LEU D 33 -25.12 18.06 -21.28
C LEU D 33 -24.23 17.19 -22.15
N LEU D 34 -23.83 17.73 -23.31
CA LEU D 34 -22.97 17.02 -24.21
C LEU D 34 -21.58 16.94 -23.63
N SER D 35 -21.27 17.79 -22.64
CA SER D 35 -19.98 17.74 -22.01
C SER D 35 -19.88 16.51 -21.12
N GLY D 36 -21.04 15.93 -20.76
CA GLY D 36 -21.04 14.71 -19.98
C GLY D 36 -20.79 13.58 -20.95
N ILE D 37 -21.32 13.71 -22.15
CA ILE D 37 -21.19 12.68 -23.18
C ILE D 37 -19.70 12.55 -23.54
N VAL D 38 -19.02 13.68 -23.63
CA VAL D 38 -17.59 13.77 -23.94
C VAL D 38 -16.69 13.01 -22.97
N GLN D 39 -17.20 12.68 -21.79
CA GLN D 39 -16.37 11.99 -20.85
C GLN D 39 -16.08 10.59 -21.35
N GLN D 40 -16.87 10.13 -22.33
CA GLN D 40 -16.64 8.83 -22.92
C GLN D 40 -15.31 8.82 -23.64
N GLN D 41 -14.79 10.00 -24.04
CA GLN D 41 -13.51 10.07 -24.70
C GLN D 41 -12.44 10.10 -23.64
N ASN D 42 -12.74 10.77 -22.54
CA ASN D 42 -11.76 10.90 -21.46
C ASN D 42 -11.54 9.54 -20.80
N ASN D 43 -12.56 8.72 -20.85
CA ASN D 43 -12.56 7.42 -20.24
C ASN D 43 -11.90 6.36 -21.11
N LEU D 44 -11.31 6.78 -22.23
CA LEU D 44 -10.61 5.84 -23.08
C LEU D 44 -9.18 5.72 -22.57
N LEU D 45 -8.83 6.51 -21.55
CA LEU D 45 -7.50 6.49 -21.00
C LEU D 45 -7.17 5.12 -20.43
N ARG D 46 -6.02 4.60 -20.80
CA ARG D 46 -5.60 3.31 -20.28
C ARG D 46 -5.40 3.39 -18.78
N ALA D 47 -5.98 2.44 -18.07
CA ALA D 47 -5.82 2.39 -16.63
C ALA D 47 -5.67 3.77 -16.02
N LEU D 55 -0.36 0.34 -14.24
CA LEU D 55 -1.81 0.20 -14.37
C LEU D 55 -2.46 0.55 -13.05
N GLN D 56 -1.61 0.72 -12.04
CA GLN D 56 -2.04 1.11 -10.71
C GLN D 56 -2.41 2.57 -10.73
N LEU D 57 -3.43 2.94 -9.96
CA LEU D 57 -3.81 4.32 -9.93
C LEU D 57 -2.87 5.13 -9.07
N THR D 58 -2.59 6.32 -9.53
CA THR D 58 -1.83 7.31 -8.80
C THR D 58 -2.78 8.29 -8.17
N VAL D 59 -2.24 9.37 -7.64
CA VAL D 59 -3.05 10.32 -6.91
C VAL D 59 -4.19 10.85 -7.74
N TRP D 60 -3.90 11.20 -8.99
CA TRP D 60 -4.91 11.74 -9.83
C TRP D 60 -5.94 10.68 -10.16
N GLY D 61 -5.48 9.48 -10.50
CA GLY D 61 -6.42 8.43 -10.89
C GLY D 61 -7.43 8.12 -9.79
N ILE D 62 -6.96 8.13 -8.55
CA ILE D 62 -7.85 7.85 -7.44
C ILE D 62 -8.88 8.95 -7.30
N LYS D 63 -8.42 10.18 -7.33
CA LYS D 63 -9.35 11.28 -7.20
C LYS D 63 -10.30 11.41 -8.38
N GLN D 64 -9.85 11.11 -9.59
CA GLN D 64 -10.72 11.23 -10.73
C GLN D 64 -11.85 10.23 -10.66
N LEU D 65 -11.59 9.01 -10.21
CA LEU D 65 -12.68 8.04 -10.08
C LEU D 65 -13.65 8.46 -9.01
N GLN D 66 -13.14 9.04 -7.93
CA GLN D 66 -14.02 9.48 -6.87
C GLN D 66 -14.90 10.60 -7.40
N ALA D 67 -14.30 11.48 -8.21
CA ALA D 67 -15.00 12.59 -8.78
C ALA D 67 -16.11 12.13 -9.72
N ARG D 68 -15.85 11.05 -10.47
CA ARG D 68 -16.87 10.55 -11.38
C ARG D 68 -18.06 10.03 -10.60
N VAL D 69 -17.80 9.36 -9.48
CA VAL D 69 -18.90 8.84 -8.68
C VAL D 69 -19.74 9.96 -8.12
N LEU D 70 -19.09 11.00 -7.63
CA LEU D 70 -19.79 12.11 -7.06
C LEU D 70 -20.60 12.84 -8.13
N ALA D 71 -20.04 12.96 -9.34
CA ALA D 71 -20.76 13.60 -10.43
C ALA D 71 -22.01 12.81 -10.75
N VAL D 72 -21.90 11.48 -10.69
CA VAL D 72 -23.04 10.65 -10.92
C VAL D 72 -24.10 10.85 -9.87
N GLU D 73 -23.71 10.91 -8.61
CA GLU D 73 -24.75 11.11 -7.62
C GLU D 73 -25.46 12.42 -7.84
N ARG D 74 -24.75 13.48 -8.20
CA ARG D 74 -25.41 14.75 -8.44
C ARG D 74 -26.34 14.66 -9.64
N TYR D 75 -25.88 13.99 -10.69
CA TYR D 75 -26.70 13.84 -11.88
C TYR D 75 -28.00 13.15 -11.53
N LEU D 76 -27.88 12.04 -10.82
CA LEU D 76 -29.03 11.25 -10.47
C LEU D 76 -29.89 11.98 -9.48
N LYS D 77 -29.32 12.73 -8.57
CA LYS D 77 -30.11 13.45 -7.60
C LYS D 77 -31.09 14.35 -8.32
N ASP D 78 -30.60 15.06 -9.33
CA ASP D 78 -31.49 15.98 -9.99
C ASP D 78 -32.42 15.28 -10.97
N GLN D 79 -31.96 14.20 -11.59
CA GLN D 79 -32.87 13.50 -12.50
C GLN D 79 -33.96 12.81 -11.69
N GLN D 80 -33.61 12.34 -10.49
CA GLN D 80 -34.55 11.67 -9.62
C GLN D 80 -35.60 12.67 -9.20
N LEU D 81 -35.18 13.92 -8.93
CA LEU D 81 -36.13 14.96 -8.57
C LEU D 81 -37.05 15.27 -9.71
N LEU D 82 -36.56 15.28 -10.95
CA LEU D 82 -37.47 15.53 -12.05
C LEU D 82 -38.51 14.44 -12.09
N GLY D 83 -38.10 13.21 -11.82
CA GLY D 83 -39.07 12.12 -11.77
C GLY D 83 -40.11 12.39 -10.68
N ILE D 84 -39.64 12.74 -9.48
CA ILE D 84 -40.47 12.98 -8.30
C ILE D 84 -41.43 14.13 -8.58
N TRP D 85 -40.95 15.15 -9.24
CA TRP D 85 -41.74 16.32 -9.51
C TRP D 85 -42.66 16.19 -10.71
N GLY D 86 -42.61 15.08 -11.46
CA GLY D 86 -43.44 14.95 -12.66
C GLY D 86 -42.88 15.82 -13.80
N CYS D 87 -41.58 16.06 -13.77
CA CYS D 87 -40.89 16.92 -14.71
C CYS D 87 -39.88 16.18 -15.56
N SER D 88 -39.92 14.86 -15.53
CA SER D 88 -38.94 14.09 -16.27
C SER D 88 -39.09 14.27 -17.76
N GLY D 89 -37.96 14.56 -18.41
CA GLY D 89 -37.89 14.73 -19.85
C GLY D 89 -38.37 16.10 -20.31
N LYS D 90 -38.62 17.01 -19.38
CA LYS D 90 -39.15 18.31 -19.76
C LYS D 90 -38.10 19.38 -19.60
N LEU D 91 -38.24 20.47 -20.35
CA LEU D 91 -37.37 21.60 -20.06
C LEU D 91 -38.03 22.30 -18.88
N ILE D 92 -39.27 22.66 -19.09
CA ILE D 92 -40.06 23.27 -18.04
C ILE D 92 -41.29 22.45 -17.85
N CYS D 93 -41.53 22.04 -16.64
CA CYS D 93 -42.73 21.32 -16.32
C CYS D 93 -43.52 22.29 -15.50
N THR D 94 -44.82 22.18 -15.49
CA THR D 94 -45.55 23.09 -14.62
C THR D 94 -46.09 22.45 -13.39
N THR D 95 -45.52 22.72 -12.22
CA THR D 95 -46.14 22.12 -11.04
C THR D 95 -46.92 23.22 -10.38
N ALA D 96 -48.23 23.00 -10.26
CA ALA D 96 -49.16 24.03 -9.83
C ALA D 96 -49.17 24.29 -8.34
N VAL D 97 -48.07 24.85 -7.88
CA VAL D 97 -47.88 25.19 -6.50
C VAL D 97 -47.95 26.72 -6.29
N PRO D 98 -48.93 27.22 -5.51
CA PRO D 98 -49.17 28.62 -5.15
C PRO D 98 -48.06 29.14 -4.28
N TRP D 99 -48.00 30.46 -4.10
CA TRP D 99 -46.98 31.01 -3.22
C TRP D 99 -47.03 30.50 -1.81
N ASN D 100 -48.23 30.34 -1.28
CA ASN D 100 -48.38 29.92 0.09
C ASN D 100 -47.56 30.81 1.02
N THR D 101 -46.58 30.24 1.71
CA THR D 101 -45.75 30.94 2.67
C THR D 101 -44.33 31.12 2.15
N SER D 102 -44.14 30.83 0.86
CA SER D 102 -42.84 30.90 0.19
C SER D 102 -42.58 32.30 -0.36
N TRP D 103 -43.59 33.15 -0.26
CA TRP D 103 -43.55 34.49 -0.79
C TRP D 103 -42.73 35.48 0.02
N SER D 104 -41.83 36.20 -0.65
CA SER D 104 -41.09 37.30 -0.05
C SER D 104 -42.03 38.47 -0.30
N ASN D 105 -41.88 39.63 0.32
CA ASN D 105 -42.90 40.64 0.02
C ASN D 105 -42.62 41.46 -1.26
N LYS D 106 -42.73 40.79 -2.41
CA LYS D 106 -42.49 41.39 -3.72
C LYS D 106 -43.30 40.66 -4.81
N SER D 107 -43.86 41.40 -5.76
CA SER D 107 -44.61 40.73 -6.84
C SER D 107 -43.72 39.90 -7.73
N TYR D 108 -44.22 38.77 -8.21
CA TYR D 108 -43.46 37.93 -9.11
C TYR D 108 -43.14 38.66 -10.42
N ASN D 109 -43.94 39.65 -10.80
CA ASN D 109 -43.60 40.34 -12.03
C ASN D 109 -42.38 41.23 -11.79
N GLN D 110 -42.31 41.79 -10.59
CA GLN D 110 -41.22 42.66 -10.19
C GLN D 110 -39.98 41.84 -10.05
N ILE D 111 -40.17 40.64 -9.52
CA ILE D 111 -39.08 39.74 -9.27
C ILE D 111 -38.51 39.26 -10.56
N TRP D 112 -39.32 38.82 -11.51
CA TRP D 112 -38.76 38.31 -12.75
C TRP D 112 -37.98 39.36 -13.49
N ASN D 113 -38.51 40.59 -13.56
CA ASN D 113 -37.78 41.61 -14.28
C ASN D 113 -36.47 41.95 -13.61
N ASN D 114 -36.43 41.81 -12.28
CA ASN D 114 -35.24 42.09 -11.49
C ASN D 114 -34.66 40.81 -10.87
N MET D 115 -34.98 39.64 -11.46
CA MET D 115 -34.51 38.38 -10.91
C MET D 115 -33.12 38.06 -11.29
N THR D 116 -32.17 38.71 -10.63
CA THR D 116 -30.81 38.34 -10.89
C THR D 116 -30.81 36.96 -10.26
N TRP D 117 -30.34 35.98 -10.96
CA TRP D 117 -30.45 34.65 -10.39
C TRP D 117 -29.71 34.44 -9.10
N MET D 118 -28.57 35.10 -8.95
CA MET D 118 -27.76 34.92 -7.77
C MET D 118 -28.16 35.81 -6.62
N GLU D 119 -29.19 36.61 -6.81
CA GLU D 119 -29.70 37.44 -5.74
C GLU D 119 -31.01 36.81 -5.34
N TRP D 120 -31.74 36.32 -6.33
CA TRP D 120 -33.04 35.72 -6.14
C TRP D 120 -32.98 34.46 -5.31
N GLU D 121 -31.99 33.64 -5.58
CA GLU D 121 -31.80 32.40 -4.86
C GLU D 121 -31.69 32.67 -3.36
N ARG D 122 -31.24 33.86 -2.96
CA ARG D 122 -31.06 34.19 -1.57
C ARG D 122 -32.41 34.20 -0.86
N GLU D 123 -33.51 34.50 -1.58
CA GLU D 123 -34.80 34.42 -0.94
C GLU D 123 -35.08 32.95 -0.72
N ILE D 124 -34.74 32.17 -1.74
CA ILE D 124 -34.98 30.73 -1.77
C ILE D 124 -34.22 30.03 -0.68
N ASP D 125 -33.05 30.50 -0.36
CA ASP D 125 -32.29 29.88 0.70
C ASP D 125 -33.17 29.67 1.95
N ASN D 126 -34.13 30.56 2.23
CA ASN D 126 -34.96 30.43 3.42
C ASN D 126 -36.35 29.85 3.13
N TYR D 127 -36.60 29.53 1.86
CA TYR D 127 -37.87 28.98 1.41
C TYR D 127 -37.70 27.63 0.75
N THR D 128 -36.48 27.18 0.56
CA THR D 128 -36.20 25.95 -0.15
C THR D 128 -36.87 24.75 0.50
N SER D 129 -37.02 24.75 1.82
CA SER D 129 -37.66 23.62 2.42
C SER D 129 -39.12 23.51 1.96
N LEU D 130 -39.72 24.66 1.61
CA LEU D 130 -41.09 24.70 1.14
C LEU D 130 -41.10 24.35 -0.31
N ILE D 131 -40.08 24.76 -1.03
CA ILE D 131 -40.10 24.46 -2.45
C ILE D 131 -40.10 22.97 -2.65
N TYR D 132 -39.23 22.30 -1.94
CA TYR D 132 -39.18 20.88 -2.16
C TYR D 132 -40.35 20.19 -1.50
N THR D 133 -40.71 20.57 -0.29
CA THR D 133 -41.80 19.86 0.36
C THR D 133 -43.11 20.05 -0.38
N LEU D 134 -43.42 21.27 -0.75
CA LEU D 134 -44.69 21.56 -1.37
C LEU D 134 -44.83 20.90 -2.71
N ILE D 135 -43.77 20.91 -3.52
CA ILE D 135 -43.90 20.31 -4.81
C ILE D 135 -43.93 18.83 -4.74
N GLU D 136 -42.99 18.24 -4.03
CA GLU D 136 -42.93 16.80 -4.04
C GLU D 136 -44.18 16.19 -3.45
N ASP D 137 -44.70 16.80 -2.38
CA ASP D 137 -45.86 16.26 -1.75
C ASP D 137 -47.12 16.53 -2.57
N SER D 138 -47.41 17.78 -2.91
CA SER D 138 -48.68 17.99 -3.56
C SER D 138 -48.73 17.52 -5.00
N GLN D 139 -47.58 17.52 -5.69
CA GLN D 139 -47.61 17.11 -7.08
C GLN D 139 -47.90 15.64 -7.16
N ASN D 140 -47.31 14.86 -6.27
CA ASN D 140 -47.55 13.46 -6.32
C ASN D 140 -48.89 13.09 -5.75
N GLN D 141 -49.41 13.86 -4.81
CA GLN D 141 -50.73 13.50 -4.33
C GLN D 141 -51.70 13.60 -5.48
N GLN D 142 -51.58 14.65 -6.30
CA GLN D 142 -52.51 14.79 -7.39
C GLN D 142 -52.29 13.73 -8.44
N GLU D 143 -51.02 13.48 -8.80
CA GLU D 143 -50.78 12.52 -9.86
C GLU D 143 -51.16 11.14 -9.43
N LYS D 144 -50.88 10.79 -8.19
CA LYS D 144 -51.19 9.49 -7.70
C LYS D 144 -52.70 9.30 -7.76
N ASN D 145 -53.47 10.30 -7.33
CA ASN D 145 -54.90 10.12 -7.33
C ASN D 145 -55.45 10.04 -8.74
N GLU D 146 -54.95 10.89 -9.65
CA GLU D 146 -55.48 10.84 -10.99
C GLU D 146 -55.14 9.55 -11.67
N GLN D 147 -53.91 9.10 -11.51
CA GLN D 147 -53.48 7.90 -12.17
C GLN D 147 -54.23 6.69 -11.64
N GLU D 148 -54.45 6.62 -10.31
CA GLU D 148 -55.19 5.50 -9.76
C GLU D 148 -56.59 5.47 -10.30
N LEU D 149 -57.23 6.63 -10.42
CA LEU D 149 -58.58 6.68 -10.94
C LEU D 149 -58.63 6.28 -12.41
N LEU D 150 -57.64 6.68 -13.20
CA LEU D 150 -57.62 6.34 -14.61
C LEU D 150 -57.52 4.82 -14.82
N GLU D 151 -56.79 4.14 -13.96
CA GLU D 151 -56.65 2.69 -14.07
C GLU D 151 -57.98 1.95 -13.93
N LEU D 152 -58.97 2.61 -13.32
CA LEU D 152 -60.26 2.01 -13.05
C LEU D 152 -61.36 2.36 -14.04
N ASP D 153 -61.07 3.18 -15.08
CA ASP D 153 -62.10 3.60 -16.04
C ASP D 153 -61.49 4.13 -17.34
N ALA E 1 -65.13 -11.71 -12.41
CA ALA E 1 -63.75 -11.35 -12.15
C ALA E 1 -63.33 -10.20 -13.03
N GLU E 2 -62.81 -9.16 -12.40
CA GLU E 2 -62.33 -7.99 -13.12
C GLU E 2 -60.91 -8.25 -13.57
N GLN E 3 -60.48 -7.58 -14.63
CA GLN E 3 -59.11 -7.75 -15.04
C GLN E 3 -58.16 -7.21 -14.01
N LEU E 4 -57.22 -8.04 -13.63
CA LEU E 4 -56.25 -7.65 -12.65
C LEU E 4 -54.90 -7.49 -13.26
N TRP E 5 -54.10 -6.67 -12.60
CA TRP E 5 -52.71 -6.47 -12.89
C TRP E 5 -52.04 -6.43 -11.56
N VAL E 6 -51.03 -7.24 -11.38
CA VAL E 6 -50.38 -7.30 -10.10
C VAL E 6 -49.07 -6.53 -10.11
N THR E 7 -49.06 -5.41 -9.36
CA THR E 7 -47.89 -4.51 -9.31
C THR E 7 -47.95 -3.44 -8.20
N VAL E 8 -46.80 -3.08 -7.66
CA VAL E 8 -46.66 -1.96 -6.74
C VAL E 8 -45.52 -1.05 -7.18
N TYR E 9 -45.83 0.21 -7.38
CA TYR E 9 -44.83 1.16 -7.79
C TYR E 9 -43.80 1.35 -6.73
N TYR E 10 -42.56 1.55 -7.16
CA TYR E 10 -41.48 1.75 -6.24
C TYR E 10 -41.84 2.71 -5.14
N GLY E 11 -41.71 2.24 -3.92
CA GLY E 11 -41.99 3.11 -2.82
C GLY E 11 -42.79 2.49 -1.68
N VAL E 12 -42.90 1.18 -1.71
CA VAL E 12 -43.49 0.40 -0.65
C VAL E 12 -42.31 -0.45 -0.12
N PRO E 13 -41.65 -0.01 0.95
CA PRO E 13 -40.33 -0.38 1.43
C PRO E 13 -40.10 -1.74 2.05
N VAL E 14 -40.12 -2.77 1.25
CA VAL E 14 -39.89 -4.12 1.76
C VAL E 14 -38.53 -4.27 2.39
N TRP E 15 -38.53 -4.85 3.58
CA TRP E 15 -37.34 -5.05 4.35
C TRP E 15 -36.65 -6.37 4.13
N LYS E 16 -35.36 -6.30 3.91
CA LYS E 16 -34.49 -7.45 3.76
C LYS E 16 -33.39 -7.27 4.80
N GLU E 17 -32.78 -8.32 5.28
CA GLU E 17 -31.69 -8.11 6.23
C GLU E 17 -30.51 -7.41 5.56
N ALA E 18 -29.87 -6.47 6.27
CA ALA E 18 -28.68 -5.86 5.71
C ALA E 18 -27.50 -6.79 5.93
N THR E 19 -26.57 -6.83 4.98
CA THR E 19 -25.41 -7.68 5.17
C THR E 19 -24.09 -6.95 5.36
N THR E 20 -23.99 -5.69 4.93
CA THR E 20 -22.69 -5.02 5.02
C THR E 20 -22.66 -3.53 5.00
N THR E 21 -21.60 -3.04 5.65
CA THR E 21 -21.15 -1.66 5.69
C THR E 21 -21.96 -0.71 6.53
N LEU E 22 -21.24 0.06 7.33
CA LEU E 22 -21.81 1.09 8.17
C LEU E 22 -21.27 2.46 7.77
N PHE E 23 -22.04 3.48 8.05
CA PHE E 23 -21.65 4.86 7.82
C PHE E 23 -21.20 5.51 9.12
N CYS E 24 -19.90 5.78 9.26
CA CYS E 24 -19.37 6.35 10.51
C CYS E 24 -19.60 7.84 10.56
N ALA E 25 -20.14 8.30 11.68
CA ALA E 25 -20.37 9.71 11.87
C ALA E 25 -20.11 10.15 13.32
N SER E 26 -19.71 11.41 13.50
CA SER E 26 -19.46 11.90 14.85
C SER E 26 -19.63 13.40 15.05
N ASP E 27 -19.58 13.82 16.33
CA ASP E 27 -19.67 15.23 16.66
C ASP E 27 -18.23 15.78 16.52
N ALA E 28 -17.82 15.81 15.25
CA ALA E 28 -16.51 16.14 14.75
C ALA E 28 -16.16 17.60 14.90
N ARG E 29 -14.88 17.84 15.16
CA ARG E 29 -14.28 19.15 15.30
C ARG E 29 -12.85 18.99 14.86
N ALA E 30 -12.12 20.08 14.69
CA ALA E 30 -10.71 19.95 14.33
C ALA E 30 -9.91 19.63 15.59
N TYR E 31 -10.11 18.42 16.08
CA TYR E 31 -9.54 17.91 17.31
C TYR E 31 -8.12 17.43 17.05
N ASP E 32 -7.26 17.59 18.04
CA ASP E 32 -5.90 17.09 17.95
C ASP E 32 -5.90 15.57 18.00
N THR E 33 -7.01 15.01 18.46
CA THR E 33 -7.16 13.59 18.58
C THR E 33 -7.40 12.96 17.21
N GLU E 34 -7.84 13.75 16.22
CA GLU E 34 -7.98 13.19 14.88
C GLU E 34 -6.58 13.22 14.28
N VAL E 35 -5.85 14.29 14.60
CA VAL E 35 -4.50 14.50 14.09
C VAL E 35 -3.59 13.40 14.63
N HIS E 36 -3.81 13.06 15.89
CA HIS E 36 -3.07 12.08 16.64
C HIS E 36 -3.64 10.67 16.54
N ASN E 37 -4.65 10.44 15.69
CA ASN E 37 -5.20 9.10 15.50
C ASN E 37 -5.59 8.40 16.78
N VAL E 38 -6.20 9.13 17.70
CA VAL E 38 -6.54 8.57 18.99
C VAL E 38 -7.52 7.42 18.96
N TRP E 39 -8.54 7.50 18.12
CA TRP E 39 -9.49 6.42 18.12
C TRP E 39 -10.00 6.25 16.71
N ALA E 40 -10.81 7.21 16.28
CA ALA E 40 -11.18 7.28 14.89
C ALA E 40 -9.93 7.76 14.22
N THR E 41 -9.57 7.21 13.08
CA THR E 41 -8.33 7.66 12.46
C THR E 41 -8.48 8.45 11.17
N HIS E 42 -9.65 8.42 10.53
CA HIS E 42 -9.69 9.13 9.25
C HIS E 42 -11.09 9.58 8.80
N ALA E 43 -11.75 8.81 7.92
CA ALA E 43 -13.01 9.28 7.33
C ALA E 43 -14.27 9.03 8.12
N CYS E 44 -14.34 9.61 9.31
CA CYS E 44 -15.57 9.53 10.07
C CYS E 44 -16.20 10.89 9.83
N VAL E 45 -17.41 10.92 9.31
CA VAL E 45 -17.99 12.17 8.86
C VAL E 45 -18.60 12.99 9.98
N PRO E 46 -18.54 14.32 9.94
CA PRO E 46 -19.30 15.15 10.84
C PRO E 46 -20.75 14.70 10.66
N THR E 47 -21.42 14.47 11.77
CA THR E 47 -22.79 13.95 11.75
C THR E 47 -23.91 14.94 11.66
N ASP E 48 -25.10 14.36 11.62
CA ASP E 48 -26.37 15.04 11.57
C ASP E 48 -26.77 15.38 13.00
N PRO E 49 -26.84 16.66 13.41
CA PRO E 49 -27.15 17.07 14.76
C PRO E 49 -28.57 16.68 15.18
N ASN E 50 -29.45 16.38 14.21
CA ASN E 50 -30.80 16.02 14.55
C ASN E 50 -31.32 14.82 13.76
N PRO E 51 -30.85 13.58 14.04
CA PRO E 51 -31.24 12.37 13.36
C PRO E 51 -32.73 12.17 13.56
N GLN E 52 -33.38 11.57 12.59
CA GLN E 52 -34.81 11.34 12.67
C GLN E 52 -35.18 9.92 13.09
N GLU E 53 -36.40 9.80 13.64
CA GLU E 53 -36.93 8.50 14.01
C GLU E 53 -38.44 8.39 13.76
N VAL E 54 -38.87 7.26 13.19
CA VAL E 54 -40.30 7.03 12.88
C VAL E 54 -40.88 5.84 13.57
N VAL E 55 -41.89 6.04 14.40
CA VAL E 55 -42.48 4.88 15.08
C VAL E 55 -43.57 4.28 14.22
N LEU E 56 -43.50 2.98 14.02
CA LEU E 56 -44.44 2.27 13.17
C LEU E 56 -45.53 1.59 14.01
N GLU E 57 -46.75 2.11 13.89
CA GLU E 57 -47.89 1.68 14.70
C GLU E 57 -48.20 0.20 14.69
N ASN E 58 -48.07 -0.41 13.54
CA ASN E 58 -48.38 -1.81 13.36
C ASN E 58 -47.15 -2.71 13.19
N VAL E 59 -45.97 -2.25 13.61
CA VAL E 59 -44.80 -3.10 13.42
C VAL E 59 -44.14 -3.59 14.67
N THR E 60 -43.92 -4.89 14.70
CA THR E 60 -43.18 -5.58 15.72
C THR E 60 -42.19 -6.39 14.92
N GLU E 61 -41.08 -6.82 15.50
CA GLU E 61 -40.13 -7.60 14.69
C GLU E 61 -39.22 -8.53 15.47
N ASN E 62 -39.03 -9.75 14.93
CA ASN E 62 -38.14 -10.74 15.52
C ASN E 62 -36.70 -10.27 15.52
N PHE E 63 -36.11 -10.34 16.70
CA PHE E 63 -34.77 -9.89 16.94
C PHE E 63 -33.98 -10.94 17.69
N ASN E 64 -32.71 -11.13 17.33
CA ASN E 64 -31.83 -12.04 18.06
C ASN E 64 -30.49 -11.37 18.25
N MET E 65 -30.14 -11.06 19.50
CA MET E 65 -28.94 -10.26 19.73
C MET E 65 -27.65 -10.91 19.28
N TRP E 66 -27.60 -12.22 19.22
CA TRP E 66 -26.36 -12.87 18.85
C TRP E 66 -26.18 -12.92 17.34
N LYS E 67 -27.14 -12.36 16.62
CA LYS E 67 -27.10 -12.27 15.19
C LYS E 67 -26.70 -10.87 14.75
N ASN E 68 -26.28 -10.03 15.70
CA ASN E 68 -25.91 -8.67 15.36
C ASN E 68 -24.48 -8.65 14.80
N ASN E 69 -24.36 -9.16 13.58
CA ASN E 69 -23.07 -9.41 12.93
C ASN E 69 -22.39 -8.17 12.44
N MET E 70 -23.10 -7.06 12.48
CA MET E 70 -22.53 -5.79 12.05
C MET E 70 -21.45 -5.41 13.05
N VAL E 71 -21.49 -6.02 14.24
CA VAL E 71 -20.53 -5.78 15.27
C VAL E 71 -19.18 -6.36 14.88
N GLU E 72 -19.21 -7.46 14.10
CA GLU E 72 -17.99 -8.11 13.71
C GLU E 72 -17.33 -7.22 12.73
N GLN E 73 -18.14 -6.59 11.89
CA GLN E 73 -17.57 -5.72 10.89
C GLN E 73 -16.90 -4.53 11.55
N MET E 74 -17.53 -4.01 12.61
CA MET E 74 -16.92 -2.87 13.29
C MET E 74 -15.64 -3.25 13.98
N HIS E 75 -15.59 -4.43 14.60
CA HIS E 75 -14.39 -4.81 15.31
C HIS E 75 -13.27 -5.02 14.31
N GLU E 76 -13.59 -5.62 13.16
CA GLU E 76 -12.54 -5.84 12.19
C GLU E 76 -12.01 -4.49 11.72
N ASP E 77 -12.88 -3.49 11.56
CA ASP E 77 -12.38 -2.20 11.11
C ASP E 77 -11.53 -1.54 12.16
N ILE E 78 -11.87 -1.62 13.45
CA ILE E 78 -11.00 -0.90 14.37
C ILE E 78 -9.61 -1.54 14.34
N ILE E 79 -9.55 -2.85 14.14
CA ILE E 79 -8.26 -3.49 14.07
C ILE E 79 -7.50 -2.98 12.88
N SER E 80 -8.15 -2.94 11.71
CA SER E 80 -7.49 -2.50 10.50
C SER E 80 -7.08 -1.04 10.55
N LEU E 81 -7.91 -0.19 11.13
CA LEU E 81 -7.62 1.22 11.21
C LEU E 81 -6.41 1.46 12.10
N TRP E 82 -6.32 0.74 13.21
CA TRP E 82 -5.17 0.93 14.08
C TRP E 82 -3.94 0.26 13.49
N ASP E 83 -4.13 -0.81 12.75
CA ASP E 83 -3.00 -1.49 12.15
C ASP E 83 -2.36 -0.53 11.15
N GLN E 84 -3.18 0.21 10.41
CA GLN E 84 -2.63 1.17 9.46
C GLN E 84 -1.91 2.29 10.17
N SER E 85 -2.46 2.76 11.30
CA SER E 85 -1.86 3.85 12.04
C SER E 85 -0.50 3.48 12.59
N LEU E 86 -0.34 2.21 12.91
CA LEU E 86 0.89 1.71 13.47
C LEU E 86 1.94 1.30 12.44
N LYS E 87 1.70 1.52 11.15
CA LYS E 87 2.72 1.16 10.20
C LYS E 87 3.24 2.38 9.44
N PRO E 88 4.55 2.47 9.18
CA PRO E 88 5.71 1.66 9.59
C PRO E 88 6.29 2.16 10.91
N CYS E 89 5.43 2.78 11.68
CA CYS E 89 5.72 3.44 12.94
C CYS E 89 6.20 2.48 14.02
N VAL E 90 7.22 2.90 14.75
CA VAL E 90 7.79 2.19 15.88
C VAL E 90 7.98 0.66 15.83
N LYS E 91 8.91 0.24 14.99
CA LYS E 91 9.35 -1.15 14.92
C LYS E 91 10.36 -1.34 16.05
N LEU E 92 10.11 -2.26 16.99
CA LEU E 92 11.01 -2.42 18.14
C LEU E 92 11.75 -3.75 18.18
N THR E 93 11.78 -4.46 17.05
CA THR E 93 12.50 -5.72 16.94
C THR E 93 13.99 -5.61 17.34
N PRO E 94 14.78 -4.60 16.88
CA PRO E 94 16.19 -4.43 17.17
C PRO E 94 16.49 -4.19 18.63
N LEU E 95 15.46 -3.98 19.45
CA LEU E 95 15.70 -3.70 20.82
C LEU E 95 15.72 -4.94 21.69
N CYS E 96 15.53 -6.14 21.12
CA CYS E 96 15.63 -7.25 22.07
C CYS E 96 17.09 -7.54 22.38
N VAL E 97 17.50 -6.98 23.49
CA VAL E 97 18.84 -7.09 24.00
C VAL E 97 18.67 -7.53 25.43
N THR E 98 19.70 -8.02 26.08
CA THR E 98 19.43 -8.37 27.45
C THR E 98 19.50 -7.16 28.35
N LEU E 99 18.86 -7.30 29.50
CA LEU E 99 18.81 -6.29 30.55
C LEU E 99 19.38 -6.81 31.82
N ASN E 100 20.22 -6.04 32.50
CA ASN E 100 20.76 -6.53 33.78
C ASN E 100 20.29 -5.70 34.97
N CYS E 101 19.53 -6.34 35.87
CA CYS E 101 18.96 -5.64 37.03
C CYS E 101 18.39 -6.51 38.13
N THR E 102 18.46 -5.97 39.34
CA THR E 102 17.84 -6.59 40.49
C THR E 102 16.79 -5.75 41.23
N ASP E 103 16.82 -4.42 41.11
CA ASP E 103 15.90 -3.59 41.91
C ASP E 103 15.71 -2.16 41.33
N LEU E 104 14.88 -1.35 42.00
CA LEU E 104 14.62 0.07 41.66
C LEU E 104 14.44 1.05 42.82
N ARG E 105 15.13 2.19 42.75
CA ARG E 105 14.96 3.25 43.73
C ARG E 105 14.69 4.58 43.04
N GLU E 124 6.41 -3.45 48.69
CA GLU E 124 6.05 -4.41 47.65
C GLU E 124 7.31 -4.98 47.01
N GLY E 125 7.14 -5.87 46.04
CA GLY E 125 8.30 -6.48 45.39
C GLY E 125 8.85 -5.64 44.25
N GLY E 126 9.92 -6.12 43.63
CA GLY E 126 10.61 -5.42 42.53
C GLY E 126 9.92 -5.56 41.17
N GLU E 127 8.67 -5.10 41.09
CA GLU E 127 7.91 -5.18 39.84
C GLU E 127 8.62 -4.42 38.76
N ILE E 128 9.17 -3.28 39.13
CA ILE E 128 9.84 -2.45 38.17
C ILE E 128 11.30 -2.39 38.58
N LYS E 129 12.19 -2.64 37.63
CA LYS E 129 13.61 -2.60 37.91
C LYS E 129 14.35 -1.64 37.00
N ASN E 130 15.46 -1.07 37.51
CA ASN E 130 16.31 -0.20 36.71
C ASN E 130 17.42 -0.99 36.06
N CYS E 131 17.30 -1.19 34.75
CA CYS E 131 18.20 -2.11 34.10
C CYS E 131 19.10 -1.49 33.09
N SER E 132 20.30 -2.05 32.98
CA SER E 132 21.25 -1.61 31.97
C SER E 132 21.26 -2.53 30.78
N PHE E 133 21.56 -1.95 29.63
CA PHE E 133 21.65 -2.67 28.37
C PHE E 133 22.36 -1.88 27.29
N ASN E 134 22.79 -2.54 26.21
CA ASN E 134 23.25 -1.76 25.07
C ASN E 134 22.48 -2.08 23.81
N ILE E 135 22.33 -1.06 22.98
CA ILE E 135 21.74 -1.18 21.65
C ILE E 135 22.72 -0.54 20.69
N THR E 136 22.55 -0.78 19.41
CA THR E 136 23.42 -0.14 18.44
C THR E 136 22.61 0.97 17.81
N THR E 137 22.28 0.75 16.54
CA THR E 137 21.50 1.59 15.66
C THR E 137 21.71 3.09 15.82
N SER E 138 20.91 3.85 15.08
CA SER E 138 21.01 5.31 15.05
C SER E 138 22.46 5.73 14.83
N MET E 139 23.09 5.04 13.87
CA MET E 139 24.49 5.10 13.44
C MET E 139 25.10 3.72 13.59
N ARG E 140 25.64 3.21 12.49
CA ARG E 140 26.15 1.84 12.51
C ARG E 140 27.59 1.74 12.97
N ASP E 141 28.16 2.88 13.31
CA ASP E 141 29.52 2.96 13.80
C ASP E 141 29.58 2.81 15.32
N LYS E 142 28.44 2.77 16.01
CA LYS E 142 28.52 2.74 17.48
C LYS E 142 27.56 1.81 18.20
N VAL E 143 28.00 1.35 19.37
CA VAL E 143 27.15 0.63 20.31
C VAL E 143 27.10 1.48 21.58
N GLN E 144 25.91 1.67 22.12
CA GLN E 144 25.74 2.52 23.28
C GLN E 144 24.98 1.88 24.44
N LYS E 145 25.57 1.92 25.64
CA LYS E 145 24.89 1.40 26.81
C LYS E 145 23.99 2.48 27.40
N GLU E 146 22.88 2.07 28.00
CA GLU E 146 21.94 3.00 28.62
C GLU E 146 21.14 2.30 29.73
N TYR E 147 20.29 3.08 30.41
CA TYR E 147 19.38 2.57 31.43
C TYR E 147 17.94 2.92 31.15
N ALA E 148 17.04 2.04 31.58
CA ALA E 148 15.61 2.30 31.48
C ALA E 148 14.88 1.44 32.47
N LEU E 149 13.64 1.76 32.75
CA LEU E 149 12.92 0.90 33.67
C LEU E 149 12.09 -0.12 32.95
N PHE E 150 12.08 -1.32 33.51
CA PHE E 150 11.33 -2.40 32.94
C PHE E 150 10.46 -3.10 33.96
N TYR E 151 9.37 -3.65 33.49
CA TYR E 151 8.44 -4.39 34.33
C TYR E 151 8.67 -5.87 34.24
N LYS E 152 8.53 -6.58 35.36
CA LYS E 152 8.69 -8.03 35.40
C LYS E 152 7.67 -8.71 34.51
N LEU E 153 6.57 -8.04 34.28
CA LEU E 153 5.44 -8.52 33.54
C LEU E 153 5.73 -8.59 32.07
N ASP E 154 6.75 -7.85 31.64
CA ASP E 154 7.14 -7.76 30.26
C ASP E 154 8.51 -8.38 29.95
N VAL E 155 9.12 -9.10 30.92
CA VAL E 155 10.45 -9.67 30.68
C VAL E 155 10.60 -11.13 31.11
N VAL E 156 11.64 -11.78 30.60
CA VAL E 156 12.00 -13.15 30.96
C VAL E 156 13.42 -13.25 31.51
N PRO E 157 13.62 -13.77 32.74
CA PRO E 157 14.91 -13.94 33.40
C PRO E 157 15.92 -14.82 32.66
N ILE E 158 17.18 -14.44 32.78
CA ILE E 158 18.35 -15.09 32.22
C ILE E 158 19.41 -15.40 33.30
N LYS E 159 19.88 -16.63 33.29
CA LYS E 159 20.87 -17.12 34.22
C LYS E 159 22.28 -16.57 33.99
N ASN E 160 23.02 -16.51 35.10
CA ASN E 160 24.45 -16.19 35.20
C ASN E 160 24.97 -14.84 34.69
N ASP E 161 24.18 -13.78 34.76
CA ASP E 161 24.70 -12.45 34.37
C ASP E 161 24.05 -11.28 35.11
N ASN E 162 24.30 -11.16 36.41
CA ASN E 162 23.73 -10.08 37.21
C ASN E 162 22.22 -9.98 37.08
N THR E 163 21.54 -11.13 37.07
CA THR E 163 20.09 -11.21 36.91
C THR E 163 19.70 -10.57 35.58
N SER E 164 19.91 -11.32 34.51
CA SER E 164 19.68 -10.81 33.20
C SER E 164 18.28 -11.11 32.73
N TYR E 165 17.74 -10.28 31.86
CA TYR E 165 16.43 -10.52 31.28
C TYR E 165 16.38 -10.31 29.79
N ARG E 166 15.47 -10.97 29.12
CA ARG E 166 15.21 -10.69 27.72
C ARG E 166 13.79 -10.21 27.59
N LEU E 167 13.52 -9.56 26.50
CA LEU E 167 12.18 -9.08 26.21
C LEU E 167 11.21 -10.27 26.17
N ILE E 168 10.06 -10.14 26.81
CA ILE E 168 9.14 -11.29 26.80
C ILE E 168 8.64 -11.67 25.42
N SER E 169 8.56 -10.69 24.52
CA SER E 169 8.13 -10.90 23.15
C SER E 169 9.32 -11.21 22.23
N CYS E 170 10.53 -11.31 22.78
CA CYS E 170 11.73 -11.47 21.99
C CYS E 170 11.68 -12.62 21.01
N ASN E 171 11.13 -13.75 21.44
CA ASN E 171 11.09 -14.93 20.60
C ASN E 171 9.70 -15.20 20.03
N THR E 172 8.83 -14.21 20.02
CA THR E 172 7.51 -14.45 19.45
C THR E 172 6.90 -13.28 18.68
N SER E 173 6.20 -13.62 17.60
CA SER E 173 5.44 -12.67 16.80
C SER E 173 6.15 -11.42 16.25
N VAL E 174 5.57 -10.27 16.57
CA VAL E 174 6.03 -8.95 16.14
C VAL E 174 6.29 -8.06 17.33
N ILE E 175 7.43 -7.39 17.32
CA ILE E 175 7.72 -6.52 18.44
C ILE E 175 7.50 -5.06 18.05
N THR E 176 6.51 -4.42 18.64
CA THR E 176 6.23 -3.03 18.32
C THR E 176 5.84 -2.19 19.51
N GLN E 177 5.51 -0.94 19.24
CA GLN E 177 5.11 0.05 20.24
C GLN E 177 3.91 0.83 19.77
N ALA E 178 3.11 1.32 20.69
CA ALA E 178 2.08 2.26 20.27
C ALA E 178 2.79 3.52 19.79
N CYS E 179 2.36 4.15 18.71
CA CYS E 179 3.06 5.35 18.33
C CYS E 179 2.83 6.37 19.46
N PRO E 180 3.87 6.98 20.05
CA PRO E 180 3.82 7.90 21.18
C PRO E 180 2.87 9.09 21.09
N LYS E 181 2.55 9.58 19.90
CA LYS E 181 1.63 10.72 19.85
C LYS E 181 0.20 10.25 20.04
N VAL E 182 -0.03 8.95 19.96
CA VAL E 182 -1.37 8.45 19.95
C VAL E 182 -1.81 7.94 21.32
N SER E 183 -2.81 8.58 21.89
CA SER E 183 -3.42 8.17 23.14
C SER E 183 -4.55 7.30 22.68
N PHE E 184 -5.24 6.59 23.56
CA PHE E 184 -6.38 5.82 23.06
C PHE E 184 -7.63 6.07 23.86
N GLU E 185 -8.13 7.29 23.81
CA GLU E 185 -9.33 7.68 24.50
C GLU E 185 -10.51 7.34 23.60
N PRO E 186 -11.46 6.52 24.03
CA PRO E 186 -12.62 6.17 23.25
C PRO E 186 -13.40 7.39 22.84
N ILE E 187 -13.75 7.43 21.58
CA ILE E 187 -14.51 8.52 21.02
C ILE E 187 -15.85 7.97 20.60
N PRO E 188 -16.97 8.57 21.02
CA PRO E 188 -18.31 8.11 20.77
C PRO E 188 -18.77 8.34 19.35
N ILE E 189 -18.15 7.62 18.42
CA ILE E 189 -18.48 7.66 17.01
C ILE E 189 -19.64 6.71 16.84
N HIS E 190 -20.62 7.08 16.03
CA HIS E 190 -21.81 6.27 15.81
C HIS E 190 -22.03 5.95 14.38
N TYR E 191 -23.05 5.13 14.12
CA TYR E 191 -23.32 4.82 12.74
C TYR E 191 -24.74 5.14 12.36
N CYS E 192 -24.87 5.58 11.11
CA CYS E 192 -26.14 5.92 10.48
C CYS E 192 -26.51 5.03 9.29
N ALA E 193 -25.73 3.96 9.06
CA ALA E 193 -25.92 3.04 7.93
C ALA E 193 -25.71 3.77 6.57
N PRO E 194 -25.29 3.07 5.50
CA PRO E 194 -25.12 3.57 4.15
C PRO E 194 -26.45 3.82 3.44
N ALA E 195 -26.43 4.60 2.37
CA ALA E 195 -27.67 4.87 1.65
C ALA E 195 -28.32 3.58 1.16
N GLY E 196 -29.64 3.52 1.29
CA GLY E 196 -30.44 2.34 0.91
C GLY E 196 -30.74 1.46 2.12
N PHE E 197 -30.14 1.84 3.26
CA PHE E 197 -30.28 1.14 4.52
C PHE E 197 -30.82 2.04 5.62
N ALA E 198 -31.37 1.40 6.64
CA ALA E 198 -31.90 2.08 7.82
C ALA E 198 -31.73 1.20 9.04
N ILE E 199 -31.88 1.78 10.21
CA ILE E 199 -31.77 1.04 11.44
C ILE E 199 -33.15 0.82 12.08
N LEU E 200 -33.47 -0.42 12.43
CA LEU E 200 -34.75 -0.68 13.07
C LEU E 200 -34.56 -0.92 14.54
N LYS E 201 -35.13 -0.04 15.35
CA LYS E 201 -34.91 -0.12 16.79
C LYS E 201 -36.17 -0.56 17.53
N CYS E 202 -35.97 -1.44 18.52
CA CYS E 202 -37.01 -2.02 19.36
C CYS E 202 -37.74 -1.03 20.24
N ASN E 203 -37.00 -0.09 20.83
CA ASN E 203 -37.52 0.98 21.69
C ASN E 203 -38.45 0.53 22.81
N ASP E 204 -38.14 -0.55 23.49
CA ASP E 204 -39.01 -1.00 24.55
C ASP E 204 -38.24 -1.48 25.76
N LYS E 205 -38.96 -1.96 26.75
CA LYS E 205 -38.36 -2.40 27.99
C LYS E 205 -38.56 -3.86 28.23
N LYS E 206 -37.63 -4.44 28.99
CA LYS E 206 -37.68 -5.82 29.42
C LYS E 206 -37.76 -6.81 28.28
N PHE E 207 -37.00 -6.52 27.23
CA PHE E 207 -36.88 -7.39 26.08
C PHE E 207 -35.69 -8.28 26.35
N ASN E 208 -35.85 -9.59 26.12
CA ASN E 208 -34.87 -10.62 26.43
C ASN E 208 -33.78 -10.92 25.40
N GLY E 209 -33.72 -10.16 24.34
CA GLY E 209 -32.70 -10.35 23.31
C GLY E 209 -33.11 -11.37 22.28
N THR E 210 -34.32 -11.89 22.40
CA THR E 210 -34.80 -12.89 21.45
C THR E 210 -36.31 -12.79 21.22
N GLY E 211 -36.76 -13.25 20.06
CA GLY E 211 -38.18 -13.19 19.78
C GLY E 211 -38.48 -11.76 19.37
N PRO E 212 -39.73 -11.38 19.16
CA PRO E 212 -40.09 -10.07 18.72
C PRO E 212 -39.94 -9.03 19.79
N CYS E 213 -39.62 -7.83 19.35
CA CYS E 213 -39.64 -6.64 20.17
C CYS E 213 -40.75 -5.80 19.59
N THR E 214 -41.35 -4.88 20.37
CA THR E 214 -42.55 -4.23 19.82
C THR E 214 -42.62 -2.75 19.49
N ASN E 215 -41.75 -1.86 19.98
CA ASN E 215 -41.97 -0.44 19.66
C ASN E 215 -41.08 -0.09 18.48
N VAL E 216 -41.29 -0.80 17.40
CA VAL E 216 -40.36 -0.70 16.30
C VAL E 216 -40.44 0.61 15.57
N SER E 217 -39.27 1.20 15.38
CA SER E 217 -39.13 2.46 14.69
C SER E 217 -37.97 2.51 13.70
N THR E 218 -38.12 3.37 12.70
CA THR E 218 -37.07 3.62 11.73
C THR E 218 -36.13 4.58 12.36
N VAL E 219 -34.87 4.25 12.36
CA VAL E 219 -33.85 5.06 12.92
C VAL E 219 -32.81 5.46 11.90
N GLN E 220 -32.54 6.76 11.85
CA GLN E 220 -31.52 7.25 10.96
C GLN E 220 -30.14 6.95 11.52
N CYS E 221 -29.92 7.24 12.79
CA CYS E 221 -28.65 7.03 13.44
C CYS E 221 -28.91 6.55 14.84
N THR E 222 -27.95 5.87 15.46
CA THR E 222 -28.17 5.48 16.85
C THR E 222 -27.29 6.21 17.84
N HIS E 223 -26.27 5.52 18.33
CA HIS E 223 -25.50 6.10 19.41
C HIS E 223 -24.04 5.89 19.25
N GLY E 224 -23.26 6.80 19.82
CA GLY E 224 -21.83 6.65 19.77
C GLY E 224 -21.43 5.65 20.79
N ILE E 225 -20.35 4.95 20.54
CA ILE E 225 -19.89 4.01 21.53
C ILE E 225 -18.47 4.31 21.94
N ARG E 226 -18.16 4.04 23.19
CA ARG E 226 -16.82 4.27 23.72
C ARG E 226 -16.22 3.04 24.38
N PRO E 227 -15.97 1.95 23.64
CA PRO E 227 -15.47 0.71 24.14
C PRO E 227 -14.03 0.80 24.51
N VAL E 228 -13.62 -0.01 25.47
CA VAL E 228 -12.23 -0.07 25.87
C VAL E 228 -11.76 -1.48 25.92
N VAL E 229 -10.46 -1.64 25.99
CA VAL E 229 -9.96 -2.96 26.24
C VAL E 229 -10.22 -3.25 27.69
N SER E 230 -10.87 -4.37 27.92
CA SER E 230 -11.25 -4.82 29.24
C SER E 230 -11.41 -6.32 29.20
N THR E 231 -11.64 -6.91 30.36
CA THR E 231 -11.79 -8.35 30.50
C THR E 231 -13.17 -8.68 31.08
N GLN E 232 -13.24 -8.74 32.39
CA GLN E 232 -14.42 -9.08 33.17
C GLN E 232 -15.40 -7.91 33.24
N LEU E 233 -14.84 -6.73 33.10
CA LEU E 233 -15.51 -5.44 33.26
C LEU E 233 -15.93 -4.71 32.01
N LEU E 234 -17.13 -4.15 32.07
CA LEU E 234 -17.61 -3.28 31.02
C LEU E 234 -17.68 -1.89 31.65
N LEU E 235 -16.84 -0.97 31.19
CA LEU E 235 -16.82 0.36 31.77
C LEU E 235 -17.19 1.39 30.72
N ASN E 236 -17.76 2.49 31.19
CA ASN E 236 -18.18 3.65 30.41
C ASN E 236 -19.10 3.31 29.23
N GLY E 237 -20.02 2.37 29.41
CA GLY E 237 -20.99 2.03 28.40
C GLY E 237 -22.32 2.62 28.81
N SER E 238 -23.42 2.08 28.28
CA SER E 238 -24.72 2.59 28.64
C SER E 238 -25.24 1.87 29.88
N LEU E 239 -26.22 2.48 30.54
CA LEU E 239 -26.89 1.88 31.69
C LEU E 239 -28.30 1.44 31.37
N ALA E 240 -28.76 0.46 32.14
CA ALA E 240 -30.10 -0.09 32.12
C ALA E 240 -31.06 0.96 32.68
N GLU E 241 -32.29 0.94 32.22
CA GLU E 241 -33.26 1.95 32.65
C GLU E 241 -33.75 1.90 34.09
N GLU E 242 -34.03 0.71 34.60
CA GLU E 242 -34.64 0.62 35.93
C GLU E 242 -33.93 -0.26 36.94
N GLU E 243 -33.37 -1.34 36.45
CA GLU E 243 -32.80 -2.41 37.26
C GLU E 243 -31.65 -3.02 36.51
N VAL E 244 -30.77 -3.74 37.19
CA VAL E 244 -29.69 -4.37 36.42
C VAL E 244 -30.33 -5.39 35.48
N VAL E 245 -29.82 -5.45 34.27
CA VAL E 245 -30.32 -6.34 33.24
C VAL E 245 -29.36 -7.44 32.86
N ILE E 246 -29.81 -8.68 32.97
CA ILE E 246 -28.94 -9.80 32.66
C ILE E 246 -29.37 -10.54 31.39
N ARG E 247 -28.46 -10.61 30.41
CA ARG E 247 -28.78 -11.25 29.13
C ARG E 247 -27.74 -12.26 28.66
N SER E 248 -28.23 -13.31 28.01
CA SER E 248 -27.37 -14.33 27.43
C SER E 248 -28.11 -14.94 26.28
N ALA E 249 -27.42 -15.42 25.24
CA ALA E 249 -28.18 -16.01 24.16
C ALA E 249 -29.01 -17.17 24.66
N ASN E 250 -28.44 -17.95 25.58
CA ASN E 250 -29.13 -19.04 26.22
C ASN E 250 -28.32 -19.54 27.42
N PHE E 251 -28.67 -19.11 28.63
CA PHE E 251 -27.88 -19.49 29.81
C PHE E 251 -28.09 -20.94 30.23
N THR E 252 -28.95 -21.64 29.48
CA THR E 252 -29.20 -23.05 29.70
C THR E 252 -27.88 -23.75 29.62
N ASP E 253 -27.03 -23.36 28.66
CA ASP E 253 -25.77 -24.04 28.50
C ASP E 253 -24.66 -23.23 29.19
N ASN E 254 -23.61 -23.92 29.60
CA ASN E 254 -22.46 -23.24 30.19
C ASN E 254 -21.49 -22.87 29.08
N ALA E 255 -21.95 -23.10 27.85
CA ALA E 255 -21.27 -22.78 26.61
C ALA E 255 -21.60 -21.36 26.15
N LYS E 256 -22.55 -20.71 26.83
CA LYS E 256 -22.95 -19.35 26.46
C LYS E 256 -22.44 -18.45 27.55
N ILE E 257 -22.38 -17.14 27.29
CA ILE E 257 -21.88 -16.17 28.27
C ILE E 257 -22.96 -15.18 28.68
N ILE E 258 -22.97 -14.80 29.97
CA ILE E 258 -23.93 -13.85 30.50
C ILE E 258 -23.36 -12.43 30.63
N ILE E 259 -24.03 -11.48 30.02
CA ILE E 259 -23.58 -10.11 30.08
C ILE E 259 -24.54 -9.32 30.98
N VAL E 260 -23.97 -8.62 31.94
CA VAL E 260 -24.77 -7.89 32.89
C VAL E 260 -24.64 -6.39 32.71
N GLN E 261 -25.77 -5.72 32.54
CA GLN E 261 -25.83 -4.27 32.42
C GLN E 261 -26.35 -3.67 33.73
N LEU E 262 -25.69 -2.68 34.24
CA LEU E 262 -26.14 -2.08 35.48
C LEU E 262 -27.09 -0.93 35.19
N ASN E 263 -28.01 -0.60 36.10
CA ASN E 263 -28.84 0.60 35.92
C ASN E 263 -28.24 1.81 36.62
N LYS E 264 -27.09 1.60 37.24
CA LYS E 264 -26.34 2.62 37.96
C LYS E 264 -24.89 2.39 37.67
N SER E 265 -24.11 3.44 37.48
CA SER E 265 -22.70 3.20 37.30
C SER E 265 -22.01 3.19 38.65
N VAL E 266 -20.84 2.58 38.71
CA VAL E 266 -20.04 2.57 39.94
C VAL E 266 -18.66 3.20 39.67
N GLU E 267 -18.28 4.20 40.45
CA GLU E 267 -17.02 4.89 40.16
C GLU E 267 -15.75 4.04 40.29
N ILE E 268 -14.87 4.26 39.31
CA ILE E 268 -13.54 3.70 39.17
C ILE E 268 -12.52 4.83 39.38
N ASN E 269 -11.60 4.63 40.30
CA ASN E 269 -10.63 5.70 40.60
C ASN E 269 -9.17 5.27 40.78
N CYS E 270 -8.43 5.11 39.69
CA CYS E 270 -7.00 4.75 39.79
C CYS E 270 -6.09 5.93 39.48
N THR E 271 -4.90 5.92 40.06
CA THR E 271 -3.87 6.88 39.71
C THR E 271 -2.59 6.12 39.40
N ARG E 272 -1.63 6.77 38.74
CA ARG E 272 -0.37 6.11 38.38
C ARG E 272 0.28 5.21 39.45
N PRO E 273 0.33 5.56 40.75
CA PRO E 273 0.04 6.76 41.53
C PRO E 273 1.30 7.54 41.88
N ASN E 274 2.17 7.77 40.92
CA ASN E 274 3.44 8.41 41.18
C ASN E 274 3.77 9.20 39.94
N ASN E 275 4.86 9.97 39.92
CA ASN E 275 5.12 10.76 38.72
C ASN E 275 6.27 10.22 37.92
N ASN E 276 6.04 9.53 36.82
CA ASN E 276 7.23 9.00 36.18
C ASN E 276 7.73 9.96 35.12
N THR E 277 8.86 9.62 34.52
CA THR E 277 9.46 10.37 33.45
C THR E 277 9.60 9.44 32.28
N ARG E 278 9.99 9.97 31.14
CA ARG E 278 10.21 9.14 29.98
C ARG E 278 11.61 9.40 29.48
N LYS E 279 12.20 8.36 28.93
CA LYS E 279 13.55 8.41 28.40
C LYS E 279 13.52 8.06 26.96
N SER E 280 14.52 8.47 26.21
CA SER E 280 14.49 8.09 24.84
C SER E 280 15.05 6.70 24.55
N ILE E 281 14.61 6.15 23.44
CA ILE E 281 15.17 4.93 22.88
C ILE E 281 15.68 5.26 21.51
N HIS E 282 16.96 5.32 21.27
CA HIS E 282 17.37 5.72 19.93
C HIS E 282 17.34 4.56 18.94
N ILE E 283 16.13 4.18 18.53
CA ILE E 283 15.81 3.04 17.67
C ILE E 283 16.45 3.13 16.29
N GLY E 284 16.44 4.29 15.70
CA GLY E 284 17.02 4.45 14.39
C GLY E 284 16.73 5.82 13.83
N PRO E 285 17.30 6.16 12.68
CA PRO E 285 17.13 7.45 12.05
C PRO E 285 15.67 7.75 11.78
N GLY E 286 15.20 8.89 12.25
CA GLY E 286 13.83 9.31 11.98
C GLY E 286 12.74 8.61 12.78
N ARG E 287 13.12 7.76 13.72
CA ARG E 287 12.14 7.00 14.47
C ARG E 287 11.64 7.71 15.72
N ALA E 288 10.48 7.26 16.21
CA ALA E 288 10.00 7.71 17.50
C ALA E 288 10.85 7.02 18.52
N PHE E 289 11.25 7.71 19.56
CA PHE E 289 12.15 7.11 20.52
C PHE E 289 11.74 7.07 21.97
N TYR E 290 10.75 6.30 22.42
CA TYR E 290 10.46 6.38 23.88
C TYR E 290 10.30 5.12 24.69
N THR E 291 10.81 5.20 25.92
CA THR E 291 10.72 4.17 26.96
C THR E 291 10.35 4.74 28.32
N THR E 292 10.29 3.86 29.31
CA THR E 292 9.94 4.26 30.68
C THR E 292 11.15 4.78 31.44
N GLY E 293 10.99 5.97 32.03
CA GLY E 293 12.06 6.63 32.77
C GLY E 293 11.90 6.54 34.27
N GLU E 294 12.51 7.51 34.94
CA GLU E 294 12.62 7.65 36.38
C GLU E 294 11.30 7.95 37.08
N ILE E 295 11.27 7.66 38.38
CA ILE E 295 10.09 8.00 39.15
C ILE E 295 10.37 9.14 40.10
N ILE E 296 9.54 10.16 39.99
CA ILE E 296 9.56 11.36 40.77
C ILE E 296 8.67 11.17 41.98
N GLY E 297 9.25 11.44 43.14
CA GLY E 297 8.58 11.26 44.39
C GLY E 297 8.73 9.81 44.79
N ASP E 298 7.98 9.38 45.77
CA ASP E 298 8.11 8.03 46.24
C ASP E 298 7.57 7.09 45.19
N ILE E 299 8.08 5.88 45.17
CA ILE E 299 7.52 4.90 44.27
C ILE E 299 6.36 4.28 45.00
N ARG E 300 5.19 4.38 44.42
CA ARG E 300 3.97 3.91 45.04
C ARG E 300 3.22 2.95 44.13
N GLN E 301 2.45 2.06 44.78
CA GLN E 301 1.62 1.03 44.17
C GLN E 301 0.23 1.51 43.76
N ALA E 302 -0.14 1.27 42.50
CA ALA E 302 -1.46 1.64 41.95
C ALA E 302 -2.56 0.77 42.48
N HIS E 303 -3.74 1.35 42.61
CA HIS E 303 -4.97 0.69 42.98
C HIS E 303 -6.16 1.55 42.60
N CYS E 304 -7.33 0.96 42.43
CA CYS E 304 -8.52 1.82 42.29
C CYS E 304 -9.33 1.87 43.54
N ASN E 305 -9.79 3.07 43.87
CA ASN E 305 -10.70 3.24 45.00
C ASN E 305 -12.12 3.16 44.43
N ILE E 306 -12.78 2.06 44.69
CA ILE E 306 -14.08 1.73 44.15
C ILE E 306 -15.20 2.01 45.14
N SER E 307 -16.27 2.64 44.64
CA SER E 307 -17.43 2.98 45.46
C SER E 307 -18.23 1.74 45.81
N GLY E 308 -17.68 0.99 46.77
CA GLY E 308 -18.13 -0.30 47.24
C GLY E 308 -19.58 -0.32 47.65
N THR E 309 -20.05 0.75 48.25
CA THR E 309 -21.45 0.79 48.64
C THR E 309 -22.35 0.62 47.42
N LYS E 310 -22.01 1.28 46.31
CA LYS E 310 -22.85 1.19 45.13
C LYS E 310 -22.70 -0.18 44.54
N TRP E 311 -21.48 -0.69 44.58
CA TRP E 311 -21.18 -2.00 44.06
C TRP E 311 -22.00 -3.05 44.78
N ASN E 312 -22.11 -2.91 46.09
CA ASN E 312 -22.83 -3.85 46.90
C ASN E 312 -24.32 -3.81 46.58
N ASP E 313 -24.85 -2.63 46.23
CA ASP E 313 -26.26 -2.58 45.85
C ASP E 313 -26.42 -3.31 44.54
N THR E 314 -25.44 -3.14 43.65
CA THR E 314 -25.52 -3.85 42.40
C THR E 314 -25.37 -5.33 42.66
N LEU E 315 -24.54 -5.75 43.62
CA LEU E 315 -24.46 -7.17 43.85
C LEU E 315 -25.80 -7.68 44.29
N LYS E 316 -26.50 -6.94 45.14
CA LYS E 316 -27.79 -7.44 45.54
C LYS E 316 -28.72 -7.58 44.34
N GLN E 317 -28.73 -6.60 43.44
CA GLN E 317 -29.62 -6.71 42.29
C GLN E 317 -29.22 -7.81 41.31
N ILE E 318 -27.92 -8.02 41.14
CA ILE E 318 -27.36 -9.02 40.25
C ILE E 318 -27.75 -10.38 40.78
N VAL E 319 -27.60 -10.56 42.07
CA VAL E 319 -27.96 -11.78 42.76
C VAL E 319 -29.42 -12.06 42.59
N VAL E 320 -30.26 -11.04 42.72
CA VAL E 320 -31.66 -11.28 42.50
C VAL E 320 -31.93 -11.70 41.07
N LYS E 321 -31.34 -11.04 40.10
CA LYS E 321 -31.64 -11.43 38.72
C LYS E 321 -31.09 -12.82 38.36
N LEU E 322 -30.00 -13.21 39.02
CA LEU E 322 -29.41 -14.53 38.81
C LEU E 322 -30.23 -15.61 39.52
N LYS E 323 -31.27 -15.21 40.25
CA LYS E 323 -32.16 -16.13 40.89
C LYS E 323 -33.52 -16.08 40.17
N GLU E 324 -34.00 -14.88 39.81
CA GLU E 324 -35.30 -14.74 39.17
C GLU E 324 -35.37 -15.47 37.84
N GLN E 325 -34.27 -15.45 37.10
CA GLN E 325 -34.22 -16.08 35.79
C GLN E 325 -33.92 -17.57 35.90
N PHE E 326 -33.61 -18.02 37.10
CA PHE E 326 -33.13 -19.36 37.37
C PHE E 326 -34.02 -20.20 38.28
N GLY E 327 -35.33 -20.14 38.10
CA GLY E 327 -36.24 -20.97 38.88
C GLY E 327 -36.18 -20.75 40.39
N ASN E 328 -35.97 -21.84 41.12
CA ASN E 328 -35.90 -21.80 42.56
C ASN E 328 -34.49 -21.96 43.10
N LYS E 329 -33.50 -21.65 42.28
CA LYS E 329 -32.13 -21.73 42.72
C LYS E 329 -31.90 -20.64 43.76
N THR E 330 -31.07 -20.94 44.77
CA THR E 330 -30.85 -20.00 45.86
C THR E 330 -29.56 -19.22 45.88
N ILE E 331 -28.48 -19.85 46.32
CA ILE E 331 -27.21 -19.14 46.43
C ILE E 331 -26.50 -19.04 45.11
N VAL E 332 -26.18 -17.82 44.72
CA VAL E 332 -25.52 -17.64 43.45
C VAL E 332 -24.27 -16.79 43.48
N PHE E 333 -23.45 -17.02 42.44
CA PHE E 333 -22.24 -16.25 42.08
C PHE E 333 -21.06 -16.33 43.08
N ASN E 334 -19.84 -16.44 42.55
CA ASN E 334 -18.59 -16.49 43.32
C ASN E 334 -17.40 -16.01 42.47
N HIS E 335 -16.20 -16.03 43.07
CA HIS E 335 -14.94 -15.63 42.43
C HIS E 335 -14.49 -16.50 41.27
N SER E 336 -13.55 -15.96 40.49
CA SER E 336 -13.03 -16.60 39.30
C SER E 336 -12.19 -17.82 39.58
N SER E 337 -12.01 -18.61 38.52
CA SER E 337 -11.25 -19.85 38.56
C SER E 337 -9.75 -19.71 38.34
N GLY E 338 -9.28 -18.51 38.03
CA GLY E 338 -7.87 -18.29 37.77
C GLY E 338 -7.56 -18.31 36.27
N GLY E 339 -6.28 -18.42 35.94
CA GLY E 339 -5.85 -18.30 34.54
C GLY E 339 -5.05 -17.02 34.34
N ASP E 340 -4.78 -16.69 33.09
CA ASP E 340 -3.98 -15.53 32.73
C ASP E 340 -4.70 -14.23 33.15
N PRO E 341 -3.98 -13.10 33.40
CA PRO E 341 -4.54 -11.80 33.78
C PRO E 341 -5.67 -11.34 32.88
N GLU E 342 -5.64 -11.72 31.61
CA GLU E 342 -6.67 -11.35 30.64
C GLU E 342 -8.06 -11.93 30.96
N ILE E 343 -8.11 -13.00 31.76
CA ILE E 343 -9.38 -13.57 32.18
C ILE E 343 -9.60 -13.34 33.68
N VAL E 344 -8.49 -13.20 34.44
CA VAL E 344 -8.54 -13.06 35.89
C VAL E 344 -8.68 -11.66 36.47
N MET E 345 -7.95 -10.69 35.95
CA MET E 345 -7.96 -9.35 36.53
C MET E 345 -8.84 -8.45 35.68
N HIS E 346 -9.46 -7.42 36.28
CA HIS E 346 -10.24 -6.54 35.42
C HIS E 346 -9.23 -5.62 34.79
N SER E 347 -9.56 -4.98 33.67
CA SER E 347 -8.55 -4.08 33.13
C SER E 347 -9.12 -2.87 32.43
N PHE E 348 -8.24 -1.89 32.27
CA PHE E 348 -8.51 -0.64 31.58
C PHE E 348 -7.26 0.00 31.00
N ASN E 349 -7.30 0.29 29.71
CA ASN E 349 -6.21 0.93 29.01
C ASN E 349 -6.32 2.42 29.20
N CYS E 350 -6.06 2.86 30.41
CA CYS E 350 -6.26 4.23 30.81
C CYS E 350 -5.33 5.17 30.09
N GLY E 351 -5.80 5.82 29.05
CA GLY E 351 -4.93 6.70 28.26
C GLY E 351 -3.95 5.86 27.45
N GLY E 352 -4.23 4.57 27.32
CA GLY E 352 -3.35 3.62 26.67
C GLY E 352 -2.47 2.86 27.70
N GLU E 353 -2.70 3.09 29.00
CA GLU E 353 -1.99 2.41 30.08
C GLU E 353 -2.77 1.15 30.48
N PHE E 354 -2.27 -0.01 30.11
CA PHE E 354 -3.02 -1.26 30.31
C PHE E 354 -2.91 -1.88 31.68
N PHE E 355 -3.71 -1.34 32.58
CA PHE E 355 -3.71 -1.81 33.95
C PHE E 355 -4.66 -2.94 34.19
N TYR E 356 -4.20 -3.87 35.00
CA TYR E 356 -4.96 -5.02 35.45
C TYR E 356 -5.12 -4.93 36.95
N CYS E 357 -6.33 -5.12 37.44
CA CYS E 357 -6.56 -4.96 38.87
C CYS E 357 -7.18 -6.20 39.51
N ASN E 358 -6.81 -6.44 40.76
CA ASN E 358 -7.32 -7.63 41.40
C ASN E 358 -8.70 -7.39 41.95
N SER E 359 -9.64 -7.86 41.14
CA SER E 359 -11.08 -7.74 41.26
C SER E 359 -11.70 -8.58 42.38
N THR E 360 -10.90 -9.45 42.99
CA THR E 360 -11.39 -10.39 44.02
C THR E 360 -12.24 -9.73 45.10
N GLN E 361 -11.87 -8.54 45.55
CA GLN E 361 -12.63 -7.89 46.63
C GLN E 361 -14.07 -7.56 46.23
N LEU E 362 -14.35 -7.52 44.94
CA LEU E 362 -15.68 -7.18 44.47
C LEU E 362 -16.63 -8.36 44.59
N PHE E 363 -16.09 -9.56 44.76
CA PHE E 363 -16.94 -10.72 44.81
C PHE E 363 -16.45 -11.91 45.63
N ASN E 364 -15.70 -11.69 46.70
CA ASN E 364 -15.19 -12.83 47.46
C ASN E 364 -16.21 -13.37 48.45
N SER E 365 -17.31 -13.87 47.92
CA SER E 365 -18.42 -14.44 48.67
C SER E 365 -19.41 -15.11 47.77
N THR E 366 -20.48 -15.61 48.37
CA THR E 366 -21.62 -16.15 47.63
C THR E 366 -22.88 -15.50 48.18
N TRP E 367 -23.96 -15.43 47.40
CA TRP E 367 -25.14 -14.77 47.90
C TRP E 367 -26.42 -15.52 47.67
N THR E 378 -16.18 0.79 51.05
CA THR E 378 -15.11 1.14 50.13
C THR E 378 -14.30 -0.09 49.79
N ILE E 379 -14.03 -0.27 48.51
CA ILE E 379 -13.25 -1.36 47.99
C ILE E 379 -11.99 -0.81 47.34
N VAL E 380 -10.82 -1.37 47.65
CA VAL E 380 -9.64 -0.83 46.99
C VAL E 380 -8.90 -1.93 46.27
N LEU E 381 -8.88 -1.85 44.95
CA LEU E 381 -8.35 -2.93 44.13
C LEU E 381 -6.94 -2.67 43.60
N PRO E 382 -5.89 -3.39 44.03
CA PRO E 382 -4.51 -3.22 43.62
C PRO E 382 -4.40 -3.40 42.13
N CYS E 383 -3.57 -2.59 41.49
CA CYS E 383 -3.40 -2.65 40.05
C CYS E 383 -1.94 -2.79 39.61
N ARG E 384 -1.73 -3.44 38.47
CA ARG E 384 -0.41 -3.58 37.86
C ARG E 384 -0.48 -3.24 36.39
N ILE E 385 0.61 -2.80 35.79
CA ILE E 385 0.55 -2.52 34.36
C ILE E 385 1.39 -3.40 33.49
N LYS E 386 0.75 -3.94 32.48
CA LYS E 386 1.42 -4.75 31.49
C LYS E 386 1.71 -3.77 30.37
N GLN E 387 2.98 -3.55 30.01
CA GLN E 387 3.21 -2.56 28.99
C GLN E 387 3.17 -3.14 27.59
N ILE E 388 3.44 -4.44 27.41
CA ILE E 388 3.39 -4.99 26.05
C ILE E 388 2.14 -5.83 25.85
N VAL E 389 1.21 -5.32 25.06
CA VAL E 389 -0.05 -6.01 24.93
C VAL E 389 -0.61 -6.23 23.54
N ASN E 390 -1.47 -7.24 23.44
CA ASN E 390 -2.25 -7.45 22.24
C ASN E 390 -3.55 -6.75 22.51
N MET E 391 -3.73 -5.55 21.99
CA MET E 391 -4.91 -4.79 22.39
C MET E 391 -6.21 -5.37 21.84
N TRP E 392 -6.08 -6.27 20.87
CA TRP E 392 -7.23 -6.95 20.30
C TRP E 392 -7.39 -8.36 20.84
N GLN E 393 -6.56 -8.73 21.82
CA GLN E 393 -6.59 -10.06 22.43
C GLN E 393 -6.43 -11.17 21.40
N GLU E 394 -5.68 -10.89 20.36
CA GLU E 394 -5.40 -11.79 19.24
C GLU E 394 -4.46 -11.00 18.36
N VAL E 395 -4.34 -11.35 17.08
CA VAL E 395 -3.44 -10.75 16.07
C VAL E 395 -1.98 -11.14 16.33
N GLY E 396 -1.51 -10.87 17.53
CA GLY E 396 -0.18 -11.22 17.98
C GLY E 396 0.82 -10.07 17.93
N LYS E 397 0.45 -8.97 17.30
CA LYS E 397 1.37 -7.84 17.21
C LYS E 397 1.30 -7.02 18.46
N ALA E 398 1.81 -7.58 19.53
CA ALA E 398 1.72 -6.92 20.80
C ALA E 398 2.55 -5.66 20.79
N MET E 399 2.01 -4.61 21.38
CA MET E 399 2.70 -3.35 21.38
C MET E 399 2.98 -2.81 22.76
N TYR E 400 4.15 -2.22 22.88
CA TYR E 400 4.56 -1.53 24.08
C TYR E 400 3.79 -0.24 24.28
N ALA E 401 3.34 0.01 25.50
CA ALA E 401 2.66 1.24 25.85
C ALA E 401 3.58 2.14 26.67
N PRO E 402 4.24 3.15 26.07
CA PRO E 402 5.14 4.04 26.77
C PRO E 402 4.32 4.99 27.62
N PRO E 403 4.86 5.47 28.74
CA PRO E 403 4.30 6.46 29.64
C PRO E 403 4.48 7.87 29.13
N ILE E 404 3.74 8.79 29.70
CA ILE E 404 3.95 10.21 29.54
C ILE E 404 4.17 10.75 30.96
N LYS E 405 5.09 11.70 31.11
CA LYS E 405 5.41 12.28 32.41
C LYS E 405 4.18 13.03 33.00
N GLY E 406 4.63 12.45 34.14
CA GLY E 406 3.96 12.68 35.42
C GLY E 406 2.85 11.69 35.75
N GLN E 407 2.20 11.89 36.89
CA GLN E 407 1.14 10.99 37.33
C GLN E 407 -0.11 11.28 36.56
N ILE E 408 -0.96 10.28 36.47
CA ILE E 408 -2.24 10.41 35.83
C ILE E 408 -3.35 9.93 36.74
N ARG E 409 -4.57 10.30 36.39
CA ARG E 409 -5.75 9.77 37.05
C ARG E 409 -6.68 9.19 36.02
N CYS E 410 -7.21 8.04 36.35
CA CYS E 410 -8.10 7.27 35.54
C CYS E 410 -9.49 7.31 36.10
N SER E 411 -10.24 8.30 35.62
CA SER E 411 -11.60 8.56 36.08
C SER E 411 -12.55 7.91 35.11
N SER E 412 -13.29 6.93 35.61
CA SER E 412 -14.20 6.14 34.77
C SER E 412 -15.25 5.48 35.63
N ASN E 413 -16.22 4.81 35.02
CA ASN E 413 -17.22 4.11 35.83
C ASN E 413 -17.64 2.75 35.27
N ILE E 414 -18.03 1.85 36.18
CA ILE E 414 -18.47 0.50 35.84
C ILE E 414 -19.88 0.56 35.33
N THR E 415 -20.13 0.01 34.14
CA THR E 415 -21.49 0.00 33.60
C THR E 415 -22.01 -1.43 33.44
N GLY E 416 -21.12 -2.42 33.54
CA GLY E 416 -21.51 -3.82 33.41
C GLY E 416 -20.36 -4.80 33.69
N LEU E 417 -20.67 -6.08 33.52
CA LEU E 417 -19.72 -7.17 33.75
C LEU E 417 -20.04 -8.46 32.99
N ILE E 418 -19.06 -9.36 32.91
CA ILE E 418 -19.25 -10.65 32.27
C ILE E 418 -19.21 -11.81 33.24
N LEU E 419 -20.26 -12.62 33.24
CA LEU E 419 -20.39 -13.79 34.09
C LEU E 419 -20.74 -15.08 33.38
N ILE E 420 -20.35 -16.21 33.96
CA ILE E 420 -20.92 -17.47 33.49
C ILE E 420 -20.85 -18.59 34.49
N ARG E 421 -21.84 -19.49 34.46
CA ARG E 421 -21.90 -20.65 35.32
C ARG E 421 -20.84 -21.61 34.86
N ASP E 422 -20.30 -22.40 35.78
CA ASP E 422 -19.29 -23.36 35.33
C ASP E 422 -19.87 -24.65 34.80
N GLY E 423 -20.97 -25.10 35.39
CA GLY E 423 -21.59 -26.36 35.03
C GLY E 423 -20.96 -27.57 35.74
N GLY E 424 -19.94 -27.30 36.57
CA GLY E 424 -19.17 -28.30 37.33
C GLY E 424 -19.71 -28.47 38.75
N LYS E 425 -20.89 -27.93 38.93
CA LYS E 425 -21.62 -27.87 40.19
C LYS E 425 -22.24 -29.21 40.58
N ASN E 426 -22.68 -29.30 41.83
CA ASN E 426 -23.33 -30.51 42.29
C ASN E 426 -24.76 -30.48 41.77
N ARG E 427 -25.57 -31.46 42.13
CA ARG E 427 -26.89 -31.58 41.53
C ARG E 427 -28.03 -30.85 42.25
N SER E 428 -27.72 -30.12 43.31
CA SER E 428 -28.76 -29.40 44.05
C SER E 428 -29.09 -28.04 43.44
N GLU E 429 -30.25 -27.48 43.82
CA GLU E 429 -30.64 -26.12 43.43
C GLU E 429 -30.11 -25.09 44.43
N ASN E 430 -29.52 -25.58 45.51
CA ASN E 430 -29.06 -24.75 46.61
C ASN E 430 -28.03 -23.74 46.16
N THR E 431 -27.18 -24.14 45.22
CA THR E 431 -26.18 -23.24 44.71
C THR E 431 -26.14 -23.28 43.20
N GLU E 432 -25.74 -22.17 42.62
CA GLU E 432 -25.46 -22.04 41.19
C GLU E 432 -24.41 -20.97 41.06
N ILE E 433 -23.20 -21.40 40.82
CA ILE E 433 -22.13 -20.46 40.82
C ILE E 433 -21.67 -20.07 39.46
N PHE E 434 -21.71 -18.76 39.31
CA PHE E 434 -21.35 -18.01 38.15
C PHE E 434 -20.05 -17.41 38.55
N ARG E 435 -19.14 -17.26 37.64
CA ARG E 435 -17.89 -16.64 37.97
C ARG E 435 -17.62 -15.56 36.96
N PRO E 436 -16.75 -14.59 37.24
CA PRO E 436 -16.32 -13.60 36.28
C PRO E 436 -15.76 -14.30 35.07
N GLY E 437 -16.10 -13.78 33.91
CA GLY E 437 -15.67 -14.29 32.63
C GLY E 437 -14.85 -13.27 31.86
N GLY E 438 -15.05 -13.23 30.56
CA GLY E 438 -14.36 -12.34 29.65
C GLY E 438 -14.89 -12.66 28.27
N GLY E 439 -14.41 -11.98 27.26
CA GLY E 439 -14.90 -12.22 25.90
C GLY E 439 -14.26 -11.25 24.93
N ASP E 440 -14.70 -11.28 23.69
CA ASP E 440 -14.17 -10.40 22.68
C ASP E 440 -14.76 -9.03 22.88
N MET E 441 -14.09 -8.00 22.44
CA MET E 441 -14.72 -6.69 22.59
C MET E 441 -16.04 -6.65 21.83
N ARG E 442 -16.13 -7.35 20.70
CA ARG E 442 -17.34 -7.32 19.89
C ARG E 442 -18.52 -7.95 20.64
N ASP E 443 -18.25 -8.72 21.69
CA ASP E 443 -19.31 -9.38 22.42
C ASP E 443 -19.93 -8.37 23.36
N ASN E 444 -19.16 -7.37 23.76
CA ASN E 444 -19.67 -6.37 24.64
C ASN E 444 -20.34 -5.29 23.80
N TRP E 445 -19.84 -5.12 22.58
CA TRP E 445 -20.37 -4.10 21.68
C TRP E 445 -21.78 -4.44 21.27
N ARG E 446 -22.08 -5.73 21.24
CA ARG E 446 -23.42 -6.16 20.90
C ARG E 446 -24.44 -5.63 21.89
N SER E 447 -24.03 -5.25 23.10
CA SER E 447 -24.97 -4.75 24.08
C SER E 447 -25.61 -3.44 23.59
N GLU E 448 -24.96 -2.73 22.66
CA GLU E 448 -25.55 -1.52 22.10
C GLU E 448 -26.49 -1.95 20.98
N LEU E 449 -26.03 -2.91 20.19
CA LEU E 449 -26.76 -3.39 19.00
C LEU E 449 -27.92 -4.24 19.42
N TYR E 450 -27.94 -4.59 20.69
CA TYR E 450 -28.98 -5.33 21.37
C TYR E 450 -30.34 -4.78 21.01
N LYS E 451 -30.45 -3.47 20.88
CA LYS E 451 -31.74 -2.87 20.62
C LYS E 451 -32.09 -2.65 19.15
N TYR E 452 -31.22 -2.98 18.20
CA TYR E 452 -31.57 -2.68 16.81
C TYR E 452 -30.93 -3.53 15.70
N LYS E 453 -31.59 -3.51 14.54
CA LYS E 453 -31.13 -4.23 13.36
C LYS E 453 -30.82 -3.30 12.22
N VAL E 454 -29.93 -3.69 11.33
CA VAL E 454 -29.74 -2.87 10.14
C VAL E 454 -30.50 -3.54 9.01
N VAL E 455 -31.34 -2.77 8.35
CA VAL E 455 -32.22 -3.29 7.32
C VAL E 455 -31.94 -2.68 5.94
N LYS E 456 -31.99 -3.53 4.94
CA LYS E 456 -31.85 -3.16 3.55
C LYS E 456 -33.26 -2.94 3.02
N ILE E 457 -33.49 -1.83 2.33
CA ILE E 457 -34.84 -1.61 1.85
C ILE E 457 -34.95 -1.72 0.33
N GLU E 458 -35.91 -2.52 -0.12
CA GLU E 458 -36.21 -2.75 -1.54
C GLU E 458 -37.68 -2.44 -1.87
N PRO E 459 -38.06 -1.16 -2.10
CA PRO E 459 -39.41 -0.64 -2.30
C PRO E 459 -40.23 -1.05 -3.54
N LEU E 460 -39.64 -1.72 -4.53
CA LEU E 460 -40.42 -2.10 -5.71
C LEU E 460 -41.02 -3.50 -5.49
N GLY E 461 -42.32 -3.70 -5.82
CA GLY E 461 -42.93 -5.02 -5.54
C GLY E 461 -44.26 -5.20 -6.27
N ILE E 462 -45.07 -6.17 -5.81
CA ILE E 462 -46.32 -6.44 -6.50
C ILE E 462 -47.55 -6.55 -5.61
N ALA E 463 -48.74 -6.39 -6.20
CA ALA E 463 -50.04 -6.64 -5.55
C ALA E 463 -51.17 -6.47 -6.60
N PRO E 464 -52.16 -7.39 -6.69
CA PRO E 464 -53.26 -7.32 -7.65
C PRO E 464 -54.19 -6.17 -7.40
N THR E 465 -54.51 -5.46 -8.47
CA THR E 465 -55.46 -4.36 -8.47
C THR E 465 -56.29 -4.43 -9.74
N LYS E 466 -57.54 -3.99 -9.68
CA LYS E 466 -58.28 -3.89 -10.94
C LYS E 466 -57.55 -2.90 -11.81
N ALA E 467 -57.18 -3.29 -13.02
CA ALA E 467 -56.45 -2.37 -13.86
C ALA E 467 -56.77 -2.47 -15.34
N LYS E 468 -56.96 -1.32 -15.96
CA LYS E 468 -57.19 -1.14 -17.39
C LYS E 468 -55.95 -1.47 -18.23
N ARG E 469 -56.16 -2.18 -19.33
CA ARG E 469 -55.05 -2.48 -20.22
C ARG E 469 -54.90 -1.40 -21.26
N ARG E 470 -53.67 -1.04 -21.54
CA ARG E 470 -53.39 -0.10 -22.58
C ARG E 470 -53.30 -0.84 -23.89
N VAL E 471 -54.07 -0.38 -24.84
CA VAL E 471 -54.10 -0.97 -26.16
C VAL E 471 -53.61 0.08 -27.09
N VAL E 472 -52.63 -0.26 -27.91
CA VAL E 472 -52.07 0.67 -28.86
C VAL E 472 -52.70 0.44 -30.23
N GLN E 473 -52.78 -0.81 -30.64
CA GLN E 473 -53.35 -1.17 -31.94
C GLN E 473 -53.82 -2.62 -31.95
N VAL F 7 -37.99 -18.41 -25.27
CA VAL F 7 -36.72 -17.99 -24.70
C VAL F 7 -35.87 -17.27 -25.72
N PHE F 8 -35.40 -16.10 -25.32
CA PHE F 8 -34.53 -15.32 -26.16
C PHE F 8 -33.18 -15.24 -25.48
N LEU F 9 -32.11 -15.11 -26.25
CA LEU F 9 -30.78 -15.10 -25.68
C LEU F 9 -30.14 -13.70 -25.47
N GLY F 10 -30.83 -12.62 -25.85
CA GLY F 10 -30.30 -11.27 -25.61
C GLY F 10 -29.01 -11.02 -26.34
N PHE F 11 -27.92 -10.88 -25.57
CA PHE F 11 -26.59 -10.62 -26.11
C PHE F 11 -26.16 -11.71 -27.09
N LEU F 12 -26.72 -12.89 -26.97
CA LEU F 12 -26.39 -13.96 -27.88
C LEU F 12 -27.63 -14.38 -28.66
N GLY F 13 -27.44 -15.12 -29.75
CA GLY F 13 -28.54 -15.66 -30.55
C GLY F 13 -29.02 -14.66 -31.59
N ALA F 14 -29.46 -13.52 -31.06
CA ALA F 14 -29.97 -12.34 -31.77
C ALA F 14 -28.93 -11.78 -32.71
N ALA F 15 -27.69 -12.13 -32.44
CA ALA F 15 -26.52 -11.73 -33.20
C ALA F 15 -26.62 -12.24 -34.63
N GLY F 16 -27.38 -13.32 -34.83
CA GLY F 16 -27.56 -13.96 -36.12
C GLY F 16 -28.80 -13.47 -36.85
N SER F 17 -29.45 -12.43 -36.33
CA SER F 17 -30.68 -11.95 -36.92
C SER F 17 -30.57 -10.66 -37.72
N THR F 18 -31.55 -10.50 -38.61
CA THR F 18 -31.78 -9.37 -39.49
C THR F 18 -32.50 -8.30 -38.71
N MET F 19 -32.64 -7.08 -39.24
CA MET F 19 -33.33 -6.13 -38.38
C MET F 19 -34.73 -6.58 -38.03
N GLY F 20 -35.44 -7.17 -39.00
CA GLY F 20 -36.78 -7.63 -38.73
C GLY F 20 -36.78 -8.75 -37.69
N ALA F 21 -36.00 -9.80 -37.94
CA ALA F 21 -35.98 -10.95 -37.07
C ALA F 21 -35.52 -10.62 -35.66
N ALA F 22 -34.58 -9.68 -35.55
CA ALA F 22 -33.98 -9.30 -34.30
C ALA F 22 -34.91 -8.48 -33.46
N SER F 23 -36.03 -8.04 -34.03
CA SER F 23 -36.90 -7.18 -33.30
C SER F 23 -37.45 -7.88 -32.06
N MET F 24 -37.54 -9.21 -32.11
CA MET F 24 -38.11 -9.98 -31.01
C MET F 24 -37.25 -9.99 -29.77
N THR F 25 -35.96 -9.75 -29.93
CA THR F 25 -35.03 -9.83 -28.85
C THR F 25 -34.59 -8.47 -28.35
N LEU F 26 -35.11 -7.39 -28.91
CA LEU F 26 -34.56 -6.10 -28.52
C LEU F 26 -34.75 -5.81 -27.03
N THR F 27 -35.86 -6.27 -26.51
CA THR F 27 -36.20 -6.09 -25.14
C THR F 27 -35.40 -6.99 -24.22
N VAL F 28 -34.76 -7.99 -24.78
CA VAL F 28 -34.09 -8.99 -24.02
C VAL F 28 -32.68 -8.55 -23.74
N GLN F 29 -31.91 -8.10 -24.73
CA GLN F 29 -30.60 -7.67 -24.31
C GLN F 29 -30.82 -6.45 -23.43
N ALA F 30 -31.85 -5.62 -23.73
CA ALA F 30 -32.05 -4.45 -22.91
C ALA F 30 -32.25 -4.85 -21.44
N ARG F 31 -33.00 -5.93 -21.19
CA ARG F 31 -33.20 -6.41 -19.83
C ARG F 31 -31.87 -6.85 -19.20
N LEU F 32 -30.98 -7.38 -20.03
CA LEU F 32 -29.66 -7.89 -19.67
C LEU F 32 -28.54 -6.84 -19.67
N LEU F 33 -28.81 -5.57 -19.91
CA LEU F 33 -27.67 -4.66 -20.02
C LEU F 33 -26.79 -4.60 -18.80
N LEU F 34 -25.50 -4.68 -19.09
CA LEU F 34 -24.37 -4.65 -18.18
C LEU F 34 -24.29 -5.86 -17.25
N SER F 35 -25.25 -6.00 -16.35
CA SER F 35 -25.25 -7.12 -15.41
C SER F 35 -26.53 -7.34 -14.62
N GLY F 36 -26.54 -8.45 -13.87
CA GLY F 36 -27.60 -8.78 -12.93
C GLY F 36 -27.23 -8.28 -11.53
N ILE F 37 -26.02 -7.74 -11.44
CA ILE F 37 -25.29 -7.19 -10.30
C ILE F 37 -25.33 -7.97 -8.98
N VAL F 38 -25.73 -9.24 -9.00
CA VAL F 38 -25.86 -10.00 -7.76
C VAL F 38 -24.54 -10.29 -7.11
N GLN F 39 -23.57 -10.73 -7.91
CA GLN F 39 -22.24 -11.08 -7.44
C GLN F 39 -21.45 -9.86 -7.00
N GLN F 40 -21.88 -8.68 -7.43
CA GLN F 40 -21.19 -7.48 -7.02
C GLN F 40 -21.74 -6.99 -5.70
N GLN F 41 -23.05 -7.13 -5.53
CA GLN F 41 -23.67 -6.72 -4.28
C GLN F 41 -23.27 -7.71 -3.19
N ASN F 42 -23.16 -9.00 -3.54
CA ASN F 42 -22.75 -10.01 -2.57
C ASN F 42 -21.25 -10.10 -2.55
N ASN F 43 -20.63 -9.04 -2.06
CA ASN F 43 -19.19 -8.87 -1.99
C ASN F 43 -18.44 -10.11 -2.45
N THR F 58 -5.29 -9.08 -4.83
CA THR F 58 -4.91 -8.58 -6.14
C THR F 58 -5.43 -7.18 -6.45
N VAL F 59 -5.31 -6.80 -7.72
CA VAL F 59 -5.58 -5.46 -8.21
C VAL F 59 -7.03 -5.07 -8.11
N TRP F 60 -7.86 -6.10 -8.02
CA TRP F 60 -9.30 -6.07 -7.95
C TRP F 60 -9.74 -5.28 -6.74
N GLY F 61 -8.91 -5.22 -5.68
CA GLY F 61 -9.29 -4.43 -4.53
C GLY F 61 -9.57 -2.98 -4.95
N ILE F 62 -8.90 -2.50 -6.00
CA ILE F 62 -9.12 -1.18 -6.55
C ILE F 62 -9.91 -1.25 -7.85
N LYS F 63 -9.52 -2.19 -8.72
CA LYS F 63 -10.08 -2.32 -10.05
C LYS F 63 -11.55 -2.68 -10.04
N GLN F 64 -12.03 -3.31 -8.98
CA GLN F 64 -13.43 -3.61 -8.92
C GLN F 64 -14.26 -2.35 -8.96
N LEU F 65 -13.79 -1.29 -8.30
CA LEU F 65 -14.60 -0.09 -8.32
C LEU F 65 -14.34 0.60 -9.61
N GLN F 66 -13.12 0.57 -10.09
CA GLN F 66 -12.91 1.27 -11.35
C GLN F 66 -13.83 0.68 -12.41
N ALA F 67 -13.97 -0.66 -12.41
CA ALA F 67 -14.84 -1.33 -13.36
C ALA F 67 -16.29 -0.94 -13.15
N ARG F 68 -16.74 -0.85 -11.88
CA ARG F 68 -18.13 -0.49 -11.64
C ARG F 68 -18.41 0.96 -12.03
N VAL F 69 -17.46 1.85 -11.78
CA VAL F 69 -17.65 3.25 -12.08
C VAL F 69 -17.79 3.44 -13.57
N LEU F 70 -16.94 2.77 -14.32
CA LEU F 70 -16.99 2.88 -15.76
C LEU F 70 -18.26 2.24 -16.30
N ALA F 71 -18.72 1.12 -15.71
CA ALA F 71 -19.96 0.51 -16.18
C ALA F 71 -21.12 1.47 -15.98
N VAL F 72 -21.11 2.19 -14.85
CA VAL F 72 -22.12 3.17 -14.56
C VAL F 72 -22.08 4.32 -15.54
N GLU F 73 -20.89 4.79 -15.85
CA GLU F 73 -20.80 5.87 -16.80
C GLU F 73 -21.32 5.42 -18.14
N ARG F 74 -21.01 4.20 -18.56
CA ARG F 74 -21.52 3.79 -19.85
C ARG F 74 -23.03 3.76 -19.83
N TYR F 75 -23.61 3.26 -18.73
CA TYR F 75 -25.04 3.18 -18.63
C TYR F 75 -25.69 4.53 -18.77
N LEU F 76 -25.20 5.49 -18.00
CA LEU F 76 -25.80 6.79 -17.98
C LEU F 76 -25.48 7.59 -19.22
N LYS F 77 -24.30 7.40 -19.77
CA LYS F 77 -23.93 8.09 -20.98
C LYS F 77 -24.90 7.70 -22.04
N ASP F 78 -25.19 6.40 -22.14
CA ASP F 78 -26.10 5.96 -23.16
C ASP F 78 -27.50 6.48 -22.91
N GLN F 79 -27.96 6.53 -21.67
CA GLN F 79 -29.32 7.05 -21.49
C GLN F 79 -29.40 8.54 -21.85
N GLN F 80 -28.37 9.29 -21.48
CA GLN F 80 -28.36 10.71 -21.78
C GLN F 80 -28.25 10.90 -23.26
N LEU F 81 -27.47 10.04 -23.92
CA LEU F 81 -27.26 10.13 -25.33
C LEU F 81 -28.57 9.82 -26.03
N LEU F 82 -29.32 8.85 -25.55
CA LEU F 82 -30.58 8.55 -26.18
C LEU F 82 -31.48 9.78 -26.09
N GLY F 83 -31.41 10.53 -24.98
CA GLY F 83 -32.21 11.75 -24.91
C GLY F 83 -31.78 12.73 -26.01
N ILE F 84 -30.47 12.78 -26.31
CA ILE F 84 -29.94 13.63 -27.39
C ILE F 84 -30.57 13.11 -28.68
N TRP F 85 -30.64 11.80 -28.77
CA TRP F 85 -31.29 11.13 -29.90
C TRP F 85 -32.81 11.07 -29.69
N GLY F 86 -33.39 12.14 -29.14
CA GLY F 86 -34.83 12.36 -29.07
C GLY F 86 -35.57 11.64 -27.97
N CYS F 87 -35.63 10.32 -28.08
CA CYS F 87 -36.40 9.54 -27.13
C CYS F 87 -35.52 8.65 -26.27
N SER F 88 -35.80 8.69 -24.97
CA SER F 88 -35.10 7.87 -24.01
C SER F 88 -36.04 7.50 -22.87
N GLY F 89 -36.06 6.22 -22.53
CA GLY F 89 -36.87 5.72 -21.43
C GLY F 89 -38.21 5.15 -21.89
N LYS F 90 -38.58 5.42 -23.14
CA LYS F 90 -39.83 4.94 -23.69
C LYS F 90 -39.56 4.27 -25.02
N LEU F 91 -38.95 3.10 -25.00
CA LEU F 91 -38.52 2.43 -26.21
C LEU F 91 -37.75 3.42 -27.08
N ILE F 92 -37.99 3.40 -28.39
CA ILE F 92 -37.30 4.26 -29.36
C ILE F 92 -38.25 4.85 -30.42
N CYS F 93 -38.06 6.12 -30.75
CA CYS F 93 -38.84 6.79 -31.80
C CYS F 93 -38.01 7.18 -33.02
N THR F 94 -38.68 7.49 -34.14
CA THR F 94 -37.94 7.96 -35.31
C THR F 94 -37.95 9.48 -35.36
N THR F 95 -36.99 10.05 -36.07
CA THR F 95 -36.96 11.49 -36.29
C THR F 95 -36.88 11.88 -37.74
N ALA F 96 -37.01 13.18 -38.00
CA ALA F 96 -37.03 13.68 -39.37
C ALA F 96 -35.65 13.87 -39.96
N VAL F 97 -34.94 12.78 -40.01
CA VAL F 97 -33.63 12.67 -40.56
C VAL F 97 -33.65 11.52 -41.53
N PRO F 98 -33.68 11.75 -42.84
CA PRO F 98 -33.71 10.70 -43.82
C PRO F 98 -32.36 9.99 -43.80
N TRP F 99 -32.42 8.70 -43.66
CA TRP F 99 -31.27 7.84 -43.56
C TRP F 99 -30.43 7.81 -44.81
N ASN F 100 -31.09 7.83 -45.94
CA ASN F 100 -30.45 7.66 -47.20
C ASN F 100 -29.71 8.88 -47.73
N THR F 101 -29.67 9.98 -46.98
CA THR F 101 -28.95 11.13 -47.51
C THR F 101 -27.57 11.21 -46.87
N SER F 102 -27.31 10.32 -45.92
CA SER F 102 -26.04 10.26 -45.21
C SER F 102 -25.65 8.80 -45.14
N TRP F 103 -25.91 8.10 -46.22
CA TRP F 103 -25.71 6.67 -46.27
C TRP F 103 -25.47 6.15 -47.69
N SER F 104 -25.26 4.84 -47.77
CA SER F 104 -25.04 4.07 -48.97
C SER F 104 -26.35 3.77 -49.65
N ASN F 105 -26.29 3.14 -50.81
CA ASN F 105 -27.47 2.81 -51.57
C ASN F 105 -27.97 1.37 -51.46
N LYS F 106 -27.63 0.66 -50.38
CA LYS F 106 -28.18 -0.69 -50.25
C LYS F 106 -29.66 -0.58 -49.93
N SER F 107 -30.45 -1.52 -50.43
CA SER F 107 -31.87 -1.49 -50.17
C SER F 107 -32.20 -1.77 -48.74
N TYR F 108 -33.19 -1.08 -48.23
CA TYR F 108 -33.64 -1.30 -46.86
C TYR F 108 -34.20 -2.69 -46.69
N ASN F 109 -34.62 -3.33 -47.77
CA ASN F 109 -35.12 -4.68 -47.66
C ASN F 109 -33.96 -5.64 -47.44
N GLN F 110 -32.77 -5.30 -47.96
CA GLN F 110 -31.67 -6.20 -47.74
C GLN F 110 -31.36 -6.12 -46.28
N ILE F 111 -31.42 -4.91 -45.78
CA ILE F 111 -31.11 -4.57 -44.40
C ILE F 111 -32.10 -5.19 -43.40
N TRP F 112 -33.39 -5.08 -43.70
CA TRP F 112 -34.42 -5.62 -42.84
C TRP F 112 -34.65 -7.12 -42.97
N ASN F 113 -34.47 -7.68 -44.18
CA ASN F 113 -34.75 -9.09 -44.36
C ASN F 113 -33.56 -10.00 -44.70
N ASN F 114 -32.56 -9.51 -45.44
CA ASN F 114 -31.48 -10.38 -45.91
C ASN F 114 -30.07 -10.05 -45.40
N MET F 115 -29.97 -9.25 -44.36
CA MET F 115 -28.68 -8.88 -43.77
C MET F 115 -28.78 -8.89 -42.29
N THR F 116 -27.73 -9.33 -41.60
CA THR F 116 -27.80 -9.24 -40.16
C THR F 116 -27.33 -7.89 -39.69
N TRP F 117 -27.68 -7.59 -38.45
CA TRP F 117 -27.30 -6.33 -37.84
C TRP F 117 -25.81 -6.05 -37.80
N MET F 118 -24.99 -7.04 -37.51
CA MET F 118 -23.57 -6.72 -37.38
C MET F 118 -22.93 -6.27 -38.68
N GLU F 119 -23.33 -6.84 -39.82
CA GLU F 119 -22.70 -6.39 -41.06
C GLU F 119 -23.04 -4.95 -41.28
N TRP F 120 -24.30 -4.66 -41.06
CA TRP F 120 -24.81 -3.34 -41.29
C TRP F 120 -24.10 -2.33 -40.37
N GLU F 121 -23.95 -2.71 -39.10
CA GLU F 121 -23.29 -1.87 -38.13
C GLU F 121 -21.85 -1.61 -38.51
N ARG F 122 -21.17 -2.60 -39.09
CA ARG F 122 -19.79 -2.37 -39.51
C ARG F 122 -19.76 -1.33 -40.63
N GLU F 123 -20.73 -1.38 -41.55
CA GLU F 123 -20.77 -0.40 -42.64
C GLU F 123 -20.81 1.03 -42.06
N ILE F 124 -21.57 1.19 -40.96
CA ILE F 124 -21.76 2.46 -40.25
C ILE F 124 -20.49 3.11 -39.72
N ASP F 125 -19.40 2.38 -39.59
CA ASP F 125 -18.21 3.04 -39.07
C ASP F 125 -17.82 4.26 -39.90
N ASN F 126 -18.13 4.26 -41.21
CA ASN F 126 -17.77 5.41 -42.04
C ASN F 126 -18.90 6.44 -42.18
N TYR F 127 -20.00 6.20 -41.47
CA TYR F 127 -21.18 7.08 -41.52
C TYR F 127 -21.65 7.54 -40.14
N THR F 128 -21.09 6.98 -39.07
CA THR F 128 -21.59 7.28 -37.74
C THR F 128 -21.47 8.74 -37.38
N SER F 129 -20.43 9.42 -37.85
CA SER F 129 -20.27 10.81 -37.51
C SER F 129 -21.22 11.71 -38.29
N LEU F 130 -21.78 11.20 -39.39
CA LEU F 130 -22.68 12.01 -40.16
C LEU F 130 -23.97 12.01 -39.42
N ILE F 131 -24.33 10.83 -38.91
CA ILE F 131 -25.58 10.78 -38.20
C ILE F 131 -25.46 11.46 -36.86
N TYR F 132 -24.35 11.33 -36.14
CA TYR F 132 -24.31 12.03 -34.89
C TYR F 132 -24.50 13.52 -35.11
N THR F 133 -23.91 14.06 -36.17
CA THR F 133 -24.06 15.48 -36.44
C THR F 133 -25.52 15.84 -36.70
N LEU F 134 -26.20 15.03 -37.51
CA LEU F 134 -27.59 15.28 -37.86
C LEU F 134 -28.49 15.20 -36.63
N ILE F 135 -28.15 14.32 -35.74
CA ILE F 135 -28.90 14.19 -34.52
C ILE F 135 -28.68 15.37 -33.63
N GLU F 136 -27.46 15.82 -33.42
CA GLU F 136 -27.32 16.94 -32.53
C GLU F 136 -28.04 18.17 -33.08
N ASP F 137 -28.00 18.38 -34.40
CA ASP F 137 -28.67 19.53 -34.99
C ASP F 137 -30.19 19.40 -35.09
N SER F 138 -30.69 18.22 -35.41
CA SER F 138 -32.12 18.04 -35.65
C SER F 138 -32.84 17.24 -34.60
N GLN F 139 -32.46 15.97 -34.45
CA GLN F 139 -33.24 15.15 -33.50
C GLN F 139 -33.14 15.73 -32.11
N ASN F 140 -32.02 16.34 -31.81
CA ASN F 140 -31.82 16.97 -30.54
C ASN F 140 -32.30 18.42 -30.60
N GLN F 141 -31.49 19.33 -31.13
CA GLN F 141 -31.91 20.72 -31.01
C GLN F 141 -33.11 21.17 -31.83
N GLN F 142 -33.29 20.76 -33.08
CA GLN F 142 -34.47 21.29 -33.73
C GLN F 142 -35.74 20.72 -33.14
N GLU F 143 -35.73 19.45 -32.73
CA GLU F 143 -36.95 18.97 -32.11
C GLU F 143 -37.23 19.77 -30.87
N LYS F 144 -36.19 20.14 -30.11
CA LYS F 144 -36.41 20.95 -28.94
C LYS F 144 -36.97 22.32 -29.34
N ASN F 145 -36.49 22.90 -30.45
CA ASN F 145 -37.01 24.20 -30.87
C ASN F 145 -38.50 24.09 -31.20
N GLU F 146 -38.89 22.98 -31.80
CA GLU F 146 -40.29 22.78 -32.16
C GLU F 146 -41.10 22.50 -30.88
N GLN F 147 -40.48 21.84 -29.91
CA GLN F 147 -41.13 21.56 -28.64
C GLN F 147 -41.39 22.86 -27.90
N GLU F 148 -40.44 23.80 -27.99
CA GLU F 148 -40.59 25.09 -27.34
C GLU F 148 -41.76 25.84 -27.94
N LEU F 149 -41.93 25.73 -29.26
CA LEU F 149 -43.06 26.39 -29.89
C LEU F 149 -44.37 25.73 -29.47
N LEU F 150 -44.41 24.41 -29.36
CA LEU F 150 -45.66 23.75 -28.99
C LEU F 150 -46.10 24.15 -27.59
N GLU F 151 -45.14 24.25 -26.68
CA GLU F 151 -45.38 24.54 -25.28
C GLU F 151 -45.73 26.00 -25.04
N LEU F 152 -45.69 26.81 -26.10
CA LEU F 152 -46.02 28.20 -26.02
C LEU F 152 -47.49 28.38 -25.65
N ASP F 153 -48.38 27.48 -26.13
CA ASP F 153 -49.82 27.56 -25.86
C ASP F 153 -50.54 26.40 -26.56
N ALA G 1 -37.23 8.28 -52.68
CA ALA G 1 -37.30 7.24 -51.67
C ALA G 1 -38.49 7.47 -50.75
N GLU G 2 -38.69 6.53 -49.85
CA GLU G 2 -39.73 6.59 -48.86
C GLU G 2 -39.23 7.45 -47.71
N GLN G 3 -40.06 7.65 -46.70
CA GLN G 3 -39.59 8.44 -45.58
C GLN G 3 -38.78 7.57 -44.68
N LEU G 4 -37.55 7.32 -45.12
CA LEU G 4 -36.66 6.41 -44.44
C LEU G 4 -36.05 7.13 -43.28
N TRP G 5 -36.83 7.28 -42.24
CA TRP G 5 -36.44 8.05 -41.08
C TRP G 5 -35.62 7.24 -40.10
N VAL G 6 -34.70 7.94 -39.47
CA VAL G 6 -33.85 7.37 -38.45
C VAL G 6 -34.48 7.16 -37.08
N THR G 7 -34.26 5.94 -36.59
CA THR G 7 -34.63 5.38 -35.29
C THR G 7 -33.37 4.77 -34.75
N VAL G 8 -33.27 4.54 -33.45
CA VAL G 8 -32.12 3.81 -32.91
C VAL G 8 -32.52 2.58 -32.12
N TYR G 9 -32.49 1.43 -32.73
CA TYR G 9 -32.86 0.26 -31.96
C TYR G 9 -31.67 -0.62 -31.68
N TYR G 10 -31.62 -1.10 -30.45
CA TYR G 10 -30.55 -1.96 -30.01
C TYR G 10 -31.17 -2.87 -28.99
N GLY G 11 -30.50 -3.96 -28.63
CA GLY G 11 -31.11 -4.90 -27.73
C GLY G 11 -30.85 -6.28 -28.35
N VAL G 12 -30.14 -6.16 -29.44
CA VAL G 12 -29.60 -7.18 -30.30
C VAL G 12 -28.18 -6.79 -30.08
N PRO G 13 -27.21 -7.70 -30.03
CA PRO G 13 -25.81 -7.44 -29.83
C PRO G 13 -24.97 -6.95 -30.98
N VAL G 14 -23.93 -6.24 -30.58
CA VAL G 14 -22.71 -5.90 -31.28
C VAL G 14 -21.61 -5.98 -30.24
N TRP G 15 -20.38 -6.17 -30.66
CA TRP G 15 -19.31 -6.17 -29.68
C TRP G 15 -17.95 -5.85 -30.24
N LYS G 16 -17.06 -5.51 -29.32
CA LYS G 16 -15.65 -5.22 -29.59
C LYS G 16 -14.75 -6.06 -28.72
N GLU G 17 -13.50 -6.23 -29.12
CA GLU G 17 -12.61 -6.98 -28.26
C GLU G 17 -12.44 -6.24 -26.93
N ALA G 18 -12.49 -6.97 -25.82
CA ALA G 18 -12.34 -6.35 -24.51
C ALA G 18 -10.91 -6.13 -24.09
N THR G 19 -10.69 -5.01 -23.40
CA THR G 19 -9.41 -4.65 -22.82
C THR G 19 -9.56 -4.44 -21.31
N THR G 20 -10.61 -5.01 -20.76
CA THR G 20 -10.96 -4.83 -19.36
C THR G 20 -10.26 -5.74 -18.38
N THR G 21 -10.56 -5.53 -17.10
CA THR G 21 -9.99 -6.29 -16.01
C THR G 21 -10.95 -7.35 -15.56
N LEU G 22 -10.48 -8.58 -15.54
CA LEU G 22 -11.29 -9.72 -15.17
C LEU G 22 -11.03 -10.03 -13.72
N PHE G 23 -11.96 -10.71 -13.08
CA PHE G 23 -11.79 -11.04 -11.68
C PHE G 23 -11.65 -12.52 -11.39
N CYS G 24 -11.03 -12.81 -10.24
CA CYS G 24 -10.91 -14.19 -9.75
C CYS G 24 -12.28 -14.72 -9.39
N ALA G 25 -12.62 -15.89 -9.89
CA ALA G 25 -13.87 -16.49 -9.52
C ALA G 25 -13.69 -18.02 -9.37
N SER G 26 -14.34 -18.57 -8.37
CA SER G 26 -14.25 -20.00 -8.11
C SER G 26 -15.27 -20.49 -7.15
N ASP G 27 -15.13 -21.74 -6.74
CA ASP G 27 -16.01 -22.26 -5.70
C ASP G 27 -15.41 -21.80 -4.38
N ALA G 28 -15.54 -20.50 -4.16
CA ALA G 28 -15.01 -19.77 -3.04
C ALA G 28 -15.73 -20.18 -1.79
N ARG G 29 -15.00 -20.31 -0.69
CA ARG G 29 -15.59 -20.72 0.57
C ARG G 29 -15.18 -19.76 1.67
N GLU G 34 -8.90 -20.90 5.71
CA GLU G 34 -7.77 -20.06 5.32
C GLU G 34 -7.18 -20.51 4.01
N VAL G 35 -6.92 -19.55 3.13
CA VAL G 35 -6.34 -19.90 1.86
C VAL G 35 -4.85 -20.08 2.02
N HIS G 36 -4.36 -21.26 1.64
CA HIS G 36 -2.95 -21.59 1.74
C HIS G 36 -2.41 -21.87 0.35
N ASN G 37 -3.18 -21.41 -0.63
CA ASN G 37 -2.91 -21.51 -2.04
C ASN G 37 -2.96 -20.13 -2.69
N VAL G 38 -1.78 -19.67 -3.07
CA VAL G 38 -1.48 -18.33 -3.62
C VAL G 38 -2.33 -17.99 -4.82
N TRP G 39 -2.64 -18.95 -5.65
CA TRP G 39 -3.42 -18.62 -6.83
C TRP G 39 -4.72 -17.89 -6.39
N ALA G 40 -5.31 -18.25 -5.24
CA ALA G 40 -6.45 -17.48 -4.75
C ALA G 40 -5.94 -16.44 -3.70
N THR G 41 -4.84 -16.79 -3.01
CA THR G 41 -4.17 -16.01 -1.94
C THR G 41 -5.01 -15.79 -0.70
N HIS G 42 -6.17 -15.18 -0.84
CA HIS G 42 -6.99 -14.92 0.32
C HIS G 42 -8.44 -14.81 -0.05
N ALA G 43 -8.73 -14.47 -1.30
CA ALA G 43 -10.11 -14.19 -1.67
C ALA G 43 -10.36 -14.47 -3.13
N CYS G 44 -11.60 -14.80 -3.43
CA CYS G 44 -12.00 -15.08 -4.80
C CYS G 44 -13.53 -14.98 -4.86
N VAL G 45 -14.06 -14.49 -5.97
CA VAL G 45 -15.50 -14.32 -6.15
C VAL G 45 -16.16 -15.70 -6.29
N PRO G 46 -17.32 -15.96 -5.67
CA PRO G 46 -18.05 -17.20 -5.81
C PRO G 46 -18.34 -17.49 -7.28
N THR G 47 -18.45 -18.77 -7.63
CA THR G 47 -18.67 -19.17 -9.00
C THR G 47 -20.10 -19.09 -9.47
N ASP G 48 -20.27 -19.37 -10.76
CA ASP G 48 -21.56 -19.39 -11.43
C ASP G 48 -22.16 -20.78 -11.29
N PRO G 49 -23.23 -21.00 -10.53
CA PRO G 49 -23.84 -22.30 -10.34
C PRO G 49 -24.53 -22.79 -11.61
N ASN G 50 -24.80 -21.88 -12.57
CA ASN G 50 -25.52 -22.27 -13.76
C ASN G 50 -24.99 -21.66 -15.06
N PRO G 51 -23.80 -22.06 -15.55
CA PRO G 51 -23.24 -21.57 -16.80
C PRO G 51 -24.21 -21.97 -17.90
N GLN G 52 -24.35 -21.16 -18.92
CA GLN G 52 -25.26 -21.45 -20.01
C GLN G 52 -24.52 -21.81 -21.28
N GLU G 53 -25.17 -22.53 -22.21
CA GLU G 53 -24.54 -22.81 -23.50
C GLU G 53 -24.75 -21.65 -24.46
N VAL G 54 -25.99 -21.41 -24.87
CA VAL G 54 -26.37 -20.23 -25.65
C VAL G 54 -25.60 -20.14 -26.98
N VAL G 55 -26.21 -20.58 -28.09
CA VAL G 55 -25.46 -20.64 -29.35
C VAL G 55 -25.85 -19.60 -30.39
N LEU G 56 -24.85 -18.99 -31.00
CA LEU G 56 -25.08 -17.99 -32.03
C LEU G 56 -25.28 -18.75 -33.33
N GLU G 57 -26.51 -19.18 -33.57
CA GLU G 57 -26.85 -20.06 -34.68
C GLU G 57 -26.34 -19.62 -36.05
N ASN G 58 -26.45 -18.33 -36.37
CA ASN G 58 -26.03 -17.88 -37.68
C ASN G 58 -24.76 -17.04 -37.63
N VAL G 59 -23.97 -17.15 -36.56
CA VAL G 59 -22.81 -16.29 -36.47
C VAL G 59 -21.49 -16.97 -36.30
N THR G 60 -20.54 -16.56 -37.10
CA THR G 60 -19.21 -17.06 -36.95
C THR G 60 -18.43 -15.89 -36.38
N GLU G 61 -17.29 -16.16 -35.78
CA GLU G 61 -16.48 -15.06 -35.23
C GLU G 61 -15.02 -15.38 -35.31
N ASN G 62 -14.22 -14.35 -35.57
CA ASN G 62 -12.79 -14.49 -35.80
C ASN G 62 -11.95 -14.54 -34.52
N PHE G 63 -11.37 -15.70 -34.29
CA PHE G 63 -10.55 -15.96 -33.12
C PHE G 63 -9.10 -16.13 -33.54
N ASN G 64 -8.19 -15.87 -32.61
CA ASN G 64 -6.78 -16.06 -32.86
C ASN G 64 -6.13 -16.57 -31.60
N MET G 65 -5.70 -17.81 -31.65
CA MET G 65 -5.15 -18.48 -30.49
C MET G 65 -3.94 -17.78 -29.87
N TRP G 66 -3.16 -17.08 -30.67
CA TRP G 66 -1.96 -16.47 -30.15
C TRP G 66 -2.07 -14.99 -29.87
N LYS G 67 -3.28 -14.44 -29.94
CA LYS G 67 -3.48 -13.02 -29.70
C LYS G 67 -4.53 -12.84 -28.60
N ASN G 68 -4.10 -12.82 -27.35
CA ASN G 68 -5.06 -12.78 -26.27
C ASN G 68 -4.53 -12.02 -25.06
N ASN G 69 -5.01 -10.81 -24.89
CA ASN G 69 -4.51 -9.94 -23.84
C ASN G 69 -4.94 -10.40 -22.47
N MET G 70 -5.87 -11.34 -22.42
CA MET G 70 -6.32 -11.78 -21.15
C MET G 70 -5.34 -12.80 -20.60
N VAL G 71 -4.56 -13.46 -21.47
CA VAL G 71 -3.62 -14.43 -20.93
C VAL G 71 -2.53 -13.60 -20.32
N GLU G 72 -2.27 -12.46 -20.97
CA GLU G 72 -1.26 -11.57 -20.45
C GLU G 72 -1.71 -11.06 -19.09
N GLN G 73 -3.01 -10.75 -18.96
CA GLN G 73 -3.55 -10.30 -17.69
C GLN G 73 -3.40 -11.37 -16.61
N MET G 74 -3.56 -12.64 -17.00
CA MET G 74 -3.39 -13.73 -16.04
C MET G 74 -1.97 -13.74 -15.52
N HIS G 75 -1.01 -13.35 -16.37
CA HIS G 75 0.37 -13.33 -15.97
C HIS G 75 0.56 -12.23 -14.97
N GLU G 76 -0.02 -11.09 -15.25
CA GLU G 76 0.13 -9.97 -14.35
C GLU G 76 -0.39 -10.39 -12.99
N ASP G 77 -1.48 -11.15 -12.99
CA ASP G 77 -2.09 -11.62 -11.77
C ASP G 77 -1.25 -12.71 -11.09
N ILE G 78 -0.66 -13.67 -11.82
CA ILE G 78 0.12 -14.68 -11.08
C ILE G 78 1.30 -14.04 -10.40
N ILE G 79 1.89 -13.03 -11.04
CA ILE G 79 3.03 -12.41 -10.44
C ILE G 79 2.59 -11.62 -9.23
N SER G 80 1.48 -10.89 -9.36
CA SER G 80 0.98 -10.09 -8.28
C SER G 80 0.68 -10.95 -7.09
N LEU G 81 0.04 -12.10 -7.33
CA LEU G 81 -0.33 -13.02 -6.27
C LEU G 81 0.90 -13.62 -5.59
N TRP G 82 1.93 -13.98 -6.36
CA TRP G 82 3.12 -14.52 -5.73
C TRP G 82 3.69 -13.51 -4.75
N ASP G 83 3.76 -12.25 -5.21
CA ASP G 83 4.31 -11.23 -4.36
C ASP G 83 3.38 -10.83 -3.25
N GLN G 84 2.07 -10.73 -3.49
CA GLN G 84 1.19 -10.30 -2.43
C GLN G 84 1.23 -11.26 -1.28
N SER G 85 1.28 -12.55 -1.59
CA SER G 85 1.29 -13.53 -0.55
C SER G 85 2.50 -13.42 0.35
N LEU G 86 3.70 -13.28 -0.25
CA LEU G 86 4.90 -13.19 0.58
C LEU G 86 5.41 -11.76 0.84
N LYS G 87 4.78 -10.76 0.26
CA LYS G 87 5.17 -9.38 0.48
C LYS G 87 5.29 -8.99 1.96
N PRO G 88 4.34 -9.33 2.86
CA PRO G 88 4.37 -8.98 4.27
C PRO G 88 5.15 -9.99 5.10
N CYS G 89 5.85 -10.89 4.45
CA CYS G 89 6.52 -11.97 5.13
C CYS G 89 8.02 -11.70 5.28
N VAL G 90 8.76 -12.70 5.77
CA VAL G 90 10.16 -12.54 6.12
C VAL G 90 11.21 -12.72 4.99
N LYS G 91 12.08 -11.74 4.81
CA LYS G 91 13.14 -11.83 3.81
C LYS G 91 14.46 -12.03 4.54
N LEU G 92 15.25 -13.01 4.12
CA LEU G 92 16.47 -13.32 4.86
C LEU G 92 17.81 -13.25 4.15
N THR G 93 18.69 -12.43 4.70
CA THR G 93 20.05 -12.25 4.22
C THR G 93 21.18 -12.82 5.12
N PRO G 94 21.00 -13.28 6.39
CA PRO G 94 22.13 -13.75 7.17
C PRO G 94 22.66 -15.02 6.54
N LEU G 95 21.81 -15.62 5.73
CA LEU G 95 21.98 -16.87 5.04
C LEU G 95 22.99 -16.77 3.92
N CYS G 96 23.40 -15.55 3.59
CA CYS G 96 24.42 -15.37 2.56
C CYS G 96 25.75 -15.98 2.99
N VAL G 97 25.99 -15.98 4.30
CA VAL G 97 27.21 -16.44 4.95
C VAL G 97 27.41 -17.92 4.67
N THR G 98 28.64 -18.32 4.42
CA THR G 98 28.91 -19.67 4.00
C THR G 98 28.69 -20.77 5.01
N LEU G 99 28.65 -21.98 4.47
CA LEU G 99 28.52 -23.20 5.21
C LEU G 99 29.65 -24.16 4.96
N ASN G 100 29.96 -24.94 5.98
CA ASN G 100 30.92 -26.03 5.90
C ASN G 100 30.21 -27.33 5.53
N CYS G 101 30.41 -27.84 4.32
CA CYS G 101 29.62 -28.98 3.91
C CYS G 101 30.39 -30.29 3.79
N THR G 102 29.68 -31.39 4.07
CA THR G 102 30.19 -32.74 3.91
C THR G 102 29.13 -33.70 3.40
N ASP G 103 29.54 -34.79 2.78
CA ASP G 103 28.57 -35.76 2.27
C ASP G 103 27.72 -36.33 3.39
N LEU G 104 26.43 -36.49 3.15
CA LEU G 104 25.56 -37.07 4.16
C LEU G 104 25.66 -38.59 4.21
N ARG G 105 25.79 -39.12 5.41
CA ARG G 105 25.78 -40.55 5.64
C ARG G 105 24.37 -41.03 5.91
N ASN G 106 23.91 -42.02 5.15
CA ASN G 106 22.61 -42.60 5.40
C ASN G 106 22.83 -43.94 6.11
N ALA G 107 21.75 -44.62 6.46
CA ALA G 107 21.85 -45.90 7.13
C ALA G 107 22.51 -46.93 6.24
N THR G 108 23.29 -47.80 6.87
CA THR G 108 24.00 -48.86 6.18
C THR G 108 23.30 -50.20 6.39
N GLU G 124 26.46 -43.04 -6.55
CA GLU G 124 26.04 -41.92 -5.74
C GLU G 124 27.22 -41.01 -5.39
N GLY G 125 27.10 -39.73 -5.72
CA GLY G 125 28.15 -38.76 -5.40
C GLY G 125 27.75 -38.00 -4.14
N GLY G 126 28.34 -36.83 -3.91
CA GLY G 126 28.02 -36.00 -2.72
C GLY G 126 26.74 -35.20 -3.01
N GLU G 127 25.68 -35.93 -3.33
CA GLU G 127 24.41 -35.40 -3.77
C GLU G 127 23.64 -34.77 -2.65
N ILE G 128 23.79 -35.33 -1.46
CA ILE G 128 23.13 -34.79 -0.31
C ILE G 128 24.23 -34.41 0.64
N LYS G 129 24.21 -33.19 1.14
CA LYS G 129 25.25 -32.77 2.06
C LYS G 129 24.72 -32.19 3.36
N ASN G 130 25.47 -32.48 4.39
CA ASN G 130 25.21 -32.05 5.74
C ASN G 130 26.05 -30.83 5.98
N CYS G 131 25.43 -29.66 6.03
CA CYS G 131 26.22 -28.45 6.10
C CYS G 131 26.04 -27.66 7.37
N SER G 132 27.15 -27.14 7.89
CA SER G 132 27.18 -26.32 9.10
C SER G 132 27.20 -24.81 8.84
N PHE G 133 26.16 -24.14 9.32
CA PHE G 133 25.96 -22.70 9.14
C PHE G 133 26.14 -21.91 10.42
N ASN G 134 26.82 -20.77 10.37
CA ASN G 134 27.03 -19.92 11.54
C ASN G 134 25.86 -18.98 11.77
N ILE G 135 25.09 -19.22 12.82
CA ILE G 135 23.88 -18.47 13.08
C ILE G 135 24.09 -17.30 14.03
N THR G 136 23.85 -16.10 13.54
CA THR G 136 24.07 -14.83 14.23
C THR G 136 22.81 -14.19 14.77
N THR G 137 21.74 -14.91 14.58
CA THR G 137 20.40 -14.53 14.90
C THR G 137 20.04 -14.75 16.36
N SER G 138 18.82 -14.32 16.73
CA SER G 138 18.26 -14.42 18.09
C SER G 138 18.86 -13.42 19.09
N MET G 139 20.17 -13.46 19.31
CA MET G 139 20.77 -12.49 20.23
C MET G 139 22.11 -11.95 19.69
N ARG G 140 22.33 -10.66 19.95
CA ARG G 140 23.47 -9.89 19.44
C ARG G 140 24.88 -10.35 19.76
N ASP G 141 25.14 -10.97 20.89
CA ASP G 141 26.50 -11.37 21.18
C ASP G 141 26.79 -12.83 20.90
N LYS G 142 25.89 -13.55 20.22
CA LYS G 142 26.16 -14.95 20.03
C LYS G 142 26.12 -15.41 18.59
N VAL G 143 27.05 -16.28 18.24
CA VAL G 143 26.99 -16.92 16.94
C VAL G 143 27.10 -18.43 17.15
N GLN G 144 26.11 -19.17 16.67
CA GLN G 144 26.06 -20.61 16.87
C GLN G 144 26.07 -21.41 15.59
N LYS G 145 27.08 -22.23 15.40
CA LYS G 145 27.08 -23.06 14.21
C LYS G 145 26.05 -24.18 14.37
N GLU G 146 25.35 -24.53 13.28
CA GLU G 146 24.42 -25.67 13.32
C GLU G 146 24.25 -26.33 11.95
N TYR G 147 23.90 -27.62 11.98
CA TYR G 147 23.69 -28.40 10.76
C TYR G 147 22.31 -28.37 10.14
N ALA G 148 22.31 -28.44 8.81
CA ALA G 148 21.13 -28.52 7.99
C ALA G 148 21.40 -29.33 6.74
N LEU G 149 20.37 -29.97 6.15
CA LEU G 149 20.66 -30.71 4.94
C LEU G 149 20.23 -30.01 3.66
N PHE G 150 21.09 -30.20 2.65
CA PHE G 150 20.92 -29.65 1.31
C PHE G 150 21.11 -30.69 0.21
N TYR G 151 20.47 -30.45 -0.93
CA TYR G 151 20.51 -31.35 -2.08
C TYR G 151 21.61 -31.03 -3.07
N LYS G 152 21.75 -31.87 -4.10
CA LYS G 152 22.74 -31.75 -5.16
C LYS G 152 22.66 -30.41 -5.86
N LEU G 153 21.47 -29.87 -6.01
CA LEU G 153 21.33 -28.60 -6.69
C LEU G 153 21.62 -27.54 -5.64
N ASP G 154 22.90 -27.46 -5.34
CA ASP G 154 23.56 -26.69 -4.30
C ASP G 154 23.83 -25.28 -4.74
N VAL G 155 24.43 -24.52 -3.84
CA VAL G 155 24.72 -23.13 -4.06
C VAL G 155 26.17 -22.97 -4.55
N VAL G 156 26.78 -21.81 -4.35
CA VAL G 156 28.09 -21.55 -4.92
C VAL G 156 29.26 -22.10 -4.10
N PRO G 157 30.12 -22.94 -4.65
CA PRO G 157 31.28 -23.48 -3.97
C PRO G 157 32.27 -22.36 -3.82
N ILE G 158 33.09 -22.43 -2.79
CA ILE G 158 34.12 -21.44 -2.62
C ILE G 158 35.44 -21.87 -3.23
N LYS G 159 35.92 -21.01 -4.13
CA LYS G 159 37.12 -21.21 -4.96
C LYS G 159 38.43 -21.37 -4.20
N ASN G 160 38.52 -20.81 -3.01
CA ASN G 160 39.72 -20.89 -2.22
C ASN G 160 39.51 -21.61 -0.90
N ASP G 161 38.58 -22.56 -0.86
CA ASP G 161 38.32 -23.30 0.36
C ASP G 161 38.03 -24.78 0.11
N ASN G 162 37.80 -25.54 1.17
CA ASN G 162 37.51 -26.96 1.05
C ASN G 162 36.05 -27.29 1.30
N THR G 163 35.32 -27.54 0.22
CA THR G 163 33.91 -27.87 0.24
C THR G 163 33.08 -26.95 1.15
N SER G 164 33.26 -25.65 0.97
CA SER G 164 32.43 -24.71 1.69
C SER G 164 31.64 -24.03 0.60
N TYR G 165 30.45 -23.55 0.97
CA TYR G 165 29.52 -22.92 0.04
C TYR G 165 28.87 -21.62 0.47
N ARG G 166 28.58 -20.72 -0.50
CA ARG G 166 27.87 -19.44 -0.25
C ARG G 166 26.57 -19.39 -1.03
N LEU G 167 25.63 -18.59 -0.57
CA LEU G 167 24.32 -18.59 -1.21
C LEU G 167 24.24 -18.02 -2.64
N ILE G 168 23.69 -18.84 -3.53
CA ILE G 168 23.50 -18.58 -4.97
C ILE G 168 22.50 -17.49 -5.22
N SER G 169 21.56 -17.39 -4.30
CA SER G 169 20.45 -16.49 -4.36
C SER G 169 20.70 -15.19 -3.62
N CYS G 170 21.95 -14.98 -3.18
CA CYS G 170 22.34 -13.78 -2.49
C CYS G 170 22.84 -12.84 -3.57
N ASN G 171 24.08 -12.41 -3.50
CA ASN G 171 24.58 -11.51 -4.52
C ASN G 171 23.74 -10.23 -4.55
N THR G 172 22.77 -10.20 -5.46
CA THR G 172 21.90 -9.06 -5.71
C THR G 172 20.43 -9.32 -5.42
N SER G 173 20.14 -10.40 -4.69
CA SER G 173 18.77 -10.75 -4.32
C SER G 173 18.65 -11.39 -2.95
N VAL G 174 17.43 -11.39 -2.40
CA VAL G 174 17.14 -12.10 -1.17
C VAL G 174 15.97 -13.02 -1.41
N ILE G 175 16.22 -14.31 -1.34
CA ILE G 175 15.19 -15.27 -1.67
C ILE G 175 14.96 -16.26 -0.56
N THR G 176 13.71 -16.36 -0.12
CA THR G 176 13.35 -17.27 0.97
C THR G 176 11.87 -17.56 1.01
N GLN G 177 11.50 -18.70 1.60
CA GLN G 177 10.09 -18.95 1.82
C GLN G 177 9.80 -18.22 3.07
N ALA G 178 9.41 -17.00 2.84
CA ALA G 178 9.18 -15.98 3.81
C ALA G 178 8.09 -16.33 4.83
N CYS G 179 7.16 -17.16 4.43
CA CYS G 179 6.03 -17.57 5.27
C CYS G 179 5.37 -18.88 4.83
N PRO G 180 6.00 -20.06 5.09
CA PRO G 180 5.71 -21.41 4.59
C PRO G 180 4.27 -21.88 4.76
N LYS G 181 3.54 -21.31 5.70
CA LYS G 181 2.16 -21.72 5.88
C LYS G 181 1.39 -21.53 4.57
N VAL G 182 1.74 -20.49 3.82
CA VAL G 182 1.04 -20.24 2.58
C VAL G 182 2.01 -20.46 1.42
N SER G 183 1.57 -21.27 0.48
CA SER G 183 2.32 -21.64 -0.70
C SER G 183 1.32 -21.96 -1.76
N PHE G 184 1.68 -22.83 -2.69
CA PHE G 184 0.64 -23.20 -3.62
C PHE G 184 0.81 -24.51 -4.33
N GLU G 185 -0.35 -25.03 -4.68
CA GLU G 185 -0.56 -26.18 -5.50
C GLU G 185 -1.57 -25.64 -6.49
N PRO G 186 -1.45 -25.85 -7.79
CA PRO G 186 -2.42 -25.35 -8.75
C PRO G 186 -3.84 -25.77 -8.37
N ILE G 187 -4.74 -24.80 -8.34
CA ILE G 187 -6.14 -24.96 -8.00
C ILE G 187 -6.93 -24.50 -9.21
N PRO G 188 -8.00 -25.17 -9.65
CA PRO G 188 -8.79 -24.81 -10.81
C PRO G 188 -9.70 -23.61 -10.57
N ILE G 189 -9.06 -22.48 -10.37
CA ILE G 189 -9.69 -21.18 -10.17
C ILE G 189 -10.00 -20.63 -11.54
N HIS G 190 -11.19 -20.12 -11.74
CA HIS G 190 -11.56 -19.54 -13.01
C HIS G 190 -11.58 -18.05 -12.86
N TYR G 191 -11.89 -17.36 -13.92
CA TYR G 191 -11.95 -15.92 -13.85
C TYR G 191 -12.99 -15.47 -14.81
N CYS G 192 -13.46 -14.25 -14.64
CA CYS G 192 -14.40 -13.74 -15.62
C CYS G 192 -14.65 -12.24 -15.64
N ALA G 193 -15.39 -11.87 -16.66
CA ALA G 193 -15.72 -10.52 -17.04
C ALA G 193 -16.63 -9.75 -16.09
N PRO G 194 -16.38 -8.43 -15.94
CA PRO G 194 -17.16 -7.45 -15.22
C PRO G 194 -18.39 -7.07 -16.00
N ALA G 195 -19.28 -6.31 -15.37
CA ALA G 195 -20.47 -5.86 -16.03
C ALA G 195 -20.15 -5.14 -17.33
N GLY G 196 -20.90 -5.47 -18.37
CA GLY G 196 -20.72 -4.88 -19.69
C GLY G 196 -19.86 -5.74 -20.59
N PHE G 197 -19.36 -6.84 -20.07
CA PHE G 197 -18.53 -7.74 -20.82
C PHE G 197 -19.06 -9.17 -20.80
N ALA G 198 -18.69 -9.92 -21.82
CA ALA G 198 -19.10 -11.32 -21.99
C ALA G 198 -18.01 -12.13 -22.63
N ILE G 199 -18.02 -13.45 -22.46
CA ILE G 199 -16.99 -14.24 -23.08
C ILE G 199 -17.62 -15.15 -24.16
N LEU G 200 -17.03 -15.15 -25.35
CA LEU G 200 -17.53 -16.02 -26.42
C LEU G 200 -16.55 -17.17 -26.66
N LYS G 201 -17.06 -18.38 -26.94
CA LYS G 201 -16.18 -19.53 -27.19
C LYS G 201 -16.46 -20.28 -28.46
N CYS G 202 -15.41 -20.94 -28.95
CA CYS G 202 -15.51 -21.78 -30.13
C CYS G 202 -15.86 -23.22 -29.78
N ASN G 203 -16.89 -23.71 -30.44
CA ASN G 203 -17.37 -25.08 -30.36
C ASN G 203 -17.07 -25.72 -31.70
N ASP G 204 -16.20 -25.06 -32.44
CA ASP G 204 -15.75 -25.46 -33.76
C ASP G 204 -14.61 -26.44 -33.57
N LYS G 205 -14.88 -27.70 -33.90
CA LYS G 205 -13.92 -28.77 -33.69
C LYS G 205 -12.80 -28.67 -34.68
N LYS G 206 -11.58 -28.92 -34.20
CA LYS G 206 -10.41 -28.90 -35.04
C LYS G 206 -10.18 -27.55 -35.74
N PHE G 207 -10.42 -26.48 -35.00
CA PHE G 207 -10.18 -25.12 -35.46
C PHE G 207 -8.70 -24.93 -35.67
N ASN G 208 -8.30 -24.29 -36.76
CA ASN G 208 -6.88 -24.12 -37.13
C ASN G 208 -6.16 -23.06 -36.32
N GLY G 209 -6.90 -22.41 -35.45
CA GLY G 209 -6.38 -21.40 -34.58
C GLY G 209 -6.46 -20.00 -35.08
N THR G 210 -6.88 -19.84 -36.32
CA THR G 210 -6.99 -18.51 -36.87
C THR G 210 -8.15 -18.34 -37.85
N GLY G 211 -8.92 -17.29 -37.62
CA GLY G 211 -10.01 -16.98 -38.51
C GLY G 211 -11.32 -17.34 -37.84
N PRO G 212 -12.44 -17.28 -38.55
CA PRO G 212 -13.77 -17.52 -38.05
C PRO G 212 -14.00 -18.92 -37.47
N CYS G 213 -14.71 -18.99 -36.35
CA CYS G 213 -15.16 -20.24 -35.74
C CYS G 213 -16.58 -20.38 -36.18
N THR G 214 -16.92 -21.58 -36.64
CA THR G 214 -18.22 -21.96 -37.16
C THR G 214 -19.33 -21.92 -36.11
N ASN G 215 -19.01 -22.43 -34.94
CA ASN G 215 -19.97 -22.53 -33.87
C ASN G 215 -19.50 -21.76 -32.66
N VAL G 216 -20.18 -20.66 -32.39
CA VAL G 216 -19.79 -19.78 -31.30
C VAL G 216 -20.91 -19.70 -30.28
N SER G 217 -20.55 -19.86 -29.01
CA SER G 217 -21.52 -19.85 -27.91
C SER G 217 -21.02 -19.06 -26.71
N THR G 218 -21.84 -18.95 -25.65
CA THR G 218 -21.45 -18.10 -24.53
C THR G 218 -20.64 -18.76 -23.46
N VAL G 219 -19.87 -17.92 -22.83
CA VAL G 219 -19.17 -18.21 -21.62
C VAL G 219 -19.59 -17.15 -20.59
N GLN G 220 -20.18 -17.61 -19.48
CA GLN G 220 -20.58 -16.65 -18.45
C GLN G 220 -19.35 -16.34 -17.65
N CYS G 221 -18.57 -17.39 -17.44
CA CYS G 221 -17.29 -17.35 -16.79
C CYS G 221 -16.51 -18.50 -17.35
N THR G 222 -15.20 -18.50 -17.18
CA THR G 222 -14.40 -19.54 -17.77
C THR G 222 -14.33 -20.78 -16.93
N HIS G 223 -13.73 -21.79 -17.52
CA HIS G 223 -13.42 -23.03 -16.89
C HIS G 223 -12.30 -22.73 -15.91
N GLY G 224 -12.23 -23.48 -14.80
CA GLY G 224 -11.14 -23.29 -13.87
C GLY G 224 -9.81 -23.72 -14.47
N ILE G 225 -8.78 -22.99 -14.13
CA ILE G 225 -7.44 -23.26 -14.62
C ILE G 225 -6.44 -23.49 -13.52
N ARG G 226 -5.72 -24.58 -13.66
CA ARG G 226 -4.64 -24.99 -12.77
C ARG G 226 -3.33 -24.65 -13.49
N PRO G 227 -2.59 -23.61 -13.09
CA PRO G 227 -1.38 -23.15 -13.75
C PRO G 227 -0.28 -24.18 -13.84
N VAL G 228 0.39 -24.16 -14.96
CA VAL G 228 1.54 -24.99 -15.20
C VAL G 228 2.71 -24.05 -15.14
N VAL G 229 3.65 -24.36 -14.28
CA VAL G 229 4.78 -23.49 -13.99
C VAL G 229 6.08 -23.94 -14.62
N SER G 230 6.02 -24.98 -15.44
CA SER G 230 7.22 -25.53 -16.03
C SER G 230 7.19 -25.75 -17.55
N THR G 231 8.35 -26.17 -18.05
CA THR G 231 8.59 -26.43 -19.47
C THR G 231 8.25 -27.82 -19.97
N GLN G 232 8.36 -28.00 -21.29
CA GLN G 232 8.19 -29.26 -22.01
C GLN G 232 6.81 -29.92 -21.96
N LEU G 233 6.36 -30.28 -20.78
CA LEU G 233 5.07 -30.93 -20.64
C LEU G 233 4.02 -30.02 -20.10
N LEU G 234 2.78 -30.35 -20.37
CA LEU G 234 1.68 -29.66 -19.77
C LEU G 234 0.90 -30.71 -19.01
N LEU G 235 0.93 -30.59 -17.69
CA LEU G 235 0.32 -31.62 -16.87
C LEU G 235 -0.94 -31.17 -16.19
N ASN G 236 -1.83 -32.12 -15.97
CA ASN G 236 -3.03 -31.93 -15.18
C ASN G 236 -3.94 -30.81 -15.72
N GLY G 237 -4.04 -30.65 -17.04
CA GLY G 237 -4.89 -29.65 -17.67
C GLY G 237 -6.06 -30.32 -18.38
N SER G 238 -6.50 -29.72 -19.48
CA SER G 238 -7.64 -30.26 -20.23
C SER G 238 -7.17 -31.04 -21.45
N LEU G 239 -8.04 -31.91 -21.96
CA LEU G 239 -7.78 -32.73 -23.15
C LEU G 239 -8.56 -32.34 -24.39
N ALA G 240 -7.97 -32.70 -25.52
CA ALA G 240 -8.51 -32.57 -26.85
C ALA G 240 -9.56 -33.63 -27.06
N GLU G 241 -10.48 -33.41 -27.98
CA GLU G 241 -11.39 -34.50 -28.25
C GLU G 241 -10.89 -35.29 -29.44
N GLU G 242 -11.08 -36.60 -29.38
CA GLU G 242 -10.78 -37.55 -30.46
C GLU G 242 -9.30 -37.78 -30.78
N GLU G 243 -8.58 -36.72 -31.13
CA GLU G 243 -7.19 -36.82 -31.56
C GLU G 243 -6.31 -35.74 -30.97
N VAL G 244 -5.01 -35.96 -30.95
CA VAL G 244 -4.11 -34.96 -30.41
C VAL G 244 -4.12 -33.79 -31.38
N VAL G 245 -4.14 -32.58 -30.86
CA VAL G 245 -4.20 -31.38 -31.68
C VAL G 245 -2.93 -30.56 -31.65
N ILE G 246 -2.36 -30.33 -32.82
CA ILE G 246 -1.09 -29.61 -32.89
C ILE G 246 -1.30 -28.24 -33.53
N ARG G 247 -0.95 -27.18 -32.80
CA ARG G 247 -1.15 -25.82 -33.31
C ARG G 247 0.01 -24.83 -33.11
N SER G 248 0.11 -23.90 -34.06
CA SER G 248 1.09 -22.81 -34.03
C SER G 248 0.60 -21.57 -34.73
N ALA G 249 1.11 -20.43 -34.28
CA ALA G 249 0.86 -19.14 -34.90
C ALA G 249 1.37 -19.15 -36.33
N ASN G 250 2.41 -19.93 -36.52
CA ASN G 250 3.09 -20.11 -37.79
C ASN G 250 3.83 -21.45 -37.70
N PHE G 251 3.47 -22.38 -38.58
CA PHE G 251 4.07 -23.72 -38.53
C PHE G 251 5.33 -23.84 -39.38
N THR G 252 5.65 -22.80 -40.14
CA THR G 252 6.83 -22.82 -40.99
C THR G 252 7.91 -21.96 -40.37
N ASP G 253 7.50 -21.07 -39.48
CA ASP G 253 8.42 -20.22 -38.76
C ASP G 253 8.98 -21.00 -37.58
N ASN G 254 10.26 -21.34 -37.65
CA ASN G 254 10.86 -22.18 -36.63
C ASN G 254 11.03 -21.44 -35.31
N ALA G 255 10.80 -20.13 -35.33
CA ALA G 255 10.90 -19.34 -34.12
C ALA G 255 9.70 -19.60 -33.22
N LYS G 256 8.66 -20.23 -33.76
CA LYS G 256 7.47 -20.49 -32.98
C LYS G 256 7.53 -21.86 -32.35
N ILE G 257 6.84 -22.01 -31.25
CA ILE G 257 6.72 -23.29 -30.56
C ILE G 257 5.36 -23.88 -30.89
N ILE G 258 5.33 -25.18 -31.17
CA ILE G 258 4.07 -25.81 -31.54
C ILE G 258 3.52 -26.51 -30.32
N ILE G 259 2.24 -26.33 -30.07
CA ILE G 259 1.70 -26.94 -28.89
C ILE G 259 0.80 -28.09 -29.23
N VAL G 260 0.98 -29.17 -28.51
CA VAL G 260 0.20 -30.35 -28.73
C VAL G 260 -0.74 -30.63 -27.57
N GLN G 261 -2.03 -30.65 -27.83
CA GLN G 261 -2.99 -31.00 -26.79
C GLN G 261 -3.27 -32.47 -26.95
N LEU G 262 -3.26 -33.24 -25.86
CA LEU G 262 -3.51 -34.66 -26.03
C LEU G 262 -4.98 -34.95 -25.97
N ASN G 263 -5.43 -35.98 -26.68
CA ASN G 263 -6.82 -36.45 -26.56
C ASN G 263 -7.03 -37.39 -25.39
N LYS G 264 -5.98 -38.08 -25.05
CA LYS G 264 -5.96 -39.05 -23.98
C LYS G 264 -4.72 -38.78 -23.16
N SER G 265 -4.85 -38.77 -21.85
CA SER G 265 -3.74 -38.44 -20.98
C SER G 265 -2.84 -39.61 -20.62
N VAL G 266 -1.65 -39.27 -20.11
CA VAL G 266 -0.68 -40.29 -19.68
C VAL G 266 -0.42 -40.21 -18.18
N GLU G 267 -0.63 -41.31 -17.48
CA GLU G 267 -0.49 -41.33 -16.02
C GLU G 267 0.94 -41.26 -15.46
N ILE G 268 1.11 -40.35 -14.47
CA ILE G 268 2.35 -40.16 -13.72
C ILE G 268 2.13 -40.32 -12.20
N ASN G 269 2.93 -41.17 -11.56
CA ASN G 269 2.88 -41.34 -10.10
C ASN G 269 4.26 -41.19 -9.48
N CYS G 270 4.49 -40.10 -8.74
CA CYS G 270 5.81 -39.84 -8.19
C CYS G 270 5.91 -40.23 -6.73
N THR G 271 7.09 -40.72 -6.38
CA THR G 271 7.45 -41.21 -5.06
C THR G 271 8.57 -40.42 -4.39
N ARG G 272 8.32 -40.15 -3.13
CA ARG G 272 9.16 -39.46 -2.18
C ARG G 272 10.52 -40.07 -1.92
N PRO G 273 11.58 -39.26 -1.75
CA PRO G 273 12.89 -39.70 -1.34
C PRO G 273 12.95 -40.17 0.11
N ASN G 274 12.03 -39.68 0.94
CA ASN G 274 12.04 -40.05 2.34
C ASN G 274 10.71 -39.74 2.98
N ASN G 275 10.56 -40.10 4.25
CA ASN G 275 9.36 -39.79 5.00
C ASN G 275 9.69 -39.32 6.41
N ASN G 276 10.03 -38.04 6.58
CA ASN G 276 10.44 -37.63 7.94
C ASN G 276 10.25 -36.15 8.30
N THR G 277 11.33 -35.33 8.33
CA THR G 277 11.08 -33.96 8.77
C THR G 277 11.95 -32.85 8.20
N ARG G 278 11.76 -31.68 8.80
CA ARG G 278 12.42 -30.44 8.45
C ARG G 278 12.85 -29.70 9.71
N LYS G 279 13.85 -28.84 9.57
CA LYS G 279 14.40 -28.04 10.65
C LYS G 279 14.37 -26.59 10.34
N SER G 280 14.42 -25.76 11.38
CA SER G 280 14.49 -24.35 11.11
C SER G 280 15.37 -23.56 12.03
N ILE G 281 15.82 -22.43 11.50
CA ILE G 281 16.66 -21.50 12.19
C ILE G 281 15.83 -20.38 12.74
N HIS G 282 15.98 -20.11 14.03
CA HIS G 282 15.25 -19.01 14.60
C HIS G 282 16.00 -17.78 14.20
N ILE G 283 15.36 -16.90 13.46
CA ILE G 283 15.98 -15.69 12.98
C ILE G 283 15.64 -14.58 13.97
N GLY G 284 14.37 -14.56 14.34
CA GLY G 284 13.82 -13.54 15.21
C GLY G 284 12.42 -13.93 15.65
N PRO G 285 11.66 -13.06 16.33
CA PRO G 285 10.39 -13.36 16.97
C PRO G 285 9.29 -13.98 16.11
N GLY G 286 9.28 -13.68 14.83
CA GLY G 286 8.28 -14.24 13.95
C GLY G 286 8.99 -14.65 12.69
N ARG G 287 10.28 -14.89 12.81
CA ARG G 287 11.08 -15.17 11.65
C ARG G 287 11.85 -16.48 11.74
N ALA G 288 11.53 -17.41 10.84
CA ALA G 288 12.16 -18.72 10.77
C ALA G 288 12.60 -19.11 9.38
N PHE G 289 13.70 -19.84 9.28
CA PHE G 289 14.13 -20.36 7.99
C PHE G 289 14.22 -21.86 7.95
N TYR G 290 13.57 -22.49 6.98
CA TYR G 290 13.60 -23.95 6.90
C TYR G 290 14.56 -24.58 5.90
N THR G 291 15.19 -25.67 6.38
CA THR G 291 16.11 -26.57 5.70
C THR G 291 15.71 -28.04 5.92
N THR G 292 16.32 -28.99 5.20
CA THR G 292 15.94 -30.39 5.33
C THR G 292 16.42 -30.98 6.67
N GLY G 293 15.53 -31.78 7.31
CA GLY G 293 15.81 -32.39 8.60
C GLY G 293 16.19 -33.85 8.46
N GLU G 294 15.93 -34.64 9.48
CA GLU G 294 16.33 -36.03 9.48
C GLU G 294 15.66 -36.79 8.35
N ILE G 295 16.40 -37.77 7.83
CA ILE G 295 15.97 -38.60 6.73
C ILE G 295 15.64 -40.04 7.13
N ILE G 296 14.47 -40.49 6.73
CA ILE G 296 14.06 -41.88 6.90
C ILE G 296 13.85 -42.49 5.54
N GLY G 297 14.69 -43.47 5.21
CA GLY G 297 14.66 -44.14 3.92
C GLY G 297 15.90 -43.84 3.09
N ASP G 298 16.02 -44.55 1.96
CA ASP G 298 17.12 -44.39 1.03
C ASP G 298 16.76 -43.27 0.09
N ILE G 299 17.37 -42.13 0.32
CA ILE G 299 17.06 -40.86 -0.33
C ILE G 299 17.20 -40.90 -1.85
N ARG G 300 17.94 -41.88 -2.38
CA ARG G 300 18.12 -41.97 -3.83
C ARG G 300 16.88 -42.48 -4.52
N GLN G 301 15.93 -42.96 -3.74
CA GLN G 301 14.70 -43.56 -4.23
C GLN G 301 13.74 -42.57 -4.86
N ALA G 302 13.89 -41.25 -4.67
CA ALA G 302 12.87 -40.41 -5.30
C ALA G 302 12.79 -40.73 -6.79
N HIS G 303 11.57 -40.91 -7.28
CA HIS G 303 11.36 -41.24 -8.69
C HIS G 303 9.95 -40.95 -9.22
N CYS G 304 9.80 -40.88 -10.54
CA CYS G 304 8.46 -40.81 -11.13
C CYS G 304 8.16 -41.96 -12.05
N ASN G 305 7.08 -42.66 -11.74
CA ASN G 305 6.63 -43.82 -12.47
C ASN G 305 5.60 -43.41 -13.53
N ILE G 306 6.00 -43.50 -14.79
CA ILE G 306 5.17 -43.02 -15.88
C ILE G 306 4.88 -44.18 -16.83
N SER G 307 3.61 -44.39 -17.20
CA SER G 307 3.39 -45.51 -18.10
C SER G 307 4.15 -45.31 -19.41
N GLY G 308 4.99 -46.29 -19.75
CA GLY G 308 5.85 -46.26 -20.92
C GLY G 308 5.00 -46.48 -22.12
N THR G 309 4.11 -47.45 -22.02
CA THR G 309 3.24 -47.78 -23.11
C THR G 309 2.37 -46.61 -23.46
N LYS G 310 1.76 -45.96 -22.47
CA LYS G 310 0.90 -44.86 -22.83
C LYS G 310 1.70 -43.73 -23.42
N TRP G 311 2.88 -43.44 -22.88
CA TRP G 311 3.68 -42.38 -23.45
C TRP G 311 4.03 -42.69 -24.89
N ASN G 312 4.41 -43.93 -25.17
CA ASN G 312 4.81 -44.30 -26.50
C ASN G 312 3.65 -44.25 -27.47
N ASP G 313 2.46 -44.65 -27.02
CA ASP G 313 1.30 -44.61 -27.91
C ASP G 313 0.90 -43.17 -28.14
N THR G 314 1.08 -42.35 -27.12
CA THR G 314 0.77 -40.95 -27.23
C THR G 314 1.67 -40.34 -28.29
N LEU G 315 2.95 -40.68 -28.25
CA LEU G 315 3.85 -40.15 -29.24
C LEU G 315 3.47 -40.65 -30.61
N LYS G 316 3.06 -41.91 -30.74
CA LYS G 316 2.71 -42.38 -32.07
C LYS G 316 1.65 -41.49 -32.69
N GLN G 317 0.65 -41.09 -31.90
CA GLN G 317 -0.41 -40.23 -32.44
C GLN G 317 0.12 -38.84 -32.80
N ILE G 318 1.05 -38.34 -32.00
CA ILE G 318 1.64 -37.03 -32.23
C ILE G 318 2.46 -37.04 -33.48
N VAL G 319 3.24 -38.10 -33.66
CA VAL G 319 4.07 -38.24 -34.82
C VAL G 319 3.22 -38.27 -36.06
N VAL G 320 2.09 -38.99 -36.01
CA VAL G 320 1.24 -39.03 -37.18
C VAL G 320 0.70 -37.66 -37.49
N LYS G 321 0.23 -36.92 -36.49
CA LYS G 321 -0.28 -35.61 -36.81
C LYS G 321 0.82 -34.72 -37.35
N LEU G 322 2.04 -34.85 -36.82
CA LEU G 322 3.09 -34.03 -37.36
C LEU G 322 3.35 -34.41 -38.80
N LYS G 323 3.33 -35.70 -39.14
CA LYS G 323 3.58 -36.10 -40.53
C LYS G 323 2.55 -35.45 -41.47
N GLU G 324 1.28 -35.43 -41.01
CA GLU G 324 0.21 -34.84 -41.80
C GLU G 324 0.47 -33.38 -42.08
N GLN G 325 1.08 -32.69 -41.12
CA GLN G 325 1.35 -31.26 -41.24
C GLN G 325 2.50 -30.92 -42.17
N PHE G 326 3.29 -31.91 -42.62
CA PHE G 326 4.37 -31.61 -43.54
C PHE G 326 3.99 -32.16 -44.88
N GLY G 327 3.02 -33.07 -44.89
CA GLY G 327 2.58 -33.70 -46.11
C GLY G 327 3.47 -34.85 -46.55
N ASN G 328 4.18 -35.48 -45.59
CA ASN G 328 5.06 -36.56 -46.01
C ASN G 328 5.32 -37.55 -44.88
N LYS G 329 6.09 -38.59 -45.17
CA LYS G 329 6.45 -39.55 -44.14
C LYS G 329 7.68 -39.06 -43.43
N THR G 330 7.49 -38.04 -42.62
CA THR G 330 8.61 -37.44 -41.97
C THR G 330 9.03 -38.12 -40.70
N ILE G 331 10.24 -37.78 -40.33
CA ILE G 331 10.92 -38.15 -39.12
C ILE G 331 10.94 -36.92 -38.27
N VAL G 332 10.44 -37.01 -37.06
CA VAL G 332 10.41 -35.85 -36.19
C VAL G 332 11.22 -36.20 -34.95
N PHE G 333 12.52 -35.96 -35.05
CA PHE G 333 13.49 -36.45 -34.08
C PHE G 333 13.67 -35.69 -32.78
N ASN G 334 13.68 -36.43 -31.67
CA ASN G 334 13.87 -35.83 -30.37
C ASN G 334 15.30 -35.55 -29.96
N HIS G 335 15.89 -34.56 -30.60
CA HIS G 335 17.24 -34.13 -30.29
C HIS G 335 17.19 -33.38 -28.96
N SER G 336 18.19 -33.55 -28.11
CA SER G 336 18.22 -32.87 -26.82
C SER G 336 18.19 -31.33 -26.93
N SER G 337 17.49 -30.72 -25.96
CA SER G 337 17.25 -29.28 -25.84
C SER G 337 17.41 -28.79 -24.40
N GLY G 338 17.38 -27.47 -24.23
CA GLY G 338 17.46 -26.82 -22.93
C GLY G 338 18.84 -26.21 -22.65
N GLY G 339 19.71 -26.95 -21.96
CA GLY G 339 21.07 -26.45 -21.62
C GLY G 339 21.12 -25.86 -20.21
N ASP G 340 20.01 -25.97 -19.51
CA ASP G 340 19.77 -25.51 -18.15
C ASP G 340 18.61 -26.32 -17.61
N PRO G 341 18.75 -27.09 -16.52
CA PRO G 341 17.72 -27.97 -15.97
C PRO G 341 16.35 -27.33 -15.88
N GLU G 342 16.28 -26.03 -15.62
CA GLU G 342 14.97 -25.40 -15.51
C GLU G 342 14.20 -25.40 -16.84
N ILE G 343 14.92 -25.55 -17.95
CA ILE G 343 14.37 -25.61 -19.29
C ILE G 343 14.68 -26.94 -20.01
N VAL G 344 15.17 -27.94 -19.26
CA VAL G 344 15.47 -29.28 -19.78
C VAL G 344 14.45 -30.23 -19.26
N MET G 345 14.15 -30.08 -17.99
CA MET G 345 13.21 -30.92 -17.32
C MET G 345 11.88 -30.26 -17.06
N HIS G 346 10.80 -31.00 -17.25
CA HIS G 346 9.51 -30.52 -16.78
C HIS G 346 9.50 -30.69 -15.29
N SER G 347 10.09 -29.76 -14.60
CA SER G 347 10.17 -29.84 -13.17
C SER G 347 8.79 -29.57 -12.68
N PHE G 348 8.51 -29.91 -11.45
CA PHE G 348 7.19 -29.59 -10.96
C PHE G 348 7.14 -29.31 -9.49
N ASN G 349 6.23 -28.42 -9.10
CA ASN G 349 6.08 -28.01 -7.72
C ASN G 349 5.11 -28.86 -6.90
N CYS G 350 5.44 -30.12 -6.74
CA CYS G 350 4.55 -30.98 -5.99
C CYS G 350 4.58 -30.61 -4.52
N GLY G 351 3.45 -30.14 -3.99
CA GLY G 351 3.41 -29.73 -2.60
C GLY G 351 4.04 -28.35 -2.46
N GLY G 352 4.34 -27.73 -3.61
CA GLY G 352 4.99 -26.46 -3.68
C GLY G 352 6.52 -26.60 -3.81
N GLU G 353 7.05 -27.82 -3.69
CA GLU G 353 8.50 -28.01 -3.78
C GLU G 353 8.85 -28.53 -5.15
N PHE G 354 9.96 -28.04 -5.73
CA PHE G 354 10.31 -28.51 -7.07
C PHE G 354 11.16 -29.72 -7.24
N PHE G 355 10.59 -30.63 -7.99
CA PHE G 355 11.20 -31.89 -8.33
C PHE G 355 11.65 -31.87 -9.76
N TYR G 356 12.80 -32.46 -9.99
CA TYR G 356 13.39 -32.59 -11.32
C TYR G 356 13.68 -34.05 -11.54
N CYS G 357 13.44 -34.56 -12.71
CA CYS G 357 13.70 -35.95 -12.95
C CYS G 357 14.51 -36.13 -14.24
N ASN G 358 14.00 -36.87 -15.20
CA ASN G 358 14.73 -37.01 -16.46
C ASN G 358 13.77 -37.04 -17.65
N SER G 359 13.52 -35.86 -18.23
CA SER G 359 12.54 -35.72 -19.31
C SER G 359 13.03 -36.33 -20.59
N THR G 360 14.35 -36.54 -20.67
CA THR G 360 14.99 -37.10 -21.84
C THR G 360 15.07 -38.61 -21.72
N GLN G 361 14.61 -39.14 -20.58
CA GLN G 361 14.51 -40.56 -20.40
C GLN G 361 13.14 -40.96 -20.85
N LEU G 362 12.13 -40.15 -20.45
CA LEU G 362 10.76 -40.43 -20.82
C LEU G 362 10.65 -40.29 -22.33
N PHE G 363 11.18 -39.19 -22.85
CA PHE G 363 11.17 -38.99 -24.27
C PHE G 363 12.61 -38.90 -24.70
N ASN G 364 13.12 -40.05 -25.10
CA ASN G 364 14.50 -40.21 -25.48
C ASN G 364 14.63 -39.92 -26.97
N SER G 365 15.82 -40.15 -27.52
CA SER G 365 16.13 -39.82 -28.92
C SER G 365 15.44 -40.73 -29.94
N THR G 366 14.13 -40.59 -30.01
CA THR G 366 13.21 -41.33 -30.85
C THR G 366 12.19 -40.43 -31.50
N TRP G 367 11.15 -41.04 -32.07
CA TRP G 367 10.09 -40.34 -32.77
C TRP G 367 9.07 -41.33 -33.29
N THR G 378 6.88 -49.69 -18.46
CA THR G 378 6.89 -48.61 -17.48
C THR G 378 8.23 -47.91 -17.50
N ILE G 379 8.20 -46.58 -17.47
CA ILE G 379 9.41 -45.80 -17.42
C ILE G 379 9.51 -45.13 -16.07
N VAL G 380 10.61 -45.38 -15.36
CA VAL G 380 10.73 -44.75 -14.06
C VAL G 380 11.89 -43.77 -14.05
N LEU G 381 11.57 -42.51 -13.81
CA LEU G 381 12.57 -41.47 -13.87
C LEU G 381 13.13 -41.26 -12.49
N PRO G 382 14.44 -41.12 -12.30
CA PRO G 382 15.05 -40.82 -11.03
C PRO G 382 14.71 -39.40 -10.75
N CYS G 383 14.57 -39.00 -9.50
CA CYS G 383 14.29 -37.60 -9.23
C CYS G 383 15.20 -36.93 -8.20
N ARG G 384 15.32 -35.60 -8.34
CA ARG G 384 16.09 -34.70 -7.48
C ARG G 384 15.26 -33.51 -7.03
N ILE G 385 15.67 -32.90 -5.93
CA ILE G 385 14.97 -31.74 -5.41
C ILE G 385 15.79 -30.46 -5.41
N LYS G 386 15.18 -29.39 -5.90
CA LYS G 386 15.84 -28.10 -5.91
C LYS G 386 14.94 -27.08 -5.23
N GLN G 387 15.42 -26.43 -4.18
CA GLN G 387 14.56 -25.46 -3.51
C GLN G 387 14.61 -24.07 -4.09
N ILE G 388 15.69 -23.70 -4.76
CA ILE G 388 15.74 -22.34 -5.29
C ILE G 388 15.47 -22.39 -6.79
N VAL G 389 14.28 -21.98 -7.20
CA VAL G 389 13.92 -22.12 -8.61
C VAL G 389 13.50 -20.82 -9.26
N ASN G 390 14.12 -20.49 -10.40
CA ASN G 390 13.84 -19.22 -11.08
C ASN G 390 12.38 -19.05 -11.43
N MET G 391 11.83 -17.90 -11.06
CA MET G 391 10.46 -17.55 -11.36
C MET G 391 10.32 -17.04 -12.76
N TRP G 392 9.08 -16.95 -13.19
CA TRP G 392 8.73 -16.43 -14.50
C TRP G 392 8.67 -14.91 -14.50
N GLN G 393 8.89 -14.34 -13.33
CA GLN G 393 8.89 -12.91 -13.08
C GLN G 393 10.12 -12.27 -13.72
N GLU G 394 9.93 -11.09 -14.29
CA GLU G 394 10.95 -10.31 -15.01
C GLU G 394 12.16 -9.90 -14.17
N VAL G 395 12.04 -10.02 -12.87
CA VAL G 395 13.12 -9.66 -11.96
C VAL G 395 14.26 -10.66 -12.03
N GLY G 396 13.99 -11.88 -12.53
CA GLY G 396 15.02 -12.90 -12.66
C GLY G 396 15.38 -13.53 -11.33
N LYS G 397 14.43 -13.55 -10.41
CA LYS G 397 14.66 -14.09 -9.09
C LYS G 397 13.96 -15.40 -8.95
N ALA G 398 14.53 -16.24 -8.14
CA ALA G 398 13.98 -17.51 -7.76
C ALA G 398 13.01 -17.40 -6.61
N MET G 399 12.17 -18.40 -6.54
CA MET G 399 11.29 -18.60 -5.42
C MET G 399 11.95 -19.68 -4.58
N TYR G 400 11.87 -19.59 -3.26
CA TYR G 400 12.43 -20.65 -2.46
C TYR G 400 11.35 -21.57 -2.00
N ALA G 401 11.54 -22.86 -2.20
CA ALA G 401 10.57 -23.82 -1.73
C ALA G 401 10.95 -24.29 -0.36
N PRO G 402 10.06 -24.28 0.62
CA PRO G 402 10.38 -24.75 1.93
C PRO G 402 10.47 -26.26 1.79
N PRO G 403 11.24 -26.93 2.64
CA PRO G 403 11.29 -28.36 2.80
C PRO G 403 9.93 -28.84 3.26
N ILE G 404 9.59 -30.05 2.89
CA ILE G 404 8.34 -30.65 3.28
C ILE G 404 8.57 -31.80 4.25
N LYS G 405 7.86 -31.76 5.36
CA LYS G 405 7.97 -32.78 6.39
C LYS G 405 7.15 -33.97 5.94
N GLY G 406 7.42 -35.15 6.50
CA GLY G 406 6.68 -36.30 6.07
C GLY G 406 7.17 -36.70 4.68
N GLN G 407 6.23 -37.05 3.80
CA GLN G 407 6.60 -37.55 2.49
C GLN G 407 5.82 -36.94 1.34
N ILE G 408 6.49 -36.96 0.20
CA ILE G 408 5.99 -36.52 -1.09
C ILE G 408 5.31 -37.59 -1.93
N ARG G 409 4.08 -37.34 -2.29
CA ARG G 409 3.37 -38.23 -3.18
C ARG G 409 2.71 -37.35 -4.20
N CYS G 410 2.90 -37.65 -5.46
CA CYS G 410 2.34 -36.75 -6.46
C CYS G 410 1.68 -37.53 -7.57
N SER G 411 0.54 -37.06 -8.04
CA SER G 411 -0.02 -37.70 -9.19
C SER G 411 -0.77 -36.73 -10.05
N SER G 412 -0.65 -36.95 -11.34
CA SER G 412 -1.33 -36.18 -12.37
C SER G 412 -1.20 -36.93 -13.67
N ASN G 413 -1.92 -36.51 -14.69
CA ASN G 413 -1.73 -37.12 -15.97
C ASN G 413 -1.15 -36.08 -16.94
N ILE G 414 -0.43 -36.51 -17.97
CA ILE G 414 0.08 -35.57 -18.97
C ILE G 414 -1.09 -35.21 -19.84
N THR G 415 -1.35 -33.92 -20.05
CA THR G 415 -2.46 -33.50 -20.88
C THR G 415 -2.02 -32.77 -22.16
N GLY G 416 -0.71 -32.43 -22.25
CA GLY G 416 -0.16 -31.77 -23.42
C GLY G 416 1.37 -31.79 -23.44
N LEU G 417 1.91 -31.34 -24.58
CA LEU G 417 3.35 -31.30 -24.87
C LEU G 417 3.72 -30.08 -25.72
N ILE G 418 4.74 -29.34 -25.32
CA ILE G 418 5.16 -28.21 -26.14
C ILE G 418 6.47 -28.57 -26.86
N LEU G 419 6.48 -28.45 -28.19
CA LEU G 419 7.63 -28.84 -29.03
C LEU G 419 8.30 -27.74 -29.83
N ILE G 420 9.60 -27.92 -30.04
CA ILE G 420 10.41 -27.00 -30.81
C ILE G 420 11.28 -27.69 -31.87
N ARG G 421 11.43 -27.03 -33.03
CA ARG G 421 12.29 -27.46 -34.12
C ARG G 421 12.95 -26.27 -34.77
N ASP G 422 14.28 -26.23 -34.82
CA ASP G 422 14.99 -25.13 -35.47
C ASP G 422 16.43 -25.58 -35.82
N GLY G 423 17.19 -24.67 -36.43
CA GLY G 423 18.62 -24.83 -36.76
C GLY G 423 18.97 -25.07 -38.23
N GLY G 424 17.99 -25.43 -39.06
CA GLY G 424 18.25 -25.64 -40.49
C GLY G 424 18.84 -27.01 -40.79
N LYS G 425 18.92 -27.85 -39.77
CA LYS G 425 19.51 -29.17 -39.91
C LYS G 425 18.50 -30.12 -40.51
N ASN G 426 18.34 -29.99 -41.82
CA ASN G 426 17.36 -30.76 -42.56
C ASN G 426 17.97 -31.49 -43.75
N ARG G 427 17.92 -30.86 -44.95
CA ARG G 427 18.42 -31.41 -46.22
C ARG G 427 17.58 -32.57 -46.80
N SER G 428 16.42 -32.84 -46.20
CA SER G 428 15.51 -33.88 -46.70
C SER G 428 14.05 -33.57 -46.40
N GLU G 429 13.17 -33.84 -47.36
CA GLU G 429 11.75 -33.58 -47.14
C GLU G 429 11.15 -34.49 -46.08
N ASN G 430 11.85 -35.57 -45.74
CA ASN G 430 11.36 -36.48 -44.72
C ASN G 430 12.00 -36.21 -43.37
N THR G 431 12.78 -35.14 -43.21
CA THR G 431 13.44 -34.95 -41.93
C THR G 431 13.12 -33.65 -41.22
N GLU G 432 12.75 -33.81 -39.97
CA GLU G 432 12.42 -32.75 -39.04
C GLU G 432 12.98 -33.13 -37.66
N ILE G 433 13.23 -32.13 -36.83
CA ILE G 433 13.71 -32.41 -35.48
C ILE G 433 12.82 -31.79 -34.43
N PHE G 434 11.83 -32.54 -33.96
CA PHE G 434 10.94 -32.03 -32.95
C PHE G 434 11.20 -32.66 -31.62
N ARG G 435 11.49 -31.80 -30.68
CA ARG G 435 11.84 -32.18 -29.34
C ARG G 435 11.14 -31.27 -28.38
N PRO G 436 10.96 -31.64 -27.11
CA PRO G 436 10.35 -30.80 -26.12
C PRO G 436 11.01 -29.45 -26.07
N GLY G 437 10.17 -28.43 -26.09
CA GLY G 437 10.51 -27.03 -26.04
C GLY G 437 9.84 -26.40 -24.84
N GLY G 438 9.43 -25.15 -25.00
CA GLY G 438 8.81 -24.45 -23.90
C GLY G 438 8.53 -23.01 -24.25
N GLY G 439 7.87 -22.34 -23.32
CA GLY G 439 7.45 -20.95 -23.46
C GLY G 439 7.06 -20.44 -22.10
N ASP G 440 6.22 -19.41 -22.06
CA ASP G 440 5.85 -18.76 -20.82
C ASP G 440 4.68 -19.47 -20.11
N MET G 441 4.28 -18.97 -18.94
CA MET G 441 3.11 -19.50 -18.26
C MET G 441 1.95 -19.05 -19.06
N ARG G 442 2.14 -17.92 -19.73
CA ARG G 442 1.12 -17.38 -20.59
C ARG G 442 0.82 -18.38 -21.69
N ASP G 443 1.83 -19.05 -22.17
CA ASP G 443 1.64 -19.93 -23.28
C ASP G 443 1.03 -21.23 -22.80
N ASN G 444 1.32 -21.59 -21.56
CA ASN G 444 0.70 -22.78 -20.99
C ASN G 444 -0.79 -22.53 -20.70
N TRP G 445 -1.12 -21.32 -20.24
CA TRP G 445 -2.51 -20.95 -19.93
C TRP G 445 -3.35 -20.86 -21.17
N ARG G 446 -2.70 -20.55 -22.28
CA ARG G 446 -3.39 -20.47 -23.54
C ARG G 446 -4.14 -21.77 -23.82
N SER G 447 -3.68 -22.92 -23.29
CA SER G 447 -4.37 -24.15 -23.62
C SER G 447 -5.87 -24.03 -23.38
N GLU G 448 -6.28 -23.35 -22.31
CA GLU G 448 -7.71 -23.19 -22.07
C GLU G 448 -8.22 -21.96 -22.84
N LEU G 449 -7.42 -20.90 -22.87
CA LEU G 449 -7.85 -19.61 -23.43
C LEU G 449 -7.93 -19.60 -24.94
N TYR G 450 -7.37 -20.62 -25.54
CA TYR G 450 -7.38 -20.83 -26.98
C TYR G 450 -8.80 -20.98 -27.49
N LYS G 451 -9.72 -21.38 -26.62
CA LYS G 451 -11.09 -21.60 -27.01
C LYS G 451 -11.99 -20.37 -26.89
N TYR G 452 -11.51 -19.25 -26.36
CA TYR G 452 -12.42 -18.12 -26.18
C TYR G 452 -11.84 -16.71 -26.18
N LYS G 453 -12.72 -15.75 -26.35
CA LYS G 453 -12.40 -14.33 -26.39
C LYS G 453 -13.34 -13.52 -25.52
N VAL G 454 -12.81 -12.51 -24.84
CA VAL G 454 -13.67 -11.66 -24.04
C VAL G 454 -14.02 -10.45 -24.88
N VAL G 455 -15.31 -10.13 -24.93
CA VAL G 455 -15.77 -9.02 -25.72
C VAL G 455 -16.60 -8.04 -24.91
N LYS G 456 -16.61 -6.81 -25.38
CA LYS G 456 -17.34 -5.70 -24.82
C LYS G 456 -18.71 -5.63 -25.42
N ILE G 457 -19.70 -5.53 -24.57
CA ILE G 457 -21.07 -5.44 -25.02
C ILE G 457 -21.35 -4.00 -25.38
N GLU G 458 -21.82 -3.76 -26.60
CA GLU G 458 -22.10 -2.41 -27.04
C GLU G 458 -23.54 -2.27 -27.56
N PRO G 459 -24.13 -1.05 -27.51
CA PRO G 459 -25.40 -0.65 -28.08
C PRO G 459 -25.23 -0.51 -29.57
N LEU G 460 -26.34 -0.49 -30.27
CA LEU G 460 -26.38 -0.36 -31.70
C LEU G 460 -26.88 0.98 -32.18
N GLY G 461 -26.85 1.14 -33.50
CA GLY G 461 -27.24 2.34 -34.19
C GLY G 461 -28.65 2.30 -34.71
N ILE G 462 -28.76 2.59 -35.99
CA ILE G 462 -30.00 2.90 -36.63
C ILE G 462 -30.84 1.74 -37.18
N ALA G 463 -32.14 1.83 -37.04
CA ALA G 463 -33.05 0.82 -37.61
C ALA G 463 -34.08 1.56 -38.43
N PRO G 464 -33.67 2.11 -39.58
CA PRO G 464 -34.39 3.11 -40.34
C PRO G 464 -35.55 2.48 -41.03
N THR G 465 -36.63 3.22 -41.20
CA THR G 465 -37.75 2.69 -41.97
C THR G 465 -38.67 3.77 -42.49
N LYS G 466 -39.77 3.37 -43.12
CA LYS G 466 -40.67 4.31 -43.81
C LYS G 466 -41.53 5.16 -42.88
N ALA G 467 -41.50 4.83 -41.60
CA ALA G 467 -42.33 5.44 -40.61
C ALA G 467 -42.01 6.89 -40.35
N LYS G 468 -42.98 7.59 -39.79
CA LYS G 468 -42.77 8.97 -39.41
C LYS G 468 -43.33 9.14 -38.03
N ARG G 469 -42.71 9.98 -37.24
CA ARG G 469 -43.18 10.16 -35.88
C ARG G 469 -44.49 10.91 -35.85
N ARG G 470 -45.37 10.49 -34.96
CA ARG G 470 -46.65 11.17 -34.84
C ARG G 470 -46.50 12.42 -33.97
N VAL G 471 -45.90 13.41 -34.61
CA VAL G 471 -45.53 14.71 -34.07
C VAL G 471 -46.72 15.64 -33.99
N VAL G 472 -46.83 16.33 -32.86
CA VAL G 472 -47.88 17.30 -32.59
C VAL G 472 -47.32 18.69 -32.84
N GLN G 473 -46.09 18.85 -32.38
CA GLN G 473 -45.25 20.03 -32.43
C GLN G 473 -45.29 20.71 -33.79
N VAL H 7 -48.52 16.46 6.61
CA VAL H 7 -47.42 15.73 7.21
C VAL H 7 -47.42 14.28 6.76
N PHE H 8 -46.41 13.54 7.18
CA PHE H 8 -46.30 12.13 6.87
C PHE H 8 -45.51 11.46 7.98
N LEU H 9 -45.58 10.15 8.07
CA LEU H 9 -44.88 9.42 9.13
C LEU H 9 -43.37 9.51 9.05
N GLY H 10 -42.84 9.51 7.84
CA GLY H 10 -41.40 9.54 7.68
C GLY H 10 -40.94 8.27 6.99
N PHE H 11 -39.63 8.07 6.99
CA PHE H 11 -39.07 6.96 6.27
C PHE H 11 -39.49 5.64 6.86
N LEU H 12 -39.91 4.79 5.94
CA LEU H 12 -40.41 3.44 6.13
C LEU H 12 -41.71 3.47 6.90
N GLY H 13 -42.38 4.63 6.93
CA GLY H 13 -43.64 4.88 7.61
C GLY H 13 -44.72 3.94 7.13
N ALA H 14 -44.60 3.52 5.89
CA ALA H 14 -45.53 2.63 5.23
C ALA H 14 -45.65 1.33 5.96
N ALA H 15 -44.58 0.90 6.62
CA ALA H 15 -44.58 -0.38 7.30
C ALA H 15 -45.53 -0.35 8.48
N GLY H 16 -45.90 0.86 8.92
CA GLY H 16 -46.77 1.01 10.06
C GLY H 16 -48.24 0.97 9.68
N SER H 17 -48.58 0.79 8.40
CA SER H 17 -49.99 0.78 7.99
C SER H 17 -50.32 -0.22 6.88
N THR H 18 -51.55 -0.10 6.33
CA THR H 18 -52.07 -1.02 5.31
C THR H 18 -51.45 -0.81 3.94
N MET H 19 -51.68 -1.79 3.07
CA MET H 19 -51.18 -1.75 1.71
C MET H 19 -51.68 -0.52 0.95
N GLY H 20 -52.95 -0.19 1.09
CA GLY H 20 -53.46 0.99 0.41
C GLY H 20 -52.84 2.25 0.98
N ALA H 21 -52.72 2.30 2.31
CA ALA H 21 -52.15 3.46 2.97
C ALA H 21 -50.74 3.72 2.51
N ALA H 22 -49.99 2.65 2.27
CA ALA H 22 -48.59 2.68 1.88
C ALA H 22 -48.32 3.45 0.62
N SER H 23 -49.34 3.70 -0.20
CA SER H 23 -49.13 4.48 -1.41
C SER H 23 -48.73 5.93 -1.06
N MET H 24 -48.97 6.32 0.20
CA MET H 24 -48.66 7.62 0.76
C MET H 24 -47.16 7.87 0.84
N THR H 25 -46.36 6.79 0.75
CA THR H 25 -44.91 6.91 0.86
C THR H 25 -44.19 6.83 -0.45
N LEU H 26 -44.87 6.83 -1.59
CA LEU H 26 -44.08 6.61 -2.80
C LEU H 26 -43.00 7.71 -2.96
N THR H 27 -43.29 8.93 -2.53
CA THR H 27 -42.33 10.03 -2.63
C THR H 27 -41.31 10.01 -1.50
N VAL H 28 -41.64 9.33 -0.42
CA VAL H 28 -40.79 9.28 0.74
C VAL H 28 -39.65 8.37 0.37
N GLN H 29 -40.00 7.27 -0.25
CA GLN H 29 -38.99 6.34 -0.65
C GLN H 29 -38.14 6.88 -1.79
N ALA H 30 -38.72 7.68 -2.69
CA ALA H 30 -37.84 8.25 -3.69
C ALA H 30 -36.78 9.11 -2.97
N ARG H 31 -37.20 9.82 -1.91
CA ARG H 31 -36.25 10.58 -1.12
C ARG H 31 -35.28 9.64 -0.41
N LEU H 32 -35.74 8.45 -0.01
CA LEU H 32 -34.88 7.46 0.67
C LEU H 32 -33.73 7.07 -0.24
N LEU H 33 -33.96 7.02 -1.56
CA LEU H 33 -32.88 6.69 -2.49
C LEU H 33 -31.80 7.75 -2.42
N LEU H 34 -32.25 8.99 -2.33
CA LEU H 34 -31.32 10.10 -2.33
C LEU H 34 -30.74 10.39 -0.96
N SER H 35 -31.44 9.99 0.08
CA SER H 35 -30.97 10.22 1.42
C SER H 35 -29.60 9.58 1.58
N GLY H 36 -28.71 10.31 2.22
CA GLY H 36 -27.33 9.90 2.46
C GLY H 36 -26.37 10.64 1.52
N ILE H 37 -26.86 11.17 0.39
CA ILE H 37 -25.99 11.94 -0.51
C ILE H 37 -25.59 13.16 0.27
N VAL H 38 -26.57 13.67 1.00
CA VAL H 38 -26.54 14.82 1.85
C VAL H 38 -25.70 14.66 3.13
N GLN H 39 -25.19 13.45 3.40
CA GLN H 39 -24.31 13.24 4.55
C GLN H 39 -22.86 13.03 4.07
N GLN H 40 -22.70 12.42 2.90
CA GLN H 40 -21.39 12.10 2.32
C GLN H 40 -20.53 13.34 1.99
N GLN H 41 -21.17 14.47 1.72
CA GLN H 41 -20.41 15.65 1.33
C GLN H 41 -19.62 16.16 2.52
N ASN H 42 -19.94 15.73 3.74
CA ASN H 42 -19.17 16.24 4.86
C ASN H 42 -17.81 15.52 4.96
N ASN H 43 -17.63 14.40 4.22
CA ASN H 43 -16.34 13.73 4.19
C ASN H 43 -15.46 14.50 3.23
N LEU H 44 -16.11 15.12 2.24
CA LEU H 44 -15.41 15.85 1.20
C LEU H 44 -14.88 17.19 1.70
N LEU H 45 -15.29 17.57 2.90
CA LEU H 45 -14.89 18.81 3.52
C LEU H 45 -13.73 18.63 4.49
N ARG H 46 -13.20 17.39 4.61
CA ARG H 46 -12.09 17.19 5.55
C ARG H 46 -10.93 16.47 4.87
N LEU H 55 -3.56 10.10 1.33
CA LEU H 55 -4.79 10.31 0.59
C LEU H 55 -5.99 9.88 1.42
N GLN H 56 -7.04 9.40 0.72
CA GLN H 56 -8.25 8.89 1.35
C GLN H 56 -8.36 7.40 1.20
N LEU H 57 -7.27 6.76 0.80
CA LEU H 57 -7.26 5.33 0.52
C LEU H 57 -7.03 4.51 1.78
N THR H 58 -8.06 4.53 2.63
CA THR H 58 -8.13 3.86 3.93
C THR H 58 -9.41 3.05 4.10
N VAL H 59 -9.59 2.46 5.27
CA VAL H 59 -10.73 1.56 5.46
C VAL H 59 -12.07 2.25 5.34
N TRP H 60 -12.27 3.36 6.05
CA TRP H 60 -13.55 4.04 5.94
C TRP H 60 -13.70 4.73 4.60
N GLY H 61 -12.60 5.21 4.06
CA GLY H 61 -12.62 5.92 2.79
C GLY H 61 -13.10 4.99 1.69
N ILE H 62 -12.52 3.80 1.66
CA ILE H 62 -12.88 2.83 0.67
C ILE H 62 -14.28 2.37 0.88
N LYS H 63 -14.67 2.07 2.11
CA LYS H 63 -16.03 1.63 2.29
C LYS H 63 -17.05 2.68 1.91
N GLN H 64 -16.80 3.96 2.20
CA GLN H 64 -17.83 4.90 1.82
C GLN H 64 -17.87 5.06 0.32
N LEU H 65 -16.72 4.95 -0.35
CA LEU H 65 -16.76 5.02 -1.79
C LEU H 65 -17.51 3.82 -2.32
N GLN H 66 -17.27 2.64 -1.74
CA GLN H 66 -17.96 1.46 -2.21
C GLN H 66 -19.43 1.61 -2.00
N ALA H 67 -19.84 2.17 -0.86
CA ALA H 67 -21.24 2.36 -0.56
C ALA H 67 -21.89 3.31 -1.55
N ARG H 68 -21.18 4.36 -1.95
CA ARG H 68 -21.75 5.30 -2.90
C ARG H 68 -21.94 4.60 -4.24
N VAL H 69 -20.96 3.80 -4.63
CA VAL H 69 -21.05 3.11 -5.90
C VAL H 69 -22.15 2.07 -5.89
N LEU H 70 -22.22 1.27 -4.83
CA LEU H 70 -23.21 0.23 -4.71
C LEU H 70 -24.61 0.78 -4.60
N ALA H 71 -24.80 1.89 -3.87
CA ALA H 71 -26.14 2.43 -3.79
C ALA H 71 -26.56 2.84 -5.18
N VAL H 72 -25.66 3.43 -5.94
CA VAL H 72 -26.02 3.80 -7.28
C VAL H 72 -26.30 2.57 -8.11
N GLU H 73 -25.46 1.56 -8.04
CA GLU H 73 -25.69 0.40 -8.86
C GLU H 73 -27.09 -0.18 -8.61
N ARG H 74 -27.50 -0.25 -7.35
CA ARG H 74 -28.83 -0.77 -7.06
C ARG H 74 -29.91 0.13 -7.58
N TYR H 75 -29.72 1.44 -7.44
CA TYR H 75 -30.73 2.38 -7.86
C TYR H 75 -30.91 2.32 -9.34
N LEU H 76 -29.80 2.20 -10.05
CA LEU H 76 -29.87 2.18 -11.48
C LEU H 76 -30.54 0.92 -11.94
N LYS H 77 -30.32 -0.20 -11.25
CA LYS H 77 -30.97 -1.42 -11.67
C LYS H 77 -32.48 -1.30 -11.53
N ASP H 78 -32.97 -0.68 -10.44
CA ASP H 78 -34.41 -0.51 -10.31
C ASP H 78 -34.95 0.47 -11.33
N GLN H 79 -34.18 1.53 -11.59
CA GLN H 79 -34.61 2.52 -12.55
C GLN H 79 -34.64 1.90 -13.94
N GLN H 80 -33.68 1.01 -14.21
CA GLN H 80 -33.63 0.34 -15.48
C GLN H 80 -34.83 -0.54 -15.66
N LEU H 81 -35.24 -1.24 -14.61
CA LEU H 81 -36.40 -2.09 -14.75
C LEU H 81 -37.67 -1.27 -15.01
N LEU H 82 -37.79 -0.14 -14.33
CA LEU H 82 -38.93 0.72 -14.58
C LEU H 82 -38.83 1.24 -16.03
N GLY H 83 -37.61 1.51 -16.49
CA GLY H 83 -37.33 1.94 -17.86
C GLY H 83 -37.70 0.85 -18.88
N ILE H 84 -37.49 -0.42 -18.51
CA ILE H 84 -37.85 -1.55 -19.37
C ILE H 84 -39.35 -1.56 -19.58
N TRP H 85 -40.09 -1.34 -18.51
CA TRP H 85 -41.53 -1.29 -18.60
C TRP H 85 -42.04 0.00 -19.22
N GLY H 86 -41.28 1.08 -19.06
CA GLY H 86 -41.67 2.40 -19.53
C GLY H 86 -42.45 3.08 -18.42
N CYS H 87 -42.41 2.47 -17.25
CA CYS H 87 -43.08 2.90 -16.03
C CYS H 87 -42.41 4.12 -15.44
N SER H 88 -41.09 4.14 -15.56
CA SER H 88 -40.31 5.21 -14.97
C SER H 88 -40.81 6.58 -15.39
N GLY H 89 -40.84 7.47 -14.40
CA GLY H 89 -41.29 8.85 -14.54
C GLY H 89 -42.66 9.07 -13.91
N LYS H 90 -43.41 8.00 -13.66
CA LYS H 90 -44.72 8.13 -13.01
C LYS H 90 -44.79 7.31 -11.76
N LEU H 91 -45.60 7.76 -10.79
CA LEU H 91 -45.84 6.95 -9.60
C LEU H 91 -46.76 5.82 -9.95
N ILE H 92 -47.74 6.08 -10.78
CA ILE H 92 -48.57 5.01 -11.23
C ILE H 92 -48.52 4.97 -12.73
N CYS H 93 -48.05 3.86 -13.25
CA CYS H 93 -47.95 3.65 -14.67
C CYS H 93 -48.89 2.52 -14.97
N THR H 94 -49.43 2.43 -16.19
CA THR H 94 -50.26 1.26 -16.39
C THR H 94 -50.47 0.78 -17.79
N THR H 95 -50.19 -0.50 -17.91
CA THR H 95 -50.38 -1.31 -19.07
C THR H 95 -50.85 -2.63 -18.49
N ALA H 96 -52.08 -2.72 -18.04
CA ALA H 96 -52.45 -3.91 -17.28
C ALA H 96 -52.18 -5.20 -17.99
N VAL H 97 -51.63 -6.14 -17.24
CA VAL H 97 -51.33 -7.46 -17.71
C VAL H 97 -52.14 -8.46 -16.90
N PRO H 98 -53.12 -9.14 -17.50
CA PRO H 98 -53.97 -10.16 -16.90
C PRO H 98 -53.02 -11.24 -16.44
N TRP H 99 -53.35 -11.95 -15.38
CA TRP H 99 -52.37 -12.92 -14.95
C TRP H 99 -52.92 -14.21 -14.36
N ASN H 100 -52.01 -15.13 -14.05
CA ASN H 100 -52.38 -16.45 -13.56
C ASN H 100 -52.76 -16.46 -12.09
N THR H 101 -53.98 -16.02 -11.84
CA THR H 101 -54.54 -15.85 -10.52
C THR H 101 -54.94 -17.19 -9.93
N SER H 102 -53.95 -18.08 -9.76
CA SER H 102 -54.11 -19.38 -9.15
C SER H 102 -53.31 -19.22 -7.90
N TRP H 103 -52.43 -18.24 -7.99
CA TRP H 103 -51.56 -17.83 -6.89
C TRP H 103 -52.39 -17.37 -5.72
N SER H 104 -53.35 -16.53 -6.01
CA SER H 104 -54.15 -15.94 -4.98
C SER H 104 -55.58 -15.81 -5.36
N ASN H 105 -56.43 -16.22 -4.44
CA ASN H 105 -57.85 -16.13 -4.56
C ASN H 105 -58.41 -15.16 -3.52
N LYS H 106 -57.56 -14.23 -3.07
CA LYS H 106 -57.97 -13.23 -2.11
C LYS H 106 -58.64 -12.08 -2.85
N SER H 107 -59.56 -11.39 -2.20
CA SER H 107 -60.17 -10.23 -2.85
C SER H 107 -59.15 -9.13 -2.78
N TYR H 108 -59.40 -8.04 -3.48
CA TYR H 108 -58.42 -6.98 -3.36
C TYR H 108 -58.64 -6.25 -2.03
N ASN H 109 -59.88 -6.17 -1.54
CA ASN H 109 -60.07 -5.39 -0.33
C ASN H 109 -59.56 -6.13 0.88
N GLN H 110 -59.55 -7.45 0.75
CA GLN H 110 -59.08 -8.42 1.74
C GLN H 110 -57.65 -8.17 2.12
N ILE H 111 -56.91 -7.58 1.21
CA ILE H 111 -55.54 -7.31 1.46
C ILE H 111 -55.32 -5.78 1.52
N TRP H 112 -55.81 -5.05 0.51
CA TRP H 112 -55.51 -3.63 0.38
C TRP H 112 -55.97 -2.74 1.50
N ASN H 113 -57.15 -3.03 2.03
CA ASN H 113 -57.71 -2.20 3.07
C ASN H 113 -57.78 -2.96 4.37
N ASN H 114 -57.07 -4.08 4.42
CA ASN H 114 -57.15 -4.92 5.60
C ASN H 114 -55.84 -5.14 6.32
N MET H 115 -54.75 -5.26 5.58
CA MET H 115 -53.51 -5.60 6.24
C MET H 115 -52.36 -4.83 5.65
N THR H 116 -51.28 -4.78 6.43
CA THR H 116 -50.04 -4.19 6.00
C THR H 116 -49.41 -4.97 4.89
N TRP H 117 -48.80 -4.23 3.99
CA TRP H 117 -48.08 -4.77 2.87
C TRP H 117 -46.89 -5.55 3.33
N MET H 118 -46.44 -5.30 4.56
CA MET H 118 -45.30 -6.04 5.03
C MET H 118 -45.72 -7.51 5.18
N GLU H 119 -47.00 -7.77 5.49
CA GLU H 119 -47.52 -9.12 5.62
C GLU H 119 -47.69 -9.67 4.23
N TRP H 120 -48.19 -8.83 3.34
CA TRP H 120 -48.38 -9.25 1.96
C TRP H 120 -47.10 -9.81 1.41
N GLU H 121 -46.03 -9.06 1.63
CA GLU H 121 -44.70 -9.34 1.12
C GLU H 121 -43.97 -10.44 1.88
N ARG H 122 -44.61 -10.99 2.92
CA ARG H 122 -44.05 -12.09 3.67
C ARG H 122 -43.93 -13.32 2.77
N GLU H 123 -44.87 -13.47 1.84
CA GLU H 123 -44.83 -14.62 0.94
C GLU H 123 -44.28 -14.08 -0.37
N ILE H 124 -45.09 -14.10 -1.42
CA ILE H 124 -44.81 -13.50 -2.72
C ILE H 124 -43.64 -14.09 -3.53
N ASP H 125 -42.46 -14.19 -2.93
CA ASP H 125 -41.25 -14.71 -3.57
C ASP H 125 -41.42 -16.18 -3.96
N ASN H 126 -42.41 -16.84 -3.39
CA ASN H 126 -42.72 -18.23 -3.69
C ASN H 126 -43.19 -18.32 -5.14
N TYR H 127 -43.68 -17.20 -5.65
CA TYR H 127 -44.18 -17.00 -6.99
C TYR H 127 -43.31 -16.04 -7.73
N THR H 128 -42.03 -15.94 -7.37
CA THR H 128 -41.17 -14.98 -8.02
C THR H 128 -41.07 -15.27 -9.50
N SER H 129 -41.16 -16.54 -9.91
CA SER H 129 -41.09 -16.85 -11.33
C SER H 129 -42.35 -16.42 -12.08
N LEU H 130 -43.50 -16.35 -11.37
CA LEU H 130 -44.75 -15.91 -11.99
C LEU H 130 -44.54 -14.42 -12.21
N ILE H 131 -43.96 -13.79 -11.19
CA ILE H 131 -43.71 -12.38 -11.19
C ILE H 131 -42.76 -12.04 -12.30
N TYR H 132 -41.68 -12.81 -12.47
CA TYR H 132 -40.76 -12.50 -13.52
C TYR H 132 -41.35 -12.75 -14.87
N THR H 133 -42.20 -13.75 -15.01
CA THR H 133 -42.83 -13.96 -16.29
C THR H 133 -43.62 -12.72 -16.66
N LEU H 134 -44.36 -12.17 -15.70
CA LEU H 134 -45.12 -10.96 -15.96
C LEU H 134 -44.17 -9.80 -16.22
N ILE H 135 -43.05 -9.73 -15.52
CA ILE H 135 -42.08 -8.68 -15.73
C ILE H 135 -41.56 -8.71 -17.14
N GLU H 136 -41.28 -9.91 -17.65
CA GLU H 136 -40.82 -10.05 -19.01
C GLU H 136 -41.93 -9.67 -19.97
N ASP H 137 -43.17 -10.05 -19.74
CA ASP H 137 -44.19 -9.66 -20.73
C ASP H 137 -44.41 -8.16 -20.72
N SER H 138 -44.25 -7.58 -19.54
CA SER H 138 -44.47 -6.17 -19.26
C SER H 138 -43.44 -5.25 -19.90
N GLN H 139 -42.38 -5.81 -20.49
CA GLN H 139 -41.33 -5.03 -21.13
C GLN H 139 -41.74 -4.59 -22.53
N ASN H 140 -43.03 -4.39 -22.73
CA ASN H 140 -43.61 -4.02 -23.99
C ASN H 140 -43.25 -5.07 -25.02
N GLN H 141 -43.31 -6.35 -24.65
CA GLN H 141 -42.91 -7.36 -25.59
C GLN H 141 -43.77 -7.38 -26.82
N GLN H 142 -45.06 -7.06 -26.69
CA GLN H 142 -45.93 -7.02 -27.87
C GLN H 142 -46.31 -5.58 -28.15
N GLU H 143 -46.36 -4.80 -27.09
CA GLU H 143 -46.80 -3.42 -27.14
C GLU H 143 -45.89 -2.60 -28.02
N LYS H 144 -44.61 -2.95 -28.05
CA LYS H 144 -43.66 -2.25 -28.87
C LYS H 144 -43.96 -2.44 -30.36
N ASN H 145 -44.63 -3.53 -30.71
CA ASN H 145 -44.88 -3.83 -32.11
C ASN H 145 -46.05 -3.01 -32.54
N GLU H 146 -47.02 -2.88 -31.64
CA GLU H 146 -48.19 -2.10 -31.97
C GLU H 146 -47.74 -0.66 -32.19
N GLN H 147 -46.78 -0.22 -31.38
CA GLN H 147 -46.28 1.13 -31.52
C GLN H 147 -45.50 1.31 -32.83
N GLU H 148 -44.69 0.32 -33.22
CA GLU H 148 -43.97 0.41 -34.48
C GLU H 148 -44.95 0.47 -35.64
N LEU H 149 -46.00 -0.34 -35.59
CA LEU H 149 -46.95 -0.38 -36.66
C LEU H 149 -47.69 0.94 -36.81
N LEU H 150 -48.03 1.60 -35.70
CA LEU H 150 -48.69 2.88 -35.82
C LEU H 150 -47.78 3.95 -36.38
N GLU H 151 -46.48 3.90 -36.03
CA GLU H 151 -45.58 4.91 -36.54
C GLU H 151 -45.46 4.71 -38.08
N LEU H 152 -45.42 3.43 -38.51
CA LEU H 152 -45.33 3.06 -39.93
C LEU H 152 -46.56 3.33 -40.78
N ASP H 153 -47.74 3.01 -40.27
CA ASP H 153 -48.98 3.14 -41.04
C ASP H 153 -50.08 3.90 -40.29
#